data_9O61
#
_entry.id   9O61
#
_cell.length_a   1.00
_cell.length_b   1.00
_cell.length_c   1.00
_cell.angle_alpha   90.00
_cell.angle_beta   90.00
_cell.angle_gamma   90.00
#
_symmetry.space_group_name_H-M   'P 1'
#
loop_
_entity.id
_entity.type
_entity.pdbx_description
1 polymer 'R-phycoerythrin class I alpha subunit'
2 polymer 'R-phycoerythrin class I beta subunit'
3 non-polymer PHYCOERYTHROBILIN
4 non-polymer PHYCOUROBILIN
#
loop_
_entity_poly.entity_id
_entity_poly.type
_entity_poly.pdbx_seq_one_letter_code
_entity_poly.pdbx_strand_id
1 'polypeptide(L)'
;MKSVITTTISAADAAGRFPSSSDLESVQGNIQRAASRLEAAEKLAGNHEAVVKEAGDACFAKYPYLKNPGEAGDSQEKIN
KCYRDIDHYMRLINYSLVVGGTGPLDEWGIAGAREVYRALNLPGSSYIAAFVFTRDRLCVPRDMSAQAAVEFSGALDYVI
NSLC
;
A,C,E,G,I,K
2 'polypeptide(L)'
;MLDAFSRVVVNSDSKAAYVSGSDLQALKTFIADGNKRLDAVNSIVSNASCIVSDAVSGMICENPGLIAPGGNCYTNRRMA
ACLRDGEIILRYTSYALLAGDSSVLEDRCLNGLKETYIALGVPTNSTARAVSIMKSSAVAFISNTAPQRKMATAAGDCSA
LSSEVASYCDKVSAAI
;
B,D,F,H,J,L
#
loop_
_chem_comp.id
_chem_comp.type
_chem_comp.name
_chem_comp.formula
PEB non-polymer PHYCOERYTHROBILIN 'C33 H40 N4 O6'
PUB non-polymer PHYCOUROBILIN 'C33 H42 N4 O6'
#
# COMPACT_ATOMS: atom_id res chain seq x y z
N MET A 1 -18.98 10.50 -15.96
CA MET A 1 -20.43 10.40 -15.79
C MET A 1 -20.81 9.04 -15.23
N LYS A 2 -22.11 8.74 -15.23
CA LYS A 2 -22.59 7.44 -14.79
C LYS A 2 -23.83 7.11 -15.61
N SER A 3 -23.71 6.14 -16.50
CA SER A 3 -24.81 5.68 -17.34
C SER A 3 -24.64 4.19 -17.56
N VAL A 4 -25.56 3.61 -18.34
CA VAL A 4 -25.42 2.20 -18.69
C VAL A 4 -24.13 1.98 -19.46
N ILE A 5 -23.92 2.77 -20.52
CA ILE A 5 -22.72 2.64 -21.34
C ILE A 5 -21.48 2.89 -20.50
N THR A 6 -21.49 3.97 -19.71
CA THR A 6 -20.33 4.31 -18.90
C THR A 6 -20.04 3.22 -17.89
N THR A 7 -21.08 2.69 -17.23
CA THR A 7 -20.88 1.65 -16.22
C THR A 7 -20.28 0.40 -16.83
N THR A 8 -20.88 -0.09 -17.92
CA THR A 8 -20.39 -1.35 -18.48
C THR A 8 -19.02 -1.19 -19.13
N ILE A 9 -18.75 -0.07 -19.79
CA ILE A 9 -17.44 0.15 -20.37
C ILE A 9 -16.39 0.29 -19.28
N SER A 10 -16.72 0.96 -18.18
CA SER A 10 -15.79 1.07 -17.07
C SER A 10 -15.50 -0.29 -16.45
N ALA A 11 -16.53 -1.13 -16.31
CA ALA A 11 -16.31 -2.47 -15.79
C ALA A 11 -15.40 -3.28 -16.72
N ALA A 12 -15.66 -3.21 -18.03
CA ALA A 12 -14.82 -3.92 -18.99
C ALA A 12 -13.38 -3.42 -18.95
N ASP A 13 -13.19 -2.11 -18.84
CA ASP A 13 -11.85 -1.54 -18.78
C ASP A 13 -11.14 -1.95 -17.48
N ALA A 14 -11.87 -1.98 -16.37
CA ALA A 14 -11.28 -2.44 -15.12
C ALA A 14 -10.84 -3.88 -15.24
N ALA A 15 -11.64 -4.71 -15.89
CA ALA A 15 -11.22 -6.08 -16.17
C ALA A 15 -10.34 -6.18 -17.41
N GLY A 16 -10.14 -5.08 -18.14
CA GLY A 16 -9.28 -5.10 -19.31
C GLY A 16 -9.78 -5.97 -20.45
N ARG A 17 -11.09 -6.00 -20.68
CA ARG A 17 -11.69 -6.87 -21.66
C ARG A 17 -12.42 -6.07 -22.72
N PHE A 18 -12.46 -6.62 -23.93
CA PHE A 18 -13.25 -6.03 -24.99
C PHE A 18 -14.74 -6.08 -24.61
N PRO A 19 -15.55 -5.18 -25.15
CA PRO A 19 -17.00 -5.27 -24.91
C PRO A 19 -17.52 -6.64 -25.33
N SER A 20 -18.32 -7.23 -24.45
CA SER A 20 -18.81 -8.59 -24.61
C SER A 20 -20.32 -8.56 -24.72
N SER A 21 -20.92 -9.76 -24.69
CA SER A 21 -22.37 -9.88 -24.84
C SER A 21 -23.13 -9.08 -23.80
N SER A 22 -22.64 -9.08 -22.55
CA SER A 22 -23.34 -8.37 -21.48
C SER A 22 -23.33 -6.86 -21.69
N ASP A 23 -22.21 -6.30 -22.14
CA ASP A 23 -22.15 -4.86 -22.37
C ASP A 23 -23.08 -4.44 -23.49
N LEU A 24 -23.08 -5.20 -24.59
CA LEU A 24 -24.00 -4.91 -25.69
C LEU A 24 -25.45 -5.07 -25.25
N GLU A 25 -25.73 -6.05 -24.39
CA GLU A 25 -27.06 -6.25 -23.85
C GLU A 25 -27.51 -5.04 -23.02
N SER A 26 -26.61 -4.54 -22.17
CA SER A 26 -26.93 -3.35 -21.38
C SER A 26 -27.18 -2.13 -22.26
N VAL A 27 -26.36 -1.96 -23.31
CA VAL A 27 -26.61 -0.86 -24.23
C VAL A 27 -27.93 -1.06 -24.97
N GLN A 28 -28.32 -2.31 -25.20
CA GLN A 28 -29.62 -2.60 -25.78
C GLN A 28 -30.73 -2.11 -24.87
N GLY A 29 -30.54 -2.28 -23.56
CA GLY A 29 -31.51 -1.73 -22.61
C GLY A 29 -31.52 -0.22 -22.58
N ASN A 30 -30.34 0.40 -22.72
CA ASN A 30 -30.27 1.83 -22.95
C ASN A 30 -31.17 2.22 -24.12
N ILE A 31 -31.05 1.48 -25.22
CA ILE A 31 -31.86 1.73 -26.41
C ILE A 31 -33.35 1.61 -26.08
N GLN A 32 -33.71 0.58 -25.33
CA GLN A 32 -35.13 0.30 -25.10
C GLN A 32 -35.78 1.34 -24.19
N ARG A 33 -35.10 1.73 -23.11
CA ARG A 33 -35.68 2.70 -22.19
C ARG A 33 -35.41 4.15 -22.57
N ALA A 34 -34.61 4.36 -23.62
CA ALA A 34 -34.33 5.71 -24.08
C ALA A 34 -35.60 6.43 -24.51
N ALA A 35 -36.55 5.71 -25.11
CA ALA A 35 -37.77 6.36 -25.57
C ALA A 35 -38.49 7.06 -24.42
N SER A 36 -38.76 6.33 -23.34
CA SER A 36 -39.48 6.91 -22.21
C SER A 36 -38.65 7.96 -21.49
N ARG A 37 -37.36 7.66 -21.25
CA ARG A 37 -36.55 8.62 -20.50
C ARG A 37 -36.29 9.90 -21.29
N LEU A 38 -36.17 9.80 -22.62
CA LEU A 38 -36.01 10.98 -23.45
C LEU A 38 -37.31 11.75 -23.61
N GLU A 39 -38.46 11.06 -23.61
CA GLU A 39 -39.73 11.79 -23.60
C GLU A 39 -39.88 12.60 -22.32
N ALA A 40 -39.51 11.99 -21.19
CA ALA A 40 -39.53 12.73 -19.92
C ALA A 40 -38.58 13.91 -19.96
N ALA A 41 -37.37 13.71 -20.49
CA ALA A 41 -36.40 14.79 -20.59
C ALA A 41 -36.92 15.90 -21.50
N GLU A 42 -37.58 15.54 -22.61
CA GLU A 42 -38.09 16.55 -23.54
C GLU A 42 -39.21 17.36 -22.90
N LYS A 43 -40.13 16.70 -22.19
CA LYS A 43 -41.19 17.45 -21.53
C LYS A 43 -40.62 18.37 -20.45
N LEU A 44 -39.64 17.88 -19.69
CA LEU A 44 -39.02 18.72 -18.68
C LEU A 44 -38.31 19.91 -19.30
N ALA A 45 -37.61 19.70 -20.42
CA ALA A 45 -36.93 20.79 -21.09
C ALA A 45 -37.91 21.81 -21.65
N GLY A 46 -39.04 21.35 -22.18
CA GLY A 46 -40.03 22.25 -22.74
C GLY A 46 -40.89 22.98 -21.74
N ASN A 47 -41.02 22.46 -20.50
CA ASN A 47 -41.85 23.11 -19.51
C ASN A 47 -41.12 23.29 -18.19
N HIS A 48 -39.81 23.50 -18.22
CA HIS A 48 -39.03 23.56 -16.99
C HIS A 48 -39.33 24.83 -16.19
N GLU A 49 -39.60 25.95 -16.85
CA GLU A 49 -39.84 27.20 -16.13
C GLU A 49 -41.05 27.09 -15.21
N ALA A 50 -42.15 26.56 -15.73
CA ALA A 50 -43.34 26.39 -14.90
C ALA A 50 -43.09 25.39 -13.78
N VAL A 51 -42.42 24.28 -14.08
CA VAL A 51 -42.14 23.27 -13.05
C VAL A 51 -41.25 23.85 -11.97
N VAL A 52 -40.20 24.57 -12.36
CA VAL A 52 -39.28 25.16 -11.40
C VAL A 52 -40.00 26.20 -10.55
N LYS A 53 -40.82 27.04 -11.16
CA LYS A 53 -41.56 28.04 -10.43
C LYS A 53 -42.50 27.40 -9.41
N GLU A 54 -43.22 26.35 -9.83
CA GLU A 54 -44.12 25.66 -8.92
C GLU A 54 -43.36 25.01 -7.77
N ALA A 55 -42.22 24.40 -8.06
CA ALA A 55 -41.42 23.77 -7.02
C ALA A 55 -40.93 24.81 -6.00
N GLY A 56 -40.46 25.96 -6.49
CA GLY A 56 -40.01 27.00 -5.58
C GLY A 56 -41.14 27.58 -4.75
N ASP A 57 -42.30 27.80 -5.37
CA ASP A 57 -43.45 28.30 -4.63
C ASP A 57 -43.86 27.31 -3.55
N ALA A 58 -43.87 26.02 -3.86
CA ALA A 58 -44.21 25.01 -2.85
C ALA A 58 -43.17 24.97 -1.74
N CYS A 59 -41.89 25.10 -2.10
CA CYS A 59 -40.84 25.10 -1.09
C CYS A 59 -41.00 26.26 -0.12
N PHE A 60 -41.30 27.46 -0.65
CA PHE A 60 -41.49 28.60 0.22
C PHE A 60 -42.82 28.58 0.95
N ALA A 61 -43.84 27.92 0.40
CA ALA A 61 -45.12 27.82 1.09
C ALA A 61 -45.05 26.84 2.26
N LYS A 62 -44.36 25.71 2.08
CA LYS A 62 -44.19 24.79 3.19
C LYS A 62 -43.31 25.36 4.27
N TYR A 63 -42.33 26.19 3.91
CA TYR A 63 -41.37 26.76 4.84
C TYR A 63 -41.32 28.27 4.68
N PRO A 64 -42.34 28.99 5.17
CA PRO A 64 -42.28 30.46 5.14
C PRO A 64 -41.20 31.02 6.03
N TYR A 65 -40.69 30.25 7.00
CA TYR A 65 -39.63 30.73 7.88
C TYR A 65 -38.37 31.09 7.12
N LEU A 66 -38.20 30.56 5.90
CA LEU A 66 -37.05 30.93 5.09
C LEU A 66 -37.03 32.42 4.77
N LYS A 67 -38.21 33.05 4.76
CA LYS A 67 -38.28 34.49 4.53
C LYS A 67 -37.78 35.30 5.71
N ASN A 68 -37.69 34.69 6.90
CA ASN A 68 -37.27 35.42 8.08
C ASN A 68 -35.80 35.85 7.96
N PRO A 69 -35.45 36.99 8.57
CA PRO A 69 -34.06 37.46 8.50
C PRO A 69 -33.10 36.44 9.11
N GLY A 70 -31.92 36.33 8.49
CA GLY A 70 -30.93 35.36 8.90
C GLY A 70 -31.11 33.97 8.31
N GLU A 71 -32.19 33.74 7.57
CA GLU A 71 -32.46 32.46 6.95
C GLU A 71 -32.20 32.52 5.45
N ALA A 72 -32.06 31.34 4.85
CA ALA A 72 -31.89 31.24 3.41
C ALA A 72 -33.19 31.65 2.72
N GLY A 73 -33.22 32.85 2.15
CA GLY A 73 -34.43 33.33 1.51
C GLY A 73 -34.97 34.60 2.13
N ASP A 74 -34.16 35.26 2.96
CA ASP A 74 -34.57 36.50 3.60
C ASP A 74 -34.42 37.72 2.70
N SER A 75 -33.89 37.55 1.49
CA SER A 75 -33.76 38.62 0.52
C SER A 75 -34.24 38.11 -0.83
N GLN A 76 -34.67 39.04 -1.68
CA GLN A 76 -35.13 38.65 -3.01
C GLN A 76 -34.02 38.02 -3.82
N GLU A 77 -32.77 38.44 -3.60
CA GLU A 77 -31.65 37.78 -4.26
C GLU A 77 -31.52 36.32 -3.82
N LYS A 78 -31.72 36.05 -2.53
CA LYS A 78 -31.63 34.67 -2.05
C LYS A 78 -32.82 33.83 -2.50
N ILE A 79 -34.00 34.43 -2.60
CA ILE A 79 -35.15 33.72 -3.17
C ILE A 79 -34.90 33.39 -4.64
N ASN A 80 -34.34 34.35 -5.38
CA ASN A 80 -33.99 34.12 -6.76
C ASN A 80 -32.95 33.00 -6.88
N LYS A 81 -31.99 32.98 -5.95
CA LYS A 81 -31.00 31.90 -5.96
C LYS A 81 -31.62 30.56 -5.58
N CYS A 82 -32.65 30.58 -4.72
CA CYS A 82 -33.42 29.36 -4.45
C CYS A 82 -34.05 28.81 -5.71
N TYR A 83 -34.76 29.67 -6.44
CA TYR A 83 -35.34 29.24 -7.72
C TYR A 83 -34.25 28.85 -8.71
N ARG A 84 -33.10 29.52 -8.65
CA ARG A 84 -32.00 29.22 -9.56
C ARG A 84 -31.42 27.83 -9.29
N ASP A 85 -31.21 27.47 -8.03
CA ASP A 85 -30.68 26.15 -7.75
C ASP A 85 -31.74 25.07 -7.91
N ILE A 86 -33.02 25.41 -7.74
CA ILE A 86 -34.07 24.46 -8.13
C ILE A 86 -34.04 24.22 -9.63
N ASP A 87 -33.85 25.28 -10.41
CA ASP A 87 -33.68 25.14 -11.86
C ASP A 87 -32.44 24.33 -12.19
N HIS A 88 -31.35 24.53 -11.44
CA HIS A 88 -30.15 23.74 -11.64
C HIS A 88 -30.41 22.27 -11.41
N TYR A 89 -31.12 21.94 -10.33
CA TYR A 89 -31.46 20.54 -10.06
C TYR A 89 -32.37 19.97 -11.13
N MET A 90 -33.33 20.75 -11.60
CA MET A 90 -34.24 20.23 -12.63
C MET A 90 -33.52 20.04 -13.95
N ARG A 91 -32.57 20.94 -14.26
CA ARG A 91 -31.74 20.77 -15.45
C ARG A 91 -30.85 19.54 -15.32
N LEU A 92 -30.32 19.28 -14.13
CA LEU A 92 -29.54 18.08 -13.91
C LEU A 92 -30.40 16.82 -14.00
N ILE A 93 -31.67 16.92 -13.60
CA ILE A 93 -32.59 15.81 -13.77
C ILE A 93 -32.84 15.56 -15.26
N ASN A 94 -33.01 16.63 -16.03
CA ASN A 94 -33.12 16.51 -17.48
C ASN A 94 -31.87 15.86 -18.07
N TYR A 95 -30.70 16.27 -17.58
CA TYR A 95 -29.44 15.68 -18.03
C TYR A 95 -29.38 14.20 -17.67
N SER A 96 -29.86 13.83 -16.48
CA SER A 96 -29.86 12.44 -16.06
C SER A 96 -30.79 11.61 -16.94
N LEU A 97 -31.97 12.14 -17.26
CA LEU A 97 -32.87 11.44 -18.16
C LEU A 97 -32.27 11.29 -19.55
N VAL A 98 -31.58 12.31 -20.04
CA VAL A 98 -30.94 12.22 -21.35
C VAL A 98 -29.82 11.19 -21.32
N VAL A 99 -28.98 11.23 -20.28
CA VAL A 99 -27.86 10.32 -20.14
C VAL A 99 -28.34 8.90 -19.88
N GLY A 100 -29.42 8.73 -19.12
CA GLY A 100 -29.87 7.43 -18.72
C GLY A 100 -29.31 6.96 -17.39
N GLY A 101 -28.64 7.84 -16.65
CA GLY A 101 -28.12 7.51 -15.34
C GLY A 101 -28.03 8.77 -14.51
N THR A 102 -27.74 8.57 -13.22
CA THR A 102 -27.66 9.68 -12.29
C THR A 102 -26.32 10.41 -12.34
N GLY A 103 -25.48 10.09 -13.33
CA GLY A 103 -24.18 10.70 -13.48
C GLY A 103 -24.14 12.22 -13.38
N PRO A 104 -24.90 12.90 -14.26
CA PRO A 104 -24.93 14.36 -14.18
C PRO A 104 -25.35 14.87 -12.81
N LEU A 105 -26.41 14.28 -12.24
CA LEU A 105 -26.84 14.68 -10.91
C LEU A 105 -25.74 14.43 -9.89
N ASP A 106 -25.21 13.20 -9.86
CA ASP A 106 -24.19 12.85 -8.87
C ASP A 106 -23.01 13.81 -8.92
N GLU A 107 -22.51 14.11 -10.12
CA GLU A 107 -21.27 14.89 -10.19
C GLU A 107 -21.51 16.39 -10.06
N TRP A 108 -22.66 16.90 -10.52
CA TRP A 108 -22.82 18.35 -10.60
C TRP A 108 -23.76 18.95 -9.58
N GLY A 109 -24.67 18.17 -8.99
CA GLY A 109 -25.60 18.75 -8.04
C GLY A 109 -25.60 18.09 -6.68
N ILE A 110 -25.15 16.84 -6.60
CA ILE A 110 -25.18 16.07 -5.37
C ILE A 110 -23.83 16.06 -4.67
N ALA A 111 -22.77 15.77 -5.41
CA ALA A 111 -21.44 15.76 -4.82
C ALA A 111 -21.09 17.13 -4.25
N GLY A 112 -20.84 17.17 -2.95
CA GLY A 112 -20.50 18.40 -2.29
C GLY A 112 -21.67 19.28 -1.90
N ALA A 113 -22.88 18.97 -2.40
CA ALA A 113 -24.05 19.77 -2.03
C ALA A 113 -24.29 19.73 -0.53
N ARG A 114 -23.93 18.63 0.11
CA ARG A 114 -24.08 18.52 1.56
C ARG A 114 -23.25 19.59 2.28
N GLU A 115 -21.97 19.70 1.93
CA GLU A 115 -21.10 20.70 2.54
C GLU A 115 -21.54 22.11 2.16
N VAL A 116 -21.95 22.32 0.91
CA VAL A 116 -22.40 23.65 0.48
C VAL A 116 -23.61 24.08 1.30
N TYR A 117 -24.60 23.20 1.44
CA TYR A 117 -25.83 23.56 2.11
C TYR A 117 -25.62 23.70 3.61
N ARG A 118 -24.71 22.91 4.19
CA ARG A 118 -24.38 23.10 5.60
C ARG A 118 -23.67 24.43 5.81
N ALA A 119 -22.74 24.78 4.92
CA ALA A 119 -21.98 26.02 5.08
C ALA A 119 -22.85 27.25 4.88
N LEU A 120 -23.73 27.22 3.89
CA LEU A 120 -24.56 28.37 3.54
C LEU A 120 -25.91 28.37 4.24
N ASN A 121 -26.11 27.45 5.20
CA ASN A 121 -27.37 27.35 5.94
C ASN A 121 -28.54 27.16 4.98
N LEU A 122 -28.38 26.28 4.01
CA LEU A 122 -29.48 25.93 3.12
C LEU A 122 -30.08 24.61 3.60
N PRO A 123 -31.25 24.64 4.23
CA PRO A 123 -31.86 23.39 4.73
C PRO A 123 -32.21 22.47 3.57
N GLY A 124 -31.68 21.25 3.61
CA GLY A 124 -31.98 20.29 2.57
C GLY A 124 -33.45 19.91 2.51
N SER A 125 -34.17 20.10 3.63
CA SER A 125 -35.59 19.81 3.64
C SER A 125 -36.37 20.70 2.70
N SER A 126 -35.90 21.92 2.45
CA SER A 126 -36.55 22.80 1.49
C SER A 126 -36.41 22.28 0.06
N TYR A 127 -35.19 21.88 -0.32
CA TYR A 127 -35.00 21.23 -1.61
C TYR A 127 -35.87 19.97 -1.70
N ILE A 128 -35.93 19.21 -0.61
CA ILE A 128 -36.73 17.99 -0.58
C ILE A 128 -38.20 18.33 -0.81
N ALA A 129 -38.69 19.39 -0.18
CA ALA A 129 -40.08 19.78 -0.37
C ALA A 129 -40.35 20.18 -1.82
N ALA A 130 -39.43 20.94 -2.43
CA ALA A 130 -39.62 21.32 -3.82
C ALA A 130 -39.66 20.08 -4.73
N PHE A 131 -38.74 19.15 -4.52
CA PHE A 131 -38.68 17.97 -5.39
C PHE A 131 -39.86 17.03 -5.13
N VAL A 132 -40.32 16.94 -3.88
CA VAL A 132 -41.49 16.13 -3.57
C VAL A 132 -42.72 16.72 -4.22
N PHE A 133 -42.85 18.05 -4.18
CA PHE A 133 -43.97 18.69 -4.87
C PHE A 133 -43.91 18.43 -6.37
N THR A 134 -42.71 18.50 -6.96
CA THR A 134 -42.57 18.20 -8.37
C THR A 134 -42.96 16.75 -8.67
N ARG A 135 -42.53 15.83 -7.82
CA ARG A 135 -42.79 14.41 -8.05
C ARG A 135 -44.27 14.08 -7.93
N ASP A 136 -44.92 14.57 -6.87
CA ASP A 136 -46.33 14.30 -6.65
C ASP A 136 -47.24 15.13 -7.52
N ARG A 137 -46.74 16.22 -8.09
CA ARG A 137 -47.52 17.03 -9.02
C ARG A 137 -47.62 16.38 -10.38
N LEU A 138 -46.70 15.48 -10.70
CA LEU A 138 -46.71 14.81 -12.00
C LEU A 138 -48.00 14.04 -12.20
N CYS A 139 -48.59 14.19 -13.39
CA CYS A 139 -49.86 13.56 -13.74
C CYS A 139 -49.65 12.69 -14.96
N VAL A 140 -50.19 11.47 -14.91
CA VAL A 140 -50.14 10.54 -16.04
C VAL A 140 -51.55 10.35 -16.58
N PRO A 141 -51.75 10.45 -17.90
CA PRO A 141 -50.79 10.76 -18.95
C PRO A 141 -50.79 12.24 -19.34
N ARG A 142 -51.29 13.12 -18.48
CA ARG A 142 -51.36 14.54 -18.82
C ARG A 142 -49.99 15.13 -19.08
N ASP A 143 -49.04 14.90 -18.16
CA ASP A 143 -47.72 15.49 -18.30
C ASP A 143 -46.82 14.65 -19.18
N MET A 144 -46.83 13.33 -19.01
CA MET A 144 -45.99 12.45 -19.80
C MET A 144 -46.52 11.03 -19.66
N SER A 145 -45.92 10.10 -20.40
CA SER A 145 -46.35 8.71 -20.39
C SER A 145 -46.01 8.07 -19.04
N ALA A 146 -46.54 6.86 -18.84
CA ALA A 146 -46.34 6.16 -17.57
C ALA A 146 -44.86 5.88 -17.33
N GLN A 147 -44.15 5.41 -18.34
CA GLN A 147 -42.74 5.09 -18.18
C GLN A 147 -41.86 6.34 -18.13
N ALA A 148 -42.22 7.37 -18.91
CA ALA A 148 -41.55 8.65 -18.75
C ALA A 148 -41.76 9.20 -17.35
N ALA A 149 -42.97 9.05 -16.81
CA ALA A 149 -43.23 9.46 -15.44
C ALA A 149 -42.40 8.65 -14.46
N VAL A 150 -42.24 7.35 -14.73
CA VAL A 150 -41.40 6.51 -13.87
C VAL A 150 -39.97 7.02 -13.86
N GLU A 151 -39.43 7.34 -15.04
CA GLU A 151 -38.06 7.87 -15.11
C GLU A 151 -37.94 9.20 -14.38
N PHE A 152 -38.89 10.12 -14.62
CA PHE A 152 -38.83 11.44 -14.01
C PHE A 152 -38.94 11.35 -12.49
N SER A 153 -39.87 10.54 -11.99
CA SER A 153 -40.02 10.36 -10.56
C SER A 153 -38.85 9.63 -9.95
N GLY A 154 -38.22 8.71 -10.70
CA GLY A 154 -37.02 8.06 -10.20
C GLY A 154 -35.87 9.03 -10.04
N ALA A 155 -35.69 9.92 -11.02
CA ALA A 155 -34.67 10.96 -10.88
C ALA A 155 -34.96 11.87 -9.70
N LEU A 156 -36.22 12.29 -9.56
CA LEU A 156 -36.58 13.16 -8.44
C LEU A 156 -36.35 12.46 -7.10
N ASP A 157 -36.72 11.18 -7.01
CA ASP A 157 -36.50 10.42 -5.79
C ASP A 157 -35.02 10.23 -5.50
N TYR A 158 -34.22 10.08 -6.56
CA TYR A 158 -32.77 9.99 -6.37
C TYR A 158 -32.24 11.28 -5.75
N VAL A 159 -32.68 12.43 -6.25
CA VAL A 159 -32.26 13.69 -5.67
C VAL A 159 -32.72 13.79 -4.21
N ILE A 160 -33.97 13.42 -3.95
CA ILE A 160 -34.53 13.51 -2.61
C ILE A 160 -33.73 12.66 -1.63
N ASN A 161 -33.44 11.42 -2.02
CA ASN A 161 -32.64 10.53 -1.18
C ASN A 161 -31.20 10.99 -1.05
N SER A 162 -30.68 11.70 -2.06
CA SER A 162 -29.36 12.32 -1.93
C SER A 162 -29.39 13.43 -0.89
N LEU A 163 -30.53 14.11 -0.74
CA LEU A 163 -30.64 15.16 0.27
C LEU A 163 -31.04 14.63 1.64
N CYS A 164 -31.86 13.59 1.70
CA CYS A 164 -32.28 13.03 2.98
C CYS A 164 -31.51 11.75 3.30
N MET B 1 -20.45 -12.81 -7.65
CA MET B 1 -21.86 -12.85 -7.29
C MET B 1 -22.68 -13.53 -8.38
N LEU B 2 -23.82 -14.08 -8.00
CA LEU B 2 -24.70 -14.79 -8.92
C LEU B 2 -26.06 -14.09 -8.99
N ASP B 3 -26.66 -14.15 -10.18
CA ASP B 3 -28.04 -13.78 -10.39
C ASP B 3 -28.87 -15.05 -10.56
N ALA B 4 -30.15 -14.87 -10.89
CA ALA B 4 -31.02 -16.04 -11.10
C ALA B 4 -30.52 -16.89 -12.26
N PHE B 5 -30.12 -16.25 -13.36
CA PHE B 5 -29.61 -17.00 -14.51
C PHE B 5 -28.31 -17.72 -14.15
N SER B 6 -27.39 -17.02 -13.48
CA SER B 6 -26.15 -17.67 -13.06
C SER B 6 -26.40 -18.72 -12.00
N ARG B 7 -27.40 -18.54 -11.14
CA ARG B 7 -27.76 -19.58 -10.19
C ARG B 7 -28.24 -20.84 -10.91
N VAL B 8 -29.08 -20.67 -11.92
CA VAL B 8 -29.53 -21.80 -12.72
C VAL B 8 -28.36 -22.48 -13.41
N VAL B 9 -27.43 -21.68 -13.94
CA VAL B 9 -26.26 -22.23 -14.62
C VAL B 9 -25.40 -23.03 -13.65
N VAL B 10 -25.18 -22.49 -12.45
CA VAL B 10 -24.39 -23.18 -11.44
C VAL B 10 -25.05 -24.50 -11.06
N ASN B 11 -26.37 -24.49 -10.88
CA ASN B 11 -27.08 -25.73 -10.59
C ASN B 11 -26.94 -26.73 -11.73
N SER B 12 -26.99 -26.25 -12.98
CA SER B 12 -26.80 -27.13 -14.13
C SER B 12 -25.36 -27.61 -14.22
N ASP B 13 -24.40 -26.78 -13.84
CA ASP B 13 -22.99 -27.17 -13.92
C ASP B 13 -22.66 -28.26 -12.90
N SER B 14 -23.35 -28.28 -11.76
CA SER B 14 -23.13 -29.35 -10.79
C SER B 14 -23.48 -30.72 -11.38
N LYS B 15 -24.39 -30.75 -12.35
CA LYS B 15 -24.76 -31.99 -13.03
C LYS B 15 -24.06 -32.15 -14.37
N ALA B 16 -23.17 -31.21 -14.75
CA ALA B 16 -22.54 -31.19 -16.07
C ALA B 16 -23.58 -31.26 -17.17
N ALA B 17 -24.71 -30.58 -16.96
CA ALA B 17 -25.82 -30.63 -17.88
C ALA B 17 -26.04 -29.26 -18.51
N TYR B 18 -26.44 -29.28 -19.78
CA TYR B 18 -26.92 -28.07 -20.43
C TYR B 18 -28.20 -27.63 -19.74
N VAL B 19 -28.44 -26.31 -19.75
CA VAL B 19 -29.59 -25.77 -19.04
C VAL B 19 -30.86 -26.40 -19.61
N SER B 20 -31.57 -27.14 -18.77
CA SER B 20 -32.70 -27.94 -19.21
C SER B 20 -33.87 -27.05 -19.62
N GLY B 21 -34.88 -27.67 -20.22
CA GLY B 21 -36.07 -26.95 -20.62
C GLY B 21 -36.81 -26.35 -19.44
N SER B 22 -36.83 -27.07 -18.31
CA SER B 22 -37.52 -26.56 -17.12
C SER B 22 -36.81 -25.33 -16.57
N ASP B 23 -35.47 -25.39 -16.46
CA ASP B 23 -34.72 -24.23 -15.99
C ASP B 23 -34.83 -23.07 -16.96
N LEU B 24 -34.80 -23.36 -18.27
CA LEU B 24 -34.99 -22.31 -19.27
C LEU B 24 -36.36 -21.67 -19.14
N GLN B 25 -37.39 -22.48 -18.88
CA GLN B 25 -38.72 -21.93 -18.68
C GLN B 25 -38.79 -21.07 -17.43
N ALA B 26 -38.14 -21.50 -16.35
CA ALA B 26 -38.10 -20.69 -15.13
C ALA B 26 -37.43 -19.34 -15.39
N LEU B 27 -36.33 -19.34 -16.14
CA LEU B 27 -35.65 -18.08 -16.44
C LEU B 27 -36.47 -17.23 -17.42
N LYS B 28 -37.22 -17.86 -18.33
CA LYS B 28 -38.12 -17.11 -19.18
C LYS B 28 -39.23 -16.45 -18.39
N THR B 29 -39.73 -17.15 -17.35
CA THR B 29 -40.70 -16.54 -16.45
C THR B 29 -40.07 -15.36 -15.69
N PHE B 30 -38.83 -15.54 -15.25
CA PHE B 30 -38.09 -14.45 -14.62
C PHE B 30 -38.02 -13.24 -15.54
N ILE B 31 -37.74 -13.47 -16.83
CA ILE B 31 -37.66 -12.38 -17.79
C ILE B 31 -39.02 -11.75 -18.02
N ALA B 32 -40.07 -12.55 -18.13
CA ALA B 32 -41.41 -12.03 -18.34
C ALA B 32 -41.88 -11.20 -17.16
N ASP B 33 -41.45 -11.54 -15.95
CA ASP B 33 -41.69 -10.73 -14.78
C ASP B 33 -40.60 -9.69 -14.55
N GLY B 34 -39.72 -9.49 -15.54
CA GLY B 34 -38.60 -8.60 -15.35
C GLY B 34 -39.00 -7.15 -15.15
N ASN B 35 -40.02 -6.70 -15.88
CA ASN B 35 -40.51 -5.34 -15.69
C ASN B 35 -41.09 -5.15 -14.30
N LYS B 36 -41.82 -6.15 -13.80
CA LYS B 36 -42.33 -6.11 -12.44
C LYS B 36 -41.19 -6.06 -11.43
N ARG B 37 -40.13 -6.83 -11.67
CA ARG B 37 -38.97 -6.84 -10.79
C ARG B 37 -38.28 -5.49 -10.79
N LEU B 38 -38.15 -4.88 -11.97
CA LEU B 38 -37.55 -3.55 -12.07
C LEU B 38 -38.39 -2.51 -11.31
N ASP B 39 -39.72 -2.61 -11.43
CA ASP B 39 -40.58 -1.72 -10.68
C ASP B 39 -40.43 -1.93 -9.18
N ALA B 40 -40.29 -3.18 -8.75
CA ALA B 40 -40.09 -3.48 -7.33
C ALA B 40 -38.79 -2.87 -6.83
N VAL B 41 -37.70 -3.04 -7.59
CA VAL B 41 -36.42 -2.47 -7.21
C VAL B 41 -36.52 -0.95 -7.15
N ASN B 42 -37.21 -0.35 -8.13
CA ASN B 42 -37.40 1.10 -8.14
C ASN B 42 -38.20 1.55 -6.92
N SER B 43 -39.20 0.77 -6.52
CA SER B 43 -39.98 1.11 -5.34
C SER B 43 -39.12 1.09 -4.09
N ILE B 44 -38.25 0.08 -3.97
CA ILE B 44 -37.38 0.00 -2.80
C ILE B 44 -36.37 1.14 -2.77
N VAL B 45 -35.70 1.38 -3.90
CA VAL B 45 -34.61 2.36 -3.91
C VAL B 45 -35.15 3.79 -3.88
N SER B 46 -36.37 4.02 -4.37
CA SER B 46 -36.93 5.37 -4.34
C SER B 46 -37.38 5.76 -2.94
N ASN B 47 -37.51 4.80 -2.04
CA ASN B 47 -37.88 5.06 -0.65
C ASN B 47 -36.88 4.47 0.32
N ALA B 48 -35.64 4.25 -0.11
CA ALA B 48 -34.64 3.58 0.70
C ALA B 48 -34.34 4.35 1.98
N SER B 49 -34.17 5.67 1.86
CA SER B 49 -33.93 6.48 3.05
C SER B 49 -35.11 6.40 4.00
N CYS B 50 -36.32 6.49 3.47
CA CYS B 50 -37.51 6.35 4.30
C CYS B 50 -37.57 4.99 4.98
N ILE B 51 -37.33 3.92 4.22
CA ILE B 51 -37.37 2.57 4.77
C ILE B 51 -36.38 2.43 5.92
N VAL B 52 -35.13 2.84 5.68
CA VAL B 52 -34.07 2.64 6.67
C VAL B 52 -34.34 3.48 7.92
N SER B 53 -34.65 4.77 7.73
CA SER B 53 -34.90 5.63 8.87
C SER B 53 -36.10 5.17 9.68
N ASP B 54 -37.19 4.80 8.99
CA ASP B 54 -38.37 4.32 9.70
C ASP B 54 -38.08 3.03 10.47
N ALA B 55 -37.31 2.12 9.87
CA ALA B 55 -37.02 0.87 10.56
C ALA B 55 -36.14 1.09 11.77
N VAL B 56 -35.11 1.93 11.65
CA VAL B 56 -34.26 2.22 12.80
C VAL B 56 -35.06 2.91 13.90
N SER B 57 -35.91 3.86 13.51
CA SER B 57 -36.73 4.57 14.49
C SER B 57 -37.70 3.63 15.19
N GLY B 58 -38.32 2.70 14.46
CA GLY B 58 -39.20 1.74 15.09
C GLY B 58 -38.47 0.79 16.00
N MET B 59 -37.30 0.33 15.57
CA MET B 59 -36.48 -0.51 16.44
C MET B 59 -36.13 0.20 17.74
N ILE B 60 -35.81 1.50 17.65
CA ILE B 60 -35.49 2.27 18.85
C ILE B 60 -36.73 2.48 19.71
N CYS B 61 -37.87 2.80 19.10
CA CYS B 61 -39.08 3.08 19.86
C CYS B 61 -39.60 1.83 20.56
N GLU B 62 -39.45 0.65 19.96
CA GLU B 62 -39.81 -0.58 20.64
C GLU B 62 -38.80 -0.99 21.70
N ASN B 63 -37.54 -0.58 21.55
CA ASN B 63 -36.47 -0.89 22.49
C ASN B 63 -35.78 0.41 22.88
N PRO B 64 -36.38 1.21 23.76
CA PRO B 64 -35.78 2.50 24.11
C PRO B 64 -34.42 2.38 24.80
N GLY B 65 -34.07 1.20 25.31
CA GLY B 65 -32.76 1.00 25.89
C GLY B 65 -31.63 1.15 24.89
N LEU B 66 -31.93 1.07 23.59
CA LEU B 66 -30.89 1.21 22.57
C LEU B 66 -30.28 2.60 22.59
N ILE B 67 -31.07 3.64 22.86
CA ILE B 67 -30.57 5.01 22.91
C ILE B 67 -30.20 5.43 24.32
N ALA B 68 -30.40 4.57 25.31
CA ALA B 68 -29.94 4.83 26.66
C ALA B 68 -28.42 4.68 26.71
N PRO B 69 -27.76 5.26 27.71
CA PRO B 69 -26.32 5.07 27.87
C PRO B 69 -25.98 3.59 27.98
N GLY B 70 -24.90 3.18 27.32
CA GLY B 70 -24.60 1.79 27.13
C GLY B 70 -25.38 1.13 26.02
N GLY B 71 -26.53 1.69 25.65
CA GLY B 71 -27.26 1.18 24.50
C GLY B 71 -26.48 1.37 23.22
N ASN B 72 -26.81 0.54 22.23
CA ASN B 72 -26.00 0.50 21.01
C ASN B 72 -26.42 1.56 19.98
N CYS B 73 -27.48 2.31 20.24
CA CYS B 73 -27.89 3.41 19.37
C CYS B 73 -27.65 4.79 19.99
N TYR B 74 -27.34 4.83 21.28
CA TYR B 74 -26.81 6.03 21.91
C TYR B 74 -25.53 6.45 21.20
N THR B 75 -25.08 7.70 21.42
CA THR B 75 -23.91 8.20 20.68
C THR B 75 -24.15 8.29 19.18
N ASN B 76 -24.63 9.45 18.73
CA ASN B 76 -24.84 9.77 17.32
C ASN B 76 -23.86 9.06 16.38
N ARG B 77 -22.61 8.86 16.80
CA ARG B 77 -21.72 7.98 16.04
C ARG B 77 -22.34 6.59 15.86
N ARG B 78 -22.79 5.98 16.95
CA ARG B 78 -23.42 4.67 16.85
C ARG B 78 -24.74 4.74 16.11
N MET B 79 -25.50 5.82 16.28
CA MET B 79 -26.73 5.95 15.49
C MET B 79 -26.45 6.02 14.00
N ALA B 80 -25.44 6.80 13.60
CA ALA B 80 -25.09 6.89 12.20
C ALA B 80 -24.60 5.56 11.66
N ALA B 81 -23.81 4.84 12.46
CA ALA B 81 -23.36 3.51 12.05
C ALA B 81 -24.54 2.55 11.92
N CYS B 82 -25.52 2.67 12.80
CA CYS B 82 -26.71 1.82 12.72
C CYS B 82 -27.52 2.12 11.47
N LEU B 83 -27.75 3.41 11.18
CA LEU B 83 -28.46 3.79 9.97
C LEU B 83 -27.69 3.35 8.74
N ARG B 84 -26.36 3.47 8.77
CA ARG B 84 -25.53 3.05 7.65
C ARG B 84 -25.60 1.55 7.43
N ASP B 85 -25.56 0.77 8.50
CA ASP B 85 -25.59 -0.68 8.35
C ASP B 85 -26.98 -1.15 7.91
N GLY B 86 -28.04 -0.48 8.39
CA GLY B 86 -29.36 -0.78 7.88
C GLY B 86 -29.52 -0.42 6.41
N GLU B 87 -28.96 0.71 6.00
CA GLU B 87 -28.98 1.09 4.59
C GLU B 87 -28.19 0.11 3.74
N ILE B 88 -27.07 -0.39 4.27
CA ILE B 88 -26.28 -1.39 3.57
C ILE B 88 -27.08 -2.69 3.42
N ILE B 89 -27.77 -3.10 4.48
CA ILE B 89 -28.59 -4.30 4.40
C ILE B 89 -29.69 -4.14 3.36
N LEU B 90 -30.35 -2.98 3.36
CA LEU B 90 -31.39 -2.73 2.36
C LEU B 90 -30.79 -2.66 0.95
N ARG B 91 -29.58 -2.11 0.82
CA ARG B 91 -28.93 -2.05 -0.48
C ARG B 91 -28.64 -3.44 -1.02
N TYR B 92 -28.15 -4.33 -0.16
CA TYR B 92 -27.88 -5.69 -0.62
C TYR B 92 -29.16 -6.49 -0.84
N THR B 93 -30.21 -6.20 -0.07
CA THR B 93 -31.51 -6.80 -0.34
C THR B 93 -32.03 -6.36 -1.70
N SER B 94 -31.87 -5.08 -2.03
CA SER B 94 -32.25 -4.58 -3.35
C SER B 94 -31.39 -5.19 -4.45
N TYR B 95 -30.11 -5.41 -4.17
CA TYR B 95 -29.26 -6.13 -5.13
C TYR B 95 -29.80 -7.54 -5.37
N ALA B 96 -30.17 -8.23 -4.30
CA ALA B 96 -30.71 -9.58 -4.44
C ALA B 96 -32.02 -9.58 -5.22
N LEU B 97 -32.89 -8.60 -4.94
CA LEU B 97 -34.15 -8.50 -5.67
C LEU B 97 -33.91 -8.23 -7.15
N LEU B 98 -32.98 -7.32 -7.46
CA LEU B 98 -32.66 -7.02 -8.85
C LEU B 98 -32.07 -8.23 -9.55
N ALA B 99 -31.18 -8.97 -8.86
CA ALA B 99 -30.56 -10.15 -9.43
C ALA B 99 -31.46 -11.37 -9.41
N GLY B 100 -32.47 -11.38 -8.55
CA GLY B 100 -33.29 -12.58 -8.41
C GLY B 100 -32.63 -13.68 -7.64
N ASP B 101 -31.51 -13.41 -6.97
CA ASP B 101 -30.78 -14.41 -6.22
C ASP B 101 -30.12 -13.75 -5.02
N SER B 102 -30.02 -14.49 -3.92
CA SER B 102 -29.49 -13.96 -2.68
C SER B 102 -27.98 -14.10 -2.55
N SER B 103 -27.30 -14.56 -3.60
CA SER B 103 -25.86 -14.79 -3.51
C SER B 103 -25.10 -13.51 -3.17
N VAL B 104 -25.43 -12.40 -3.85
CA VAL B 104 -24.75 -11.15 -3.56
C VAL B 104 -24.99 -10.73 -2.11
N LEU B 105 -26.23 -10.87 -1.64
CA LEU B 105 -26.57 -10.51 -0.28
C LEU B 105 -25.69 -11.28 0.72
N GLU B 106 -25.76 -12.61 0.70
CA GLU B 106 -24.96 -13.39 1.64
C GLU B 106 -23.47 -13.09 1.50
N ASP B 107 -22.93 -13.20 0.29
CA ASP B 107 -21.48 -13.12 0.10
C ASP B 107 -20.91 -11.76 0.49
N ARG B 108 -21.59 -10.66 0.17
CA ARG B 108 -21.01 -9.35 0.40
C ARG B 108 -21.55 -8.64 1.64
N CYS B 109 -22.62 -9.13 2.24
CA CYS B 109 -23.16 -8.51 3.45
C CYS B 109 -23.23 -9.48 4.63
N LEU B 110 -23.76 -10.68 4.41
CA LEU B 110 -24.12 -11.55 5.53
C LEU B 110 -22.98 -12.48 5.94
N ASN B 111 -21.96 -12.62 5.12
CA ASN B 111 -20.82 -13.47 5.47
C ASN B 111 -20.01 -12.79 6.56
N GLY B 112 -20.05 -13.35 7.77
CA GLY B 112 -19.36 -12.77 8.89
C GLY B 112 -20.06 -11.62 9.57
N LEU B 113 -21.28 -11.29 9.14
CA LEU B 113 -22.02 -10.20 9.77
C LEU B 113 -22.41 -10.55 11.21
N LYS B 114 -22.80 -11.81 11.44
CA LYS B 114 -23.14 -12.24 12.79
C LYS B 114 -21.93 -12.16 13.71
N GLU B 115 -20.78 -12.66 13.24
CA GLU B 115 -19.55 -12.59 14.02
C GLU B 115 -19.13 -11.15 14.25
N THR B 116 -19.25 -10.31 13.22
CA THR B 116 -18.90 -8.90 13.36
C THR B 116 -19.77 -8.21 14.40
N TYR B 117 -21.07 -8.48 14.37
CA TYR B 117 -21.98 -7.86 15.32
C TYR B 117 -21.77 -8.38 16.73
N ILE B 118 -21.42 -9.66 16.87
CA ILE B 118 -21.09 -10.20 18.19
C ILE B 118 -19.84 -9.51 18.74
N ALA B 119 -18.81 -9.35 17.90
CA ALA B 119 -17.59 -8.70 18.34
C ALA B 119 -17.86 -7.24 18.72
N LEU B 120 -18.67 -6.54 17.92
CA LEU B 120 -18.98 -5.14 18.20
C LEU B 120 -19.93 -4.98 19.37
N GLY B 121 -20.63 -6.04 19.75
CA GLY B 121 -21.68 -5.91 20.76
C GLY B 121 -23.00 -5.42 20.22
N VAL B 122 -23.17 -5.42 18.90
CA VAL B 122 -24.44 -5.02 18.29
C VAL B 122 -25.51 -6.04 18.64
N PRO B 123 -26.64 -5.62 19.21
CA PRO B 123 -27.65 -6.59 19.64
C PRO B 123 -28.30 -7.28 18.45
N THR B 124 -28.26 -8.61 18.47
CA THR B 124 -28.82 -9.38 17.36
C THR B 124 -30.33 -9.22 17.27
N ASN B 125 -31.02 -9.20 18.42
CA ASN B 125 -32.47 -9.10 18.42
C ASN B 125 -32.93 -7.75 17.88
N SER B 126 -32.28 -6.66 18.29
CA SER B 126 -32.65 -5.34 17.80
C SER B 126 -32.33 -5.20 16.32
N THR B 127 -31.20 -5.75 15.88
CA THR B 127 -30.88 -5.74 14.45
C THR B 127 -31.92 -6.52 13.66
N ALA B 128 -32.35 -7.67 14.19
CA ALA B 128 -33.38 -8.46 13.53
C ALA B 128 -34.70 -7.70 13.47
N ARG B 129 -35.04 -6.97 14.54
CA ARG B 129 -36.25 -6.15 14.51
C ARG B 129 -36.16 -5.06 13.45
N ALA B 130 -35.00 -4.41 13.34
CA ALA B 130 -34.82 -3.38 12.31
C ALA B 130 -34.94 -3.99 10.92
N VAL B 131 -34.33 -5.16 10.72
CA VAL B 131 -34.38 -5.83 9.42
C VAL B 131 -35.82 -6.25 9.11
N SER B 132 -36.57 -6.65 10.12
CA SER B 132 -37.97 -7.04 9.91
C SER B 132 -38.85 -5.84 9.59
N ILE B 133 -38.60 -4.69 10.21
CA ILE B 133 -39.34 -3.49 9.85
C ILE B 133 -38.99 -3.06 8.43
N MET B 134 -37.71 -3.17 8.06
CA MET B 134 -37.33 -2.96 6.66
C MET B 134 -38.05 -3.94 5.75
N LYS B 135 -38.20 -5.19 6.18
CA LYS B 135 -38.92 -6.19 5.41
C LYS B 135 -40.35 -5.74 5.16
N SER B 136 -41.05 -5.35 6.22
CA SER B 136 -42.44 -4.94 6.08
C SER B 136 -42.58 -3.70 5.20
N SER B 137 -41.73 -2.70 5.42
CA SER B 137 -41.81 -1.48 4.62
C SER B 137 -41.49 -1.74 3.15
N ALA B 138 -40.43 -2.53 2.89
CA ALA B 138 -40.07 -2.86 1.52
C ALA B 138 -41.18 -3.67 0.84
N VAL B 139 -41.78 -4.62 1.58
CA VAL B 139 -42.87 -5.40 1.03
C VAL B 139 -44.05 -4.52 0.69
N ALA B 140 -44.37 -3.56 1.57
CA ALA B 140 -45.45 -2.62 1.29
C ALA B 140 -45.15 -1.79 0.05
N PHE B 141 -43.90 -1.36 -0.09
CA PHE B 141 -43.53 -0.57 -1.27
C PHE B 141 -43.58 -1.40 -2.54
N ILE B 142 -43.23 -2.69 -2.46
CA ILE B 142 -43.35 -3.56 -3.62
C ILE B 142 -44.80 -3.68 -4.04
N SER B 143 -45.68 -3.92 -3.06
CA SER B 143 -47.12 -4.08 -3.35
C SER B 143 -47.80 -2.70 -3.37
N ASN B 144 -47.01 -1.63 -3.32
CA ASN B 144 -47.56 -0.25 -3.33
C ASN B 144 -48.72 -0.15 -2.33
N THR B 145 -48.55 -0.70 -1.12
CA THR B 145 -49.58 -0.58 -0.07
C THR B 145 -49.08 0.41 0.96
N ALA B 146 -47.82 0.82 0.84
CA ALA B 146 -47.21 1.81 1.75
C ALA B 146 -48.20 2.94 1.97
N PRO B 147 -48.71 3.16 3.20
CA PRO B 147 -49.75 4.16 3.43
C PRO B 147 -49.30 5.59 3.12
N GLN B 148 -47.98 5.81 3.01
CA GLN B 148 -47.49 7.20 2.82
C GLN B 148 -46.67 7.31 1.53
N ARG B 149 -46.94 6.46 0.53
CA ARG B 149 -46.24 6.55 -0.79
C ARG B 149 -46.90 5.62 -1.80
N LYS B 150 -47.36 6.16 -2.93
CA LYS B 150 -48.04 5.34 -3.98
C LYS B 150 -47.26 5.44 -5.30
N MET B 151 -46.40 4.46 -5.58
CA MET B 151 -45.63 4.43 -6.85
C MET B 151 -46.55 4.00 -7.99
N ALA B 152 -46.79 4.88 -8.98
CA ALA B 152 -47.67 4.57 -10.09
C ALA B 152 -47.07 3.42 -10.90
N THR B 153 -47.73 2.26 -10.86
CA THR B 153 -47.35 1.11 -11.66
C THR B 153 -48.59 0.50 -12.28
N ALA B 154 -48.40 -0.21 -13.39
CA ALA B 154 -49.50 -0.92 -14.02
C ALA B 154 -50.05 -1.97 -13.07
N ALA B 155 -51.37 -2.14 -13.07
CA ALA B 155 -52.02 -3.06 -12.15
C ALA B 155 -51.58 -4.49 -12.42
N GLY B 156 -51.33 -5.23 -11.35
CA GLY B 156 -50.92 -6.61 -11.47
C GLY B 156 -50.46 -7.14 -10.13
N ASP B 157 -50.04 -8.41 -10.14
CA ASP B 157 -49.63 -9.10 -8.94
C ASP B 157 -48.10 -9.09 -8.88
N CYS B 158 -47.55 -8.44 -7.85
CA CYS B 158 -46.13 -8.48 -7.56
C CYS B 158 -45.84 -9.23 -6.27
N SER B 159 -46.77 -10.09 -5.83
CA SER B 159 -46.59 -10.84 -4.60
C SER B 159 -45.41 -11.79 -4.66
N ALA B 160 -45.01 -12.24 -5.86
CA ALA B 160 -43.81 -13.06 -5.98
C ALA B 160 -42.57 -12.26 -5.61
N LEU B 161 -42.45 -11.03 -6.12
CA LEU B 161 -41.32 -10.19 -5.76
C LEU B 161 -41.38 -9.75 -4.32
N SER B 162 -42.60 -9.53 -3.79
CA SER B 162 -42.74 -9.21 -2.38
C SER B 162 -42.27 -10.37 -1.50
N SER B 163 -42.62 -11.60 -1.89
CA SER B 163 -42.15 -12.77 -1.17
C SER B 163 -40.63 -12.93 -1.32
N GLU B 164 -40.08 -12.56 -2.48
CA GLU B 164 -38.63 -12.60 -2.64
C GLU B 164 -37.94 -11.63 -1.70
N VAL B 165 -38.47 -10.40 -1.60
CA VAL B 165 -37.91 -9.42 -0.67
C VAL B 165 -38.01 -9.91 0.75
N ALA B 166 -39.17 -10.49 1.11
CA ALA B 166 -39.35 -11.05 2.44
C ALA B 166 -38.35 -12.17 2.70
N SER B 167 -38.09 -13.01 1.70
CA SER B 167 -37.14 -14.11 1.87
C SER B 167 -35.72 -13.59 2.04
N TYR B 168 -35.35 -12.55 1.30
CA TYR B 168 -34.03 -11.94 1.48
C TYR B 168 -33.89 -11.34 2.87
N CYS B 169 -34.92 -10.66 3.36
CA CYS B 169 -34.87 -10.10 4.71
C CYS B 169 -34.83 -11.20 5.77
N ASP B 170 -35.56 -12.30 5.55
CA ASP B 170 -35.49 -13.44 6.44
C ASP B 170 -34.11 -14.05 6.44
N LYS B 171 -33.47 -14.11 5.27
CA LYS B 171 -32.10 -14.64 5.20
C LYS B 171 -31.14 -13.73 5.97
N VAL B 172 -31.34 -12.41 5.89
CA VAL B 172 -30.54 -11.48 6.68
C VAL B 172 -30.75 -11.73 8.17
N SER B 173 -32.02 -11.87 8.59
CA SER B 173 -32.31 -12.07 10.00
C SER B 173 -31.76 -13.40 10.52
N ALA B 174 -31.84 -14.46 9.71
CA ALA B 174 -31.31 -15.75 10.12
C ALA B 174 -29.79 -15.78 10.09
N ALA B 175 -29.17 -14.95 9.25
CA ALA B 175 -27.71 -14.88 9.24
C ALA B 175 -27.17 -14.36 10.57
N ILE B 176 -27.86 -13.39 11.16
CA ILE B 176 -27.46 -12.84 12.45
C ILE B 176 -28.17 -13.57 13.57
N MET C 1 10.54 20.47 14.00
CA MET C 1 10.96 20.90 15.32
C MET C 1 9.91 20.56 16.38
N LYS C 2 10.13 19.47 17.10
CA LYS C 2 9.19 19.06 18.13
C LYS C 2 9.16 20.08 19.27
N SER C 3 7.99 20.69 19.46
CA SER C 3 7.71 21.53 20.61
C SER C 3 6.22 21.39 20.90
N VAL C 4 5.76 22.06 21.95
CA VAL C 4 4.35 22.00 22.30
C VAL C 4 3.50 22.51 21.15
N ILE C 5 3.85 23.70 20.64
CA ILE C 5 3.06 24.32 19.59
C ILE C 5 3.07 23.45 18.33
N THR C 6 4.26 23.03 17.91
CA THR C 6 4.36 22.23 16.70
C THR C 6 3.68 20.88 16.86
N THR C 7 3.80 20.25 18.03
CA THR C 7 3.13 18.96 18.23
C THR C 7 1.62 19.10 18.13
N THR C 8 1.04 20.07 18.83
CA THR C 8 -0.40 20.22 18.79
C THR C 8 -0.89 20.65 17.42
N ILE C 9 -0.15 21.53 16.74
CA ILE C 9 -0.57 21.96 15.41
C ILE C 9 -0.46 20.82 14.41
N SER C 10 0.58 19.99 14.53
CA SER C 10 0.71 18.84 13.66
C SER C 10 -0.42 17.84 13.90
N ALA C 11 -0.79 17.61 15.17
CA ALA C 11 -1.92 16.74 15.44
C ALA C 11 -3.22 17.30 14.84
N ALA C 12 -3.45 18.60 15.00
CA ALA C 12 -4.66 19.22 14.45
C ALA C 12 -4.67 19.13 12.94
N ASP C 13 -3.53 19.36 12.29
CA ASP C 13 -3.45 19.31 10.84
C ASP C 13 -3.63 17.89 10.31
N ALA C 14 -3.04 16.91 11.00
CA ALA C 14 -3.26 15.51 10.63
C ALA C 14 -4.73 15.14 10.75
N ALA C 15 -5.39 15.61 11.81
CA ALA C 15 -6.83 15.46 11.92
C ALA C 15 -7.59 16.47 11.05
N GLY C 16 -6.89 17.44 10.47
CA GLY C 16 -7.54 18.42 9.61
C GLY C 16 -8.52 19.31 10.34
N ARG C 17 -8.22 19.67 11.59
CA ARG C 17 -9.12 20.46 12.42
C ARG C 17 -8.47 21.77 12.82
N PHE C 18 -9.30 22.77 13.08
CA PHE C 18 -8.83 24.04 13.59
C PHE C 18 -8.27 23.84 15.00
N PRO C 19 -7.38 24.73 15.44
CA PRO C 19 -6.94 24.67 16.83
C PRO C 19 -8.11 24.75 17.79
N SER C 20 -8.24 23.74 18.63
CA SER C 20 -9.34 23.61 19.57
C SER C 20 -8.87 23.98 20.97
N SER C 21 -9.74 23.76 21.96
CA SER C 21 -9.43 24.12 23.33
C SER C 21 -8.15 23.45 23.81
N SER C 22 -7.92 22.20 23.39
CA SER C 22 -6.74 21.47 23.85
C SER C 22 -5.45 22.09 23.33
N ASP C 23 -5.45 22.53 22.06
CA ASP C 23 -4.25 23.15 21.50
C ASP C 23 -3.91 24.46 22.21
N LEU C 24 -4.93 25.29 22.44
CA LEU C 24 -4.71 26.53 23.19
C LEU C 24 -4.25 26.24 24.61
N GLU C 25 -4.80 25.18 25.20
CA GLU C 25 -4.35 24.73 26.52
C GLU C 25 -2.86 24.41 26.52
N SER C 26 -2.43 23.65 25.52
CA SER C 26 -1.02 23.27 25.42
C SER C 26 -0.14 24.50 25.26
N VAL C 27 -0.57 25.44 24.42
CA VAL C 27 0.19 26.67 24.25
C VAL C 27 0.24 27.47 25.56
N GLN C 28 -0.83 27.43 26.33
CA GLN C 28 -0.83 28.08 27.65
C GLN C 28 0.22 27.44 28.56
N GLY C 29 0.34 26.12 28.51
CA GLY C 29 1.40 25.46 29.26
C GLY C 29 2.78 25.85 28.79
N ASN C 30 2.95 26.00 27.48
CA ASN C 30 4.18 26.56 26.95
C ASN C 30 4.46 27.92 27.55
N ILE C 31 3.43 28.76 27.64
CA ILE C 31 3.57 30.08 28.23
C ILE C 31 4.03 29.98 29.68
N GLN C 32 3.42 29.08 30.45
CA GLN C 32 3.76 28.96 31.87
C GLN C 32 5.17 28.46 32.09
N ARG C 33 5.61 27.46 31.31
CA ARG C 33 6.95 26.93 31.51
C ARG C 33 8.03 27.72 30.77
N ALA C 34 7.63 28.71 29.98
CA ALA C 34 8.58 29.51 29.23
C ALA C 34 9.57 30.22 30.15
N ALA C 35 9.09 30.77 31.26
CA ALA C 35 10.00 31.47 32.17
C ALA C 35 11.09 30.53 32.67
N SER C 36 10.69 29.33 33.08
CA SER C 36 11.64 28.30 33.51
C SER C 36 12.68 28.00 32.44
N ARG C 37 12.21 27.54 31.27
CA ARG C 37 13.18 27.08 30.28
C ARG C 37 13.99 28.23 29.71
N LEU C 38 13.43 29.44 29.68
CA LEU C 38 14.16 30.60 29.17
C LEU C 38 15.20 31.09 30.17
N GLU C 39 14.95 30.97 31.48
CA GLU C 39 16.01 31.24 32.44
C GLU C 39 17.13 30.23 32.30
N ALA C 40 16.79 28.96 32.11
CA ALA C 40 17.82 27.94 31.87
C ALA C 40 18.60 28.26 30.61
N ALA C 41 17.90 28.68 29.55
CA ALA C 41 18.57 29.02 28.30
C ALA C 41 19.45 30.26 28.46
N GLU C 42 19.02 31.22 29.28
CA GLU C 42 19.83 32.41 29.51
C GLU C 42 21.13 32.06 30.22
N LYS C 43 21.03 31.25 31.29
CA LYS C 43 22.25 30.71 31.91
C LYS C 43 23.14 29.99 30.91
N LEU C 44 22.56 29.10 30.10
CA LEU C 44 23.40 28.34 29.18
C LEU C 44 24.07 29.23 28.14
N ALA C 45 23.33 30.20 27.60
CA ALA C 45 23.88 31.11 26.60
C ALA C 45 24.89 32.08 27.18
N GLY C 46 24.72 32.50 28.44
CA GLY C 46 25.66 33.42 29.04
C GLY C 46 26.89 32.78 29.61
N ASN C 47 26.83 31.48 29.92
CA ASN C 47 27.97 30.80 30.55
C ASN C 47 28.34 29.51 29.81
N HIS C 48 28.03 29.41 28.52
CA HIS C 48 28.25 28.15 27.81
C HIS C 48 29.72 27.81 27.66
N GLU C 49 30.58 28.80 27.42
CA GLU C 49 31.99 28.52 27.15
C GLU C 49 32.63 27.82 28.33
N ALA C 50 32.39 28.32 29.55
CA ALA C 50 32.95 27.69 30.73
C ALA C 50 32.26 26.36 31.03
N VAL C 51 30.95 26.28 30.81
CA VAL C 51 30.24 25.02 31.00
C VAL C 51 30.77 23.97 30.04
N VAL C 52 30.96 24.35 28.77
CA VAL C 52 31.49 23.41 27.78
C VAL C 52 32.92 23.01 28.13
N LYS C 53 33.73 23.96 28.59
CA LYS C 53 35.09 23.64 28.99
C LYS C 53 35.11 22.63 30.14
N GLU C 54 34.26 22.84 31.15
CA GLU C 54 34.19 21.90 32.26
C GLU C 54 33.71 20.53 31.80
N ALA C 55 32.71 20.50 30.91
CA ALA C 55 32.20 19.22 30.41
C ALA C 55 33.29 18.46 29.65
N GLY C 56 34.04 19.15 28.79
CA GLY C 56 35.12 18.50 28.06
C GLY C 56 36.24 18.05 28.98
N ASP C 57 36.59 18.86 29.98
CA ASP C 57 37.62 18.47 30.92
C ASP C 57 37.20 17.22 31.68
N ALA C 58 35.93 17.14 32.10
CA ALA C 58 35.45 15.95 32.78
C ALA C 58 35.45 14.75 31.84
N CYS C 59 35.06 14.96 30.59
CA CYS C 59 35.03 13.87 29.62
C CYS C 59 36.43 13.28 29.42
N PHE C 60 37.44 14.14 29.30
CA PHE C 60 38.80 13.64 29.11
C PHE C 60 39.45 13.17 30.40
N ALA C 61 39.00 13.65 31.56
CA ALA C 61 39.52 13.14 32.83
C ALA C 61 38.96 11.77 33.16
N LYS C 62 37.69 11.52 32.83
CA LYS C 62 37.12 10.19 33.02
C LYS C 62 37.70 9.19 32.04
N TYR C 63 38.06 9.64 30.84
CA TYR C 63 38.55 8.77 29.78
C TYR C 63 39.88 9.30 29.24
N PRO C 64 40.95 9.18 30.02
CA PRO C 64 42.27 9.57 29.50
C PRO C 64 42.73 8.72 28.32
N TYR C 65 42.14 7.53 28.13
CA TYR C 65 42.51 6.68 27.01
C TYR C 65 42.18 7.34 25.68
N LEU C 66 41.26 8.30 25.67
CA LEU C 66 40.93 9.02 24.44
C LEU C 66 42.12 9.75 23.87
N LYS C 67 43.11 10.10 24.70
CA LYS C 67 44.31 10.76 24.20
C LYS C 67 45.24 9.79 23.49
N ASN C 68 45.04 8.48 23.66
CA ASN C 68 45.93 7.50 23.05
C ASN C 68 45.80 7.54 21.53
N PRO C 69 46.87 7.23 20.81
CA PRO C 69 46.82 7.27 19.35
C PRO C 69 45.76 6.31 18.80
N GLY C 70 45.11 6.72 17.71
CA GLY C 70 44.00 5.99 17.15
C GLY C 70 42.66 6.27 17.78
N GLU C 71 42.63 6.63 19.06
CA GLU C 71 41.40 6.98 19.74
C GLU C 71 41.00 8.42 19.40
N ALA C 72 39.72 8.70 19.58
CA ALA C 72 39.21 10.06 19.41
C ALA C 72 39.80 10.97 20.46
N GLY C 73 40.49 12.03 20.05
CA GLY C 73 41.17 12.91 20.96
C GLY C 73 42.67 12.72 21.07
N ASP C 74 43.28 11.95 20.17
CA ASP C 74 44.72 11.74 20.21
C ASP C 74 45.51 12.93 19.68
N SER C 75 44.85 13.88 19.02
CA SER C 75 45.47 15.09 18.52
C SER C 75 44.81 16.30 19.14
N GLN C 76 45.55 17.41 19.16
CA GLN C 76 44.98 18.66 19.68
C GLN C 76 43.78 19.09 18.86
N GLU C 77 43.81 18.86 17.54
CA GLU C 77 42.66 19.17 16.71
C GLU C 77 41.46 18.32 17.10
N LYS C 78 41.68 17.05 17.42
CA LYS C 78 40.56 16.20 17.79
C LYS C 78 40.03 16.54 19.18
N ILE C 79 40.91 16.97 20.09
CA ILE C 79 40.44 17.45 21.39
C ILE C 79 39.61 18.72 21.23
N ASN C 80 40.07 19.65 20.37
CA ASN C 80 39.30 20.84 20.09
C ASN C 80 37.97 20.50 19.43
N LYS C 81 37.97 19.49 18.55
CA LYS C 81 36.72 19.01 17.97
C LYS C 81 35.81 18.41 19.03
N CYS C 82 36.39 17.78 20.06
CA CYS C 82 35.58 17.28 21.16
C CYS C 82 34.92 18.40 21.92
N TYR C 83 35.68 19.44 22.25
CA TYR C 83 35.11 20.58 22.96
C TYR C 83 34.06 21.30 22.12
N ARG C 84 34.32 21.45 20.81
CA ARG C 84 33.33 22.02 19.91
C ARG C 84 32.12 21.11 19.77
N ASP C 85 32.33 19.80 19.87
CA ASP C 85 31.26 18.81 19.76
C ASP C 85 30.31 18.95 20.95
N ILE C 86 30.88 19.06 22.15
CA ILE C 86 30.10 19.32 23.35
C ILE C 86 29.46 20.71 23.29
N ASP C 87 30.15 21.68 22.69
CA ASP C 87 29.59 23.01 22.53
C ASP C 87 28.36 22.97 21.62
N HIS C 88 28.43 22.20 20.54
CA HIS C 88 27.27 22.00 19.68
C HIS C 88 26.12 21.38 20.45
N TYR C 89 26.42 20.36 21.27
CA TYR C 89 25.35 19.76 22.06
C TYR C 89 24.74 20.73 23.05
N MET C 90 25.58 21.56 23.70
CA MET C 90 25.06 22.53 24.65
C MET C 90 24.24 23.61 23.95
N ARG C 91 24.66 24.03 22.76
CA ARG C 91 23.88 24.96 21.98
C ARG C 91 22.53 24.37 21.58
N LEU C 92 22.53 23.08 21.25
CA LEU C 92 21.27 22.40 20.93
C LEU C 92 20.38 22.29 22.17
N ILE C 93 20.98 22.10 23.34
CA ILE C 93 20.20 22.09 24.58
C ILE C 93 19.61 23.47 24.85
N ASN C 94 20.39 24.52 24.60
CA ASN C 94 19.88 25.89 24.70
C ASN C 94 18.71 26.10 23.75
N TYR C 95 18.84 25.60 22.52
CA TYR C 95 17.75 25.68 21.56
C TYR C 95 16.52 24.92 22.04
N SER C 96 16.72 23.74 22.63
CA SER C 96 15.61 22.96 23.14
C SER C 96 14.89 23.70 24.27
N LEU C 97 15.66 24.32 25.16
CA LEU C 97 15.06 25.13 26.22
C LEU C 97 14.30 26.32 25.64
N VAL C 98 14.83 26.92 24.59
CA VAL C 98 14.17 28.06 23.96
C VAL C 98 12.83 27.64 23.34
N VAL C 99 12.82 26.51 22.63
CA VAL C 99 11.60 26.06 21.97
C VAL C 99 10.67 25.30 22.92
N GLY C 100 11.16 24.87 24.08
CA GLY C 100 10.36 24.03 24.94
C GLY C 100 10.09 22.66 24.38
N GLY C 101 11.08 22.06 23.73
CA GLY C 101 10.92 20.73 23.17
C GLY C 101 12.27 20.24 22.68
N THR C 102 12.32 18.95 22.39
CA THR C 102 13.56 18.30 21.97
C THR C 102 13.81 18.40 20.47
N GLY C 103 12.94 19.10 19.74
CA GLY C 103 13.05 19.24 18.30
C GLY C 103 14.42 19.59 17.79
N PRO C 104 15.00 20.70 18.25
CA PRO C 104 16.36 21.04 17.79
C PRO C 104 17.37 19.96 18.10
N LEU C 105 17.37 19.42 19.31
CA LEU C 105 18.27 18.32 19.63
C LEU C 105 18.01 17.13 18.73
N ASP C 106 16.75 16.70 18.63
CA ASP C 106 16.39 15.54 17.82
C ASP C 106 16.90 15.67 16.40
N GLU C 107 16.67 16.82 15.78
CA GLU C 107 16.97 16.99 14.36
C GLU C 107 18.43 17.34 14.08
N TRP C 108 19.16 17.92 15.05
CA TRP C 108 20.47 18.45 14.75
C TRP C 108 21.62 17.74 15.46
N GLY C 109 21.39 17.05 16.57
CA GLY C 109 22.48 16.42 17.28
C GLY C 109 22.27 14.96 17.59
N ILE C 110 21.04 14.49 17.51
CA ILE C 110 20.70 13.11 17.85
C ILE C 110 20.45 12.26 16.61
N ALA C 111 19.65 12.78 15.67
CA ALA C 111 19.40 12.06 14.42
C ALA C 111 20.72 11.82 13.70
N GLY C 112 21.06 10.54 13.50
CA GLY C 112 22.27 10.17 12.80
C GLY C 112 23.53 10.26 13.62
N ALA C 113 23.46 10.78 14.86
CA ALA C 113 24.65 10.85 15.70
C ALA C 113 25.22 9.47 15.98
N ARG C 114 24.35 8.47 16.09
CA ARG C 114 24.79 7.11 16.32
C ARG C 114 25.69 6.62 15.18
N GLU C 115 25.23 6.78 13.94
CA GLU C 115 26.02 6.37 12.79
C GLU C 115 27.31 7.16 12.71
N VAL C 116 27.25 8.47 12.95
CA VAL C 116 28.45 9.30 12.88
C VAL C 116 29.48 8.86 13.90
N TYR C 117 29.02 8.59 15.12
CA TYR C 117 29.94 8.30 16.21
C TYR C 117 30.52 6.90 16.10
N ARG C 118 29.76 5.95 15.56
CA ARG C 118 30.37 4.64 15.31
C ARG C 118 31.27 4.66 14.07
N ALA C 119 30.98 5.54 13.11
CA ALA C 119 31.83 5.65 11.93
C ALA C 119 33.15 6.34 12.25
N LEU C 120 33.10 7.37 13.09
CA LEU C 120 34.28 8.13 13.46
C LEU C 120 34.93 7.64 14.75
N ASN C 121 34.47 6.52 15.28
CA ASN C 121 35.01 5.93 16.51
C ASN C 121 34.94 6.95 17.65
N LEU C 122 33.78 7.56 17.81
CA LEU C 122 33.54 8.46 18.93
C LEU C 122 32.68 7.73 19.95
N PRO C 123 33.25 7.29 21.08
CA PRO C 123 32.44 6.54 22.06
C PRO C 123 31.35 7.43 22.65
N GLY C 124 30.12 6.91 22.65
CA GLY C 124 29.03 7.64 23.26
C GLY C 124 29.19 7.81 24.75
N SER C 125 29.99 6.94 25.38
CA SER C 125 30.25 7.06 26.81
C SER C 125 30.94 8.37 27.15
N SER C 126 31.78 8.89 26.25
CA SER C 126 32.47 10.14 26.51
C SER C 126 31.50 11.32 26.52
N TYR C 127 30.62 11.39 25.51
CA TYR C 127 29.57 12.40 25.50
C TYR C 127 28.69 12.27 26.74
N ILE C 128 28.34 11.03 27.09
CA ILE C 128 27.51 10.79 28.27
C ILE C 128 28.21 11.29 29.52
N ALA C 129 29.52 11.07 29.62
CA ALA C 129 30.27 11.57 30.77
C ALA C 129 30.25 13.08 30.84
N ALA C 130 30.45 13.74 29.69
CA ALA C 130 30.41 15.20 29.67
C ALA C 130 29.05 15.73 30.12
N PHE C 131 27.98 15.13 29.60
CA PHE C 131 26.65 15.64 29.92
C PHE C 131 26.23 15.28 31.34
N VAL C 132 26.67 14.13 31.83
CA VAL C 132 26.41 13.76 33.23
C VAL C 132 27.14 14.73 34.16
N PHE C 133 28.38 15.08 33.82
CA PHE C 133 29.09 16.07 34.63
C PHE C 133 28.38 17.41 34.59
N THR C 134 27.89 17.82 33.42
CA THR C 134 27.17 19.08 33.33
C THR C 134 25.89 19.03 34.17
N ARG C 135 25.19 17.90 34.13
CA ARG C 135 23.93 17.77 34.88
C ARG C 135 24.17 17.78 36.39
N ASP C 136 25.15 17.01 36.86
CA ASP C 136 25.41 16.93 38.29
C ASP C 136 26.20 18.13 38.82
N ARG C 137 26.81 18.90 37.94
CA ARG C 137 27.49 20.13 38.35
C ARG C 137 26.49 21.23 38.65
N LEU C 138 25.30 21.16 38.03
CA LEU C 138 24.27 22.17 38.22
C LEU C 138 23.84 22.24 39.69
N CYS C 139 23.78 23.46 40.21
CA CYS C 139 23.43 23.72 41.61
C CYS C 139 22.29 24.72 41.66
N VAL C 140 21.39 24.55 42.63
CA VAL C 140 20.27 25.51 42.82
C VAL C 140 20.51 26.29 44.12
N PRO C 141 20.29 27.63 44.15
CA PRO C 141 20.21 28.42 42.93
C PRO C 141 21.55 28.99 42.49
N ARG C 142 22.66 28.47 43.04
CA ARG C 142 24.00 28.92 42.63
C ARG C 142 24.00 29.10 41.10
N ASP C 143 23.53 28.09 40.37
CA ASP C 143 23.48 28.17 38.89
C ASP C 143 22.14 28.78 38.48
N MET C 144 21.03 28.09 38.73
CA MET C 144 19.70 28.59 38.27
C MET C 144 18.59 28.17 39.24
N SER C 145 17.35 28.65 39.01
CA SER C 145 16.23 28.31 39.86
C SER C 145 15.93 26.82 39.76
N ALA C 146 15.07 26.35 40.67
CA ALA C 146 14.76 24.93 40.74
C ALA C 146 14.11 24.45 39.45
N GLN C 147 13.16 25.22 38.92
CA GLN C 147 12.47 24.81 37.70
C GLN C 147 13.35 24.96 36.47
N ALA C 148 14.14 26.03 36.40
CA ALA C 148 15.12 26.13 35.32
C ALA C 148 16.11 24.98 35.38
N ALA C 149 16.52 24.59 36.58
CA ALA C 149 17.37 23.42 36.74
C ALA C 149 16.68 22.16 36.26
N VAL C 150 15.38 22.04 36.53
CA VAL C 150 14.63 20.87 36.07
C VAL C 150 14.65 20.82 34.54
N GLU C 151 14.41 21.96 33.88
CA GLU C 151 14.43 21.99 32.43
C GLU C 151 15.80 21.65 31.87
N PHE C 152 16.85 22.24 32.47
CA PHE C 152 18.22 22.01 31.99
C PHE C 152 18.62 20.56 32.16
N SER C 153 18.35 19.98 33.33
CA SER C 153 18.68 18.59 33.58
C SER C 153 17.82 17.66 32.73
N GLY C 154 16.58 18.04 32.42
CA GLY C 154 15.77 17.24 31.52
C GLY C 154 16.34 17.19 30.12
N ALA C 155 16.79 18.34 29.62
CA ALA C 155 17.44 18.36 28.31
C ALA C 155 18.71 17.52 28.32
N LEU C 156 19.52 17.66 29.36
CA LEU C 156 20.76 16.87 29.45
C LEU C 156 20.46 15.39 29.52
N ASP C 157 19.45 15.00 30.30
CA ASP C 157 19.05 13.60 30.39
C ASP C 157 18.52 13.09 29.06
N TYR C 158 17.81 13.94 28.32
CA TYR C 158 17.35 13.53 26.99
C TYR C 158 18.53 13.24 26.08
N VAL C 159 19.55 14.10 26.10
CA VAL C 159 20.74 13.85 25.29
C VAL C 159 21.41 12.55 25.73
N ILE C 160 21.54 12.36 27.05
CA ILE C 160 22.22 11.18 27.57
C ILE C 160 21.49 9.91 27.14
N ASN C 161 20.17 9.89 27.32
CA ASN C 161 19.37 8.74 26.92
C ASN C 161 19.42 8.53 25.40
N SER C 162 19.56 9.61 24.63
CA SER C 162 19.77 9.46 23.20
C SER C 162 21.11 8.79 22.90
N LEU C 163 22.11 9.01 23.74
CA LEU C 163 23.42 8.40 23.53
C LEU C 163 23.57 7.02 24.16
N CYS C 164 22.56 6.53 24.88
CA CYS C 164 22.63 5.19 25.44
C CYS C 164 21.32 4.43 25.20
N MET D 1 -7.51 6.82 23.15
CA MET D 1 -7.23 6.43 24.52
C MET D 1 -7.99 7.30 25.51
N LEU D 2 -7.75 7.08 26.80
CA LEU D 2 -8.38 7.88 27.85
C LEU D 2 -7.34 8.29 28.88
N ASP D 3 -7.45 9.52 29.36
CA ASP D 3 -6.72 10.02 30.52
C ASP D 3 -7.64 9.99 31.74
N ALA D 4 -7.17 10.56 32.85
CA ALA D 4 -7.97 10.56 34.07
C ALA D 4 -9.28 11.32 33.87
N PHE D 5 -9.22 12.49 33.22
CA PHE D 5 -10.42 13.28 32.99
C PHE D 5 -11.36 12.57 32.02
N SER D 6 -10.81 12.02 30.94
CA SER D 6 -11.63 11.26 30.02
C SER D 6 -12.16 9.99 30.65
N ARG D 7 -11.40 9.38 31.55
CA ARG D 7 -11.93 8.24 32.32
C ARG D 7 -13.13 8.67 33.15
N VAL D 8 -13.03 9.84 33.79
CA VAL D 8 -14.14 10.34 34.60
C VAL D 8 -15.36 10.60 33.72
N VAL D 9 -15.18 11.22 32.56
CA VAL D 9 -16.34 11.51 31.71
C VAL D 9 -16.91 10.23 31.10
N VAL D 10 -16.07 9.22 30.83
CA VAL D 10 -16.58 7.94 30.36
C VAL D 10 -17.43 7.28 31.45
N ASN D 11 -16.96 7.32 32.70
CA ASN D 11 -17.76 6.79 33.81
C ASN D 11 -19.06 7.56 33.96
N SER D 12 -19.01 8.89 33.82
CA SER D 12 -20.22 9.69 33.90
C SER D 12 -21.16 9.41 32.73
N ASP D 13 -20.59 9.20 31.53
CA ASP D 13 -21.40 8.92 30.36
C ASP D 13 -22.16 7.60 30.48
N SER D 14 -21.68 6.69 31.35
CA SER D 14 -22.35 5.41 31.54
C SER D 14 -23.74 5.58 32.12
N LYS D 15 -24.06 6.74 32.72
CA LYS D 15 -25.36 6.97 33.32
C LYS D 15 -26.00 8.26 32.82
N ALA D 16 -25.53 8.81 31.70
CA ALA D 16 -26.01 10.08 31.16
C ALA D 16 -25.98 11.17 32.23
N ALA D 17 -24.92 11.18 33.03
CA ALA D 17 -24.80 12.12 34.13
C ALA D 17 -23.71 13.14 33.85
N TYR D 18 -23.99 14.40 34.18
CA TYR D 18 -22.94 15.41 34.18
C TYR D 18 -21.91 15.07 35.24
N VAL D 19 -20.68 15.52 35.02
CA VAL D 19 -19.59 15.18 35.93
C VAL D 19 -19.92 15.69 37.33
N SER D 20 -20.04 14.76 38.27
CA SER D 20 -20.51 15.09 39.60
C SER D 20 -19.46 15.88 40.37
N GLY D 21 -19.91 16.48 41.48
CA GLY D 21 -19.00 17.24 42.31
C GLY D 21 -17.87 16.42 42.89
N SER D 22 -18.14 15.15 43.23
CA SER D 22 -17.09 14.28 43.76
C SER D 22 -16.04 14.00 42.69
N ASP D 23 -16.48 13.68 41.47
CA ASP D 23 -15.54 13.45 40.38
C ASP D 23 -14.77 14.71 40.03
N LEU D 24 -15.45 15.86 40.07
CA LEU D 24 -14.76 17.13 39.83
C LEU D 24 -13.71 17.40 40.90
N GLN D 25 -14.02 17.08 42.16
CA GLN D 25 -13.04 17.24 43.22
C GLN D 25 -11.85 16.29 43.04
N ALA D 26 -12.12 15.07 42.61
CA ALA D 26 -11.03 14.14 42.33
C ALA D 26 -10.12 14.66 41.23
N LEU D 27 -10.72 15.22 40.16
CA LEU D 27 -9.90 15.77 39.08
C LEU D 27 -9.20 17.06 39.50
N LYS D 28 -9.80 17.84 40.40
CA LYS D 28 -9.11 18.99 40.94
C LYS D 28 -7.90 18.58 41.78
N THR D 29 -8.02 17.49 42.53
CA THR D 29 -6.87 16.94 43.24
C THR D 29 -5.82 16.44 42.25
N PHE D 30 -6.26 15.83 41.15
CA PHE D 30 -5.34 15.42 40.09
C PHE D 30 -4.58 16.62 39.54
N ILE D 31 -5.27 17.73 39.32
CA ILE D 31 -4.63 18.93 38.79
C ILE D 31 -3.68 19.53 39.82
N ALA D 32 -4.09 19.58 41.09
CA ALA D 32 -3.24 20.14 42.14
C ALA D 32 -1.95 19.37 42.30
N ASP D 33 -1.98 18.06 42.06
CA ASP D 33 -0.78 17.24 41.98
C ASP D 33 -0.19 17.21 40.57
N GLY D 34 -0.38 18.28 39.79
CA GLY D 34 0.06 18.27 38.41
C GLY D 34 1.56 18.12 38.25
N ASN D 35 2.33 19.02 38.87
CA ASN D 35 3.77 18.79 39.05
C ASN D 35 4.14 17.56 39.88
N LYS D 36 3.31 17.13 40.81
CA LYS D 36 3.67 15.84 41.41
C LYS D 36 3.77 14.77 40.32
N ARG D 37 2.74 14.67 39.48
CA ARG D 37 2.71 13.70 38.40
C ARG D 37 3.79 14.00 37.36
N LEU D 38 4.00 15.27 37.03
CA LEU D 38 4.96 15.65 36.00
C LEU D 38 6.39 15.37 36.44
N ASP D 39 6.71 15.64 37.71
CA ASP D 39 8.02 15.29 38.24
C ASP D 39 8.20 13.78 38.29
N ALA D 40 7.12 13.04 38.58
CA ALA D 40 7.21 11.58 38.53
C ALA D 40 7.53 11.11 37.11
N VAL D 41 6.83 11.66 36.11
CA VAL D 41 7.06 11.29 34.72
C VAL D 41 8.47 11.68 34.29
N ASN D 42 8.93 12.85 34.72
CA ASN D 42 10.29 13.28 34.40
C ASN D 42 11.32 12.36 35.04
N SER D 43 11.06 11.91 36.26
CA SER D 43 11.97 10.97 36.92
C SER D 43 12.05 9.66 36.15
N ILE D 44 10.91 9.16 35.67
CA ILE D 44 10.91 7.92 34.90
C ILE D 44 11.61 8.12 33.55
N VAL D 45 11.27 9.19 32.85
CA VAL D 45 11.77 9.39 31.48
C VAL D 45 13.26 9.69 31.48
N SER D 46 13.72 10.55 32.39
CA SER D 46 15.12 10.94 32.45
C SER D 46 16.03 9.76 32.79
N ASN D 47 15.47 8.69 33.34
CA ASN D 47 16.23 7.49 33.67
C ASN D 47 15.68 6.26 32.96
N ALA D 48 15.02 6.46 31.80
CA ALA D 48 14.35 5.36 31.13
C ALA D 48 15.33 4.29 30.67
N SER D 49 16.44 4.70 30.05
CA SER D 49 17.44 3.72 29.62
C SER D 49 18.03 2.99 30.81
N CYS D 50 18.34 3.74 31.88
CA CYS D 50 18.78 3.13 33.13
C CYS D 50 17.79 2.07 33.61
N ILE D 51 16.51 2.43 33.68
CA ILE D 51 15.49 1.53 34.20
C ILE D 51 15.42 0.26 33.35
N VAL D 52 15.33 0.43 32.03
CA VAL D 52 15.14 -0.71 31.14
C VAL D 52 16.36 -1.63 31.16
N SER D 53 17.55 -1.05 31.02
CA SER D 53 18.76 -1.86 31.00
C SER D 53 18.96 -2.58 32.33
N ASP D 54 18.73 -1.88 33.45
CA ASP D 54 18.87 -2.52 34.75
C ASP D 54 17.87 -3.65 34.93
N ALA D 55 16.62 -3.44 34.50
CA ALA D 55 15.62 -4.50 34.64
C ALA D 55 15.95 -5.72 33.80
N VAL D 56 16.36 -5.51 32.56
CA VAL D 56 16.69 -6.64 31.70
C VAL D 56 17.92 -7.37 32.24
N SER D 57 18.92 -6.62 32.69
CA SER D 57 20.13 -7.24 33.24
C SER D 57 19.80 -8.03 34.51
N GLY D 58 18.93 -7.49 35.37
CA GLY D 58 18.55 -8.22 36.57
C GLY D 58 17.76 -9.48 36.27
N MET D 59 16.83 -9.39 35.30
CA MET D 59 16.09 -10.57 34.90
C MET D 59 17.02 -11.63 34.32
N ILE D 60 18.05 -11.22 33.59
CA ILE D 60 19.01 -12.16 33.04
C ILE D 60 19.88 -12.77 34.14
N CYS D 61 20.35 -11.95 35.07
CA CYS D 61 21.20 -12.45 36.14
C CYS D 61 20.46 -13.43 37.03
N GLU D 62 19.18 -13.14 37.33
CA GLU D 62 18.38 -14.07 38.12
C GLU D 62 17.93 -15.30 37.34
N ASN D 63 17.99 -15.24 36.02
CA ASN D 63 17.64 -16.38 35.16
C ASN D 63 18.70 -16.51 34.08
N PRO D 64 19.85 -17.09 34.39
CA PRO D 64 20.93 -17.22 33.40
C PRO D 64 20.55 -18.06 32.19
N GLY D 65 19.49 -18.88 32.29
CA GLY D 65 19.05 -19.65 31.14
C GLY D 65 18.55 -18.80 29.99
N LEU D 66 18.19 -17.54 30.26
CA LEU D 66 17.71 -16.66 29.20
C LEU D 66 18.80 -16.34 28.18
N ILE D 67 20.06 -16.28 28.62
CA ILE D 67 21.18 -15.99 27.73
C ILE D 67 21.90 -17.26 27.30
N ALA D 68 21.45 -18.43 27.78
CA ALA D 68 21.94 -19.69 27.27
C ALA D 68 21.32 -19.97 25.91
N PRO D 69 21.94 -20.84 25.11
CA PRO D 69 21.33 -21.20 23.82
C PRO D 69 19.96 -21.81 24.03
N GLY D 70 19.01 -21.37 23.21
CA GLY D 70 17.61 -21.66 23.42
C GLY D 70 16.91 -20.68 24.32
N GLY D 71 17.65 -19.93 25.13
CA GLY D 71 17.05 -18.89 25.93
C GLY D 71 16.61 -17.72 25.08
N ASN D 72 15.63 -16.98 25.59
CA ASN D 72 14.99 -15.92 24.82
C ASN D 72 15.82 -14.64 24.76
N CYS D 73 16.93 -14.54 25.48
CA CYS D 73 17.79 -13.37 25.43
C CYS D 73 19.15 -13.65 24.77
N TYR D 74 19.48 -14.91 24.55
CA TYR D 74 20.58 -15.28 23.68
C TYR D 74 20.31 -14.73 22.27
N THR D 75 21.36 -14.64 21.44
CA THR D 75 21.22 -13.95 20.16
C THR D 75 20.91 -12.46 20.33
N ASN D 76 21.97 -11.65 20.37
CA ASN D 76 21.88 -10.19 20.43
C ASN D 76 20.64 -9.63 19.75
N ARG D 77 20.20 -10.23 18.64
CA ARG D 77 18.90 -9.86 18.09
C ARG D 77 17.79 -10.01 19.12
N ARG D 78 17.70 -11.18 19.76
CA ARG D 78 16.68 -11.37 20.79
C ARG D 78 16.92 -10.49 21.99
N MET D 79 18.18 -10.27 22.37
CA MET D 79 18.45 -9.41 23.51
C MET D 79 18.03 -7.97 23.24
N ALA D 80 18.29 -7.48 22.03
CA ALA D 80 17.85 -6.14 21.66
C ALA D 80 16.33 -6.07 21.59
N ALA D 81 15.69 -7.14 21.13
CA ALA D 81 14.23 -7.18 21.14
C ALA D 81 13.70 -7.13 22.57
N CYS D 82 14.37 -7.80 23.51
CA CYS D 82 13.99 -7.75 24.91
C CYS D 82 14.17 -6.36 25.49
N LEU D 83 15.29 -5.71 25.19
CA LEU D 83 15.51 -4.34 25.64
C LEU D 83 14.49 -3.39 25.04
N ARG D 84 14.16 -3.59 23.76
CA ARG D 84 13.14 -2.77 23.10
C ARG D 84 11.78 -2.97 23.74
N ASP D 85 11.43 -4.22 24.07
CA ASP D 85 10.14 -4.48 24.73
C ASP D 85 10.09 -3.86 26.11
N GLY D 86 11.20 -3.94 26.86
CA GLY D 86 11.25 -3.26 28.15
C GLY D 86 11.10 -1.75 28.00
N GLU D 87 11.76 -1.17 26.99
CA GLU D 87 11.62 0.25 26.73
C GLU D 87 10.19 0.60 26.35
N ILE D 88 9.54 -0.24 25.55
CA ILE D 88 8.17 0.03 25.13
C ILE D 88 7.23 -0.05 26.33
N ILE D 89 7.40 -1.07 27.18
CA ILE D 89 6.54 -1.21 28.35
C ILE D 89 6.75 -0.03 29.29
N LEU D 90 8.00 0.39 29.51
CA LEU D 90 8.25 1.56 30.35
C LEU D 90 7.69 2.83 29.72
N ARG D 91 7.75 2.93 28.40
CA ARG D 91 7.20 4.09 27.70
C ARG D 91 5.70 4.17 27.90
N TYR D 92 5.01 3.04 27.77
CA TYR D 92 3.56 3.06 27.95
C TYR D 92 3.18 3.22 29.41
N THR D 93 4.01 2.73 30.33
CA THR D 93 3.79 2.99 31.75
C THR D 93 3.95 4.48 32.05
N SER D 94 4.94 5.12 31.45
CA SER D 94 5.09 6.57 31.59
C SER D 94 3.91 7.31 30.97
N TYR D 95 3.40 6.80 29.84
CA TYR D 95 2.19 7.38 29.25
C TYR D 95 1.02 7.29 30.22
N ALA D 96 0.84 6.13 30.84
CA ALA D 96 -0.25 5.95 31.79
C ALA D 96 -0.08 6.85 33.01
N LEU D 97 1.16 6.98 33.50
CA LEU D 97 1.42 7.87 34.63
C LEU D 97 1.12 9.32 34.26
N LEU D 98 1.54 9.75 33.06
CA LEU D 98 1.26 11.10 32.62
C LEU D 98 -0.22 11.35 32.47
N ALA D 99 -0.95 10.37 31.93
CA ALA D 99 -2.39 10.51 31.72
C ALA D 99 -3.20 10.27 32.97
N GLY D 100 -2.62 9.65 33.99
CA GLY D 100 -3.40 9.26 35.15
C GLY D 100 -4.37 8.14 34.89
N ASP D 101 -4.21 7.41 33.79
CA ASP D 101 -5.10 6.33 33.43
C ASP D 101 -4.33 5.29 32.63
N SER D 102 -4.70 4.02 32.79
CA SER D 102 -4.02 2.92 32.14
C SER D 102 -4.61 2.56 30.79
N SER D 103 -5.57 3.34 30.29
CA SER D 103 -6.21 2.99 29.02
C SER D 103 -5.19 2.96 27.88
N VAL D 104 -4.30 3.95 27.82
CA VAL D 104 -3.27 3.94 26.79
C VAL D 104 -2.38 2.72 26.92
N LEU D 105 -1.95 2.41 28.15
CA LEU D 105 -1.08 1.26 28.37
C LEU D 105 -1.76 -0.02 27.91
N GLU D 106 -2.95 -0.31 28.43
CA GLU D 106 -3.64 -1.53 28.06
C GLU D 106 -3.88 -1.60 26.55
N ASP D 107 -4.52 -0.57 26.00
CA ASP D 107 -4.98 -0.59 24.62
C ASP D 107 -3.82 -0.69 23.62
N ARG D 108 -2.72 0.03 23.86
CA ARG D 108 -1.67 0.11 22.85
C ARG D 108 -0.47 -0.76 23.15
N CYS D 109 -0.35 -1.34 24.35
CA CYS D 109 0.74 -2.25 24.65
C CYS D 109 0.25 -3.61 25.10
N LEU D 110 -0.70 -3.66 26.04
CA LEU D 110 -1.06 -4.92 26.67
C LEU D 110 -2.07 -5.70 25.85
N ASN D 111 -2.82 -5.04 24.97
CA ASN D 111 -3.78 -5.75 24.14
C ASN D 111 -3.05 -6.68 23.18
N GLY D 112 -3.23 -7.98 23.39
CA GLY D 112 -2.58 -8.98 22.55
C GLY D 112 -1.14 -9.27 22.90
N LEU D 113 -0.58 -8.62 23.92
CA LEU D 113 0.81 -8.86 24.29
C LEU D 113 1.00 -10.28 24.82
N LYS D 114 0.04 -10.79 25.58
CA LYS D 114 0.14 -12.15 26.09
C LYS D 114 0.16 -13.16 24.96
N GLU D 115 -0.78 -13.05 24.01
CA GLU D 115 -0.82 -13.97 22.88
C GLU D 115 0.42 -13.81 22.02
N THR D 116 0.89 -12.57 21.83
CA THR D 116 2.10 -12.35 21.05
C THR D 116 3.30 -13.04 21.69
N TYR D 117 3.45 -12.90 23.01
CA TYR D 117 4.58 -13.53 23.69
C TYR D 117 4.47 -15.04 23.70
N ILE D 118 3.25 -15.58 23.81
CA ILE D 118 3.08 -17.02 23.71
C ILE D 118 3.46 -17.51 22.31
N ALA D 119 3.06 -16.78 21.28
CA ALA D 119 3.38 -17.17 19.91
C ALA D 119 4.90 -17.12 19.67
N LEU D 120 5.56 -16.09 20.18
CA LEU D 120 7.01 -15.96 20.02
C LEU D 120 7.80 -16.79 21.01
N GLY D 121 7.15 -17.40 21.99
CA GLY D 121 7.86 -18.17 22.98
C GLY D 121 8.56 -17.33 24.02
N VAL D 122 8.18 -16.07 24.17
CA VAL D 122 8.75 -15.19 25.18
C VAL D 122 8.29 -15.67 26.55
N PRO D 123 9.20 -15.94 27.48
CA PRO D 123 8.79 -16.46 28.79
C PRO D 123 8.00 -15.42 29.57
N THR D 124 6.78 -15.81 29.98
CA THR D 124 5.95 -14.89 30.76
C THR D 124 6.53 -14.62 32.14
N ASN D 125 7.14 -15.63 32.76
CA ASN D 125 7.74 -15.44 34.08
C ASN D 125 8.92 -14.47 34.02
N SER D 126 9.79 -14.62 33.02
CA SER D 126 10.93 -13.72 32.88
C SER D 126 10.47 -12.31 32.51
N THR D 127 9.47 -12.20 31.66
CA THR D 127 8.92 -10.88 31.34
C THR D 127 8.32 -10.22 32.57
N ALA D 128 7.60 -11.00 33.38
CA ALA D 128 7.04 -10.47 34.62
C ALA D 128 8.15 -10.02 35.58
N ARG D 129 9.23 -10.79 35.67
CA ARG D 129 10.35 -10.40 36.52
C ARG D 129 10.98 -9.11 36.04
N ALA D 130 11.19 -8.98 34.73
CA ALA D 130 11.76 -7.75 34.20
C ALA D 130 10.84 -6.56 34.44
N VAL D 131 9.54 -6.76 34.26
CA VAL D 131 8.57 -5.69 34.50
C VAL D 131 8.54 -5.31 35.98
N SER D 132 8.69 -6.30 36.87
CA SER D 132 8.71 -6.01 38.29
C SER D 132 9.97 -5.25 38.69
N ILE D 133 11.11 -5.57 38.08
CA ILE D 133 12.33 -4.79 38.36
C ILE D 133 12.17 -3.37 37.82
N MET D 134 11.57 -3.22 36.63
CA MET D 134 11.23 -1.90 36.13
C MET D 134 10.33 -1.17 37.10
N LYS D 135 9.37 -1.88 37.69
CA LYS D 135 8.46 -1.27 38.66
C LYS D 135 9.22 -0.76 39.87
N SER D 136 10.10 -1.59 40.43
CA SER D 136 10.85 -1.20 41.61
C SER D 136 11.74 0.01 41.31
N SER D 137 12.47 -0.03 40.20
CA SER D 137 13.35 1.08 39.85
C SER D 137 12.56 2.36 39.56
N ALA D 138 11.45 2.24 38.82
CA ALA D 138 10.64 3.41 38.52
C ALA D 138 10.04 4.01 39.78
N VAL D 139 9.55 3.17 40.69
CA VAL D 139 9.00 3.65 41.95
C VAL D 139 10.08 4.36 42.75
N ALA D 140 11.28 3.78 42.79
CA ALA D 140 12.39 4.44 43.47
C ALA D 140 12.69 5.80 42.86
N PHE D 141 12.60 5.90 41.53
CA PHE D 141 12.86 7.17 40.87
C PHE D 141 11.74 8.19 41.16
N ILE D 142 10.49 7.71 41.29
CA ILE D 142 9.39 8.60 41.65
C ILE D 142 9.64 9.21 43.02
N SER D 143 9.95 8.36 44.00
CA SER D 143 10.17 8.78 45.38
C SER D 143 11.56 9.35 45.59
N ASN D 144 12.37 9.43 44.53
CA ASN D 144 13.75 9.92 44.62
C ASN D 144 14.56 9.12 45.63
N THR D 145 14.36 7.80 45.63
CA THR D 145 15.10 6.90 46.51
C THR D 145 16.07 6.02 45.74
N ALA D 146 16.37 6.38 44.49
CA ALA D 146 17.36 5.63 43.73
C ALA D 146 18.75 5.85 44.31
N PRO D 147 19.48 4.78 44.63
CA PRO D 147 20.78 4.96 45.32
C PRO D 147 21.79 5.77 44.53
N GLN D 148 21.82 5.62 43.20
CA GLN D 148 22.90 6.19 42.41
C GLN D 148 22.51 7.43 41.62
N ARG D 149 21.23 7.80 41.61
CA ARG D 149 20.78 8.99 40.88
C ARG D 149 19.67 9.65 41.66
N LYS D 150 19.88 10.91 42.05
CA LYS D 150 18.87 11.70 42.73
C LYS D 150 18.48 12.89 41.86
N MET D 151 17.18 13.12 41.74
CA MET D 151 16.64 14.26 41.01
C MET D 151 16.05 15.26 41.99
N ALA D 152 16.43 16.52 41.84
CA ALA D 152 16.04 17.56 42.80
C ALA D 152 14.60 17.97 42.55
N THR D 153 13.73 17.72 43.53
CA THR D 153 12.35 18.16 43.50
C THR D 153 12.00 18.76 44.86
N ALA D 154 10.91 19.53 44.88
CA ALA D 154 10.42 20.07 46.13
C ALA D 154 9.98 18.94 47.06
N ALA D 155 10.26 19.11 48.36
CA ALA D 155 9.95 18.07 49.32
C ALA D 155 8.44 17.82 49.37
N GLY D 156 8.08 16.54 49.36
CA GLY D 156 6.67 16.18 49.37
C GLY D 156 6.51 14.68 49.33
N ASP D 157 5.25 14.25 49.34
CA ASP D 157 4.90 12.83 49.37
C ASP D 157 4.29 12.46 48.02
N CYS D 158 5.05 11.73 47.20
CA CYS D 158 4.58 11.22 45.92
C CYS D 158 4.20 9.74 45.99
N SER D 159 3.77 9.28 47.17
CA SER D 159 3.43 7.87 47.32
C SER D 159 2.25 7.48 46.45
N ALA D 160 1.32 8.41 46.21
CA ALA D 160 0.20 8.11 45.30
C ALA D 160 0.71 7.81 43.90
N LEU D 161 1.67 8.60 43.42
CA LEU D 161 2.20 8.38 42.08
C LEU D 161 3.07 7.12 42.01
N SER D 162 3.83 6.84 43.07
CA SER D 162 4.59 5.59 43.11
C SER D 162 3.65 4.39 43.08
N SER D 163 2.55 4.46 43.84
CA SER D 163 1.56 3.40 43.80
C SER D 163 0.90 3.30 42.44
N GLU D 164 0.68 4.43 41.77
CA GLU D 164 0.09 4.40 40.43
C GLU D 164 1.02 3.73 39.43
N VAL D 165 2.32 4.05 39.50
CA VAL D 165 3.30 3.39 38.64
C VAL D 165 3.33 1.90 38.93
N ALA D 166 3.31 1.54 40.23
CA ALA D 166 3.30 0.14 40.60
C ALA D 166 2.05 -0.55 40.07
N SER D 167 0.90 0.11 40.12
CA SER D 167 -0.34 -0.46 39.61
C SER D 167 -0.29 -0.66 38.10
N TYR D 168 0.31 0.29 37.37
CA TYR D 168 0.47 0.10 35.93
C TYR D 168 1.38 -1.09 35.63
N CYS D 169 2.46 -1.23 36.41
CA CYS D 169 3.34 -2.37 36.20
C CYS D 169 2.67 -3.68 36.58
N ASP D 170 1.82 -3.67 37.60
CA ASP D 170 1.04 -4.87 37.93
C ASP D 170 0.04 -5.19 36.83
N LYS D 171 -0.53 -4.17 36.20
CA LYS D 171 -1.40 -4.39 35.05
C LYS D 171 -0.62 -5.04 33.92
N VAL D 172 0.61 -4.59 33.69
CA VAL D 172 1.46 -5.20 32.66
C VAL D 172 1.74 -6.65 33.01
N SER D 173 2.10 -6.92 34.27
CA SER D 173 2.43 -8.27 34.69
C SER D 173 1.23 -9.22 34.64
N ALA D 174 0.04 -8.72 34.99
CA ALA D 174 -1.16 -9.53 34.93
C ALA D 174 -1.67 -9.72 33.51
N ALA D 175 -1.37 -8.78 32.61
CA ALA D 175 -1.77 -8.95 31.22
C ALA D 175 -1.03 -10.11 30.57
N ILE D 176 0.17 -10.42 31.04
CA ILE D 176 0.94 -11.53 30.51
C ILE D 176 0.86 -12.74 31.45
N MET E 1 19.62 -8.93 -16.26
CA MET E 1 20.11 -10.15 -16.88
C MET E 1 20.54 -11.16 -15.83
N LYS E 2 19.70 -12.16 -15.59
CA LYS E 2 19.97 -13.12 -14.53
C LYS E 2 21.24 -13.91 -14.81
N SER E 3 22.21 -13.75 -13.92
CA SER E 3 23.42 -14.56 -13.90
C SER E 3 23.81 -14.76 -12.45
N VAL E 4 24.92 -15.45 -12.22
CA VAL E 4 25.43 -15.60 -10.86
C VAL E 4 25.74 -14.23 -10.28
N ILE E 5 26.53 -13.45 -11.02
CA ILE E 5 26.97 -12.14 -10.53
C ILE E 5 25.78 -11.23 -10.27
N THR E 6 24.88 -11.13 -11.26
CA THR E 6 23.74 -10.24 -11.12
C THR E 6 22.81 -10.70 -10.01
N THR E 7 22.60 -12.01 -9.86
CA THR E 7 21.73 -12.49 -8.79
C THR E 7 22.30 -12.14 -7.42
N THR E 8 23.58 -12.43 -7.19
CA THR E 8 24.16 -12.15 -5.88
C THR E 8 24.26 -10.66 -5.60
N ILE E 9 24.62 -9.87 -6.62
CA ILE E 9 24.71 -8.42 -6.44
C ILE E 9 23.33 -7.84 -6.17
N SER E 10 22.30 -8.33 -6.85
CA SER E 10 20.95 -7.84 -6.61
C SER E 10 20.47 -8.22 -5.22
N ALA E 11 20.81 -9.42 -4.74
CA ALA E 11 20.46 -9.79 -3.38
C ALA E 11 21.15 -8.88 -2.36
N ALA E 12 22.44 -8.63 -2.56
CA ALA E 12 23.18 -7.76 -1.65
C ALA E 12 22.63 -6.33 -1.68
N ASP E 13 22.27 -5.83 -2.87
CA ASP E 13 21.71 -4.50 -2.99
C ASP E 13 20.35 -4.41 -2.33
N ALA E 14 19.52 -5.44 -2.50
CA ALA E 14 18.22 -5.47 -1.82
C ALA E 14 18.41 -5.44 -0.32
N ALA E 15 19.39 -6.17 0.19
CA ALA E 15 19.74 -6.06 1.60
C ALA E 15 20.62 -4.85 1.88
N GLY E 16 21.06 -4.13 0.86
CA GLY E 16 21.87 -2.94 1.05
C GLY E 16 23.21 -3.20 1.70
N ARG E 17 23.87 -4.30 1.35
CA ARG E 17 25.13 -4.68 1.97
C ARG E 17 26.22 -4.81 0.92
N PHE E 18 27.47 -4.64 1.37
CA PHE E 18 28.62 -4.86 0.52
C PHE E 18 28.71 -6.33 0.12
N PRO E 19 29.40 -6.63 -0.99
CA PRO E 19 29.65 -8.04 -1.31
C PRO E 19 30.36 -8.74 -0.17
N SER E 20 29.87 -9.93 0.16
CA SER E 20 30.34 -10.70 1.31
C SER E 20 30.94 -12.02 0.83
N SER E 21 31.22 -12.91 1.78
CA SER E 21 31.87 -14.18 1.46
C SER E 21 31.03 -14.99 0.47
N SER E 22 29.71 -15.00 0.66
CA SER E 22 28.84 -15.80 -0.21
C SER E 22 28.82 -15.25 -1.64
N ASP E 23 28.83 -13.93 -1.81
CA ASP E 23 28.84 -13.36 -3.16
C ASP E 23 30.14 -13.72 -3.89
N LEU E 24 31.27 -13.60 -3.19
CA LEU E 24 32.55 -13.98 -3.80
C LEU E 24 32.60 -15.47 -4.10
N GLU E 25 32.00 -16.29 -3.22
CA GLU E 25 31.89 -17.72 -3.48
C GLU E 25 31.09 -18.00 -4.75
N SER E 26 29.98 -17.29 -4.93
CA SER E 26 29.18 -17.48 -6.13
C SER E 26 29.95 -17.08 -7.38
N VAL E 27 30.68 -15.97 -7.30
CA VAL E 27 31.51 -15.58 -8.45
C VAL E 27 32.62 -16.60 -8.69
N GLN E 28 33.10 -17.26 -7.63
CA GLN E 28 34.03 -18.36 -7.81
C GLN E 28 33.37 -19.50 -8.59
N GLY E 29 32.08 -19.73 -8.34
CA GLY E 29 31.36 -20.71 -9.15
C GLY E 29 31.23 -20.29 -10.59
N ASN E 30 30.99 -18.99 -10.82
CA ASN E 30 31.07 -18.45 -12.17
C ASN E 30 32.40 -18.82 -12.81
N ILE E 31 33.50 -18.62 -12.08
CA ILE E 31 34.83 -18.92 -12.59
C ILE E 31 34.96 -20.41 -12.92
N GLN E 32 34.49 -21.26 -12.02
CA GLN E 32 34.66 -22.70 -12.17
C GLN E 32 33.89 -23.23 -13.37
N ARG E 33 32.64 -22.79 -13.54
CA ARG E 33 31.78 -23.33 -14.59
C ARG E 33 31.93 -22.59 -15.91
N ALA E 34 32.66 -21.46 -15.92
CA ALA E 34 32.82 -20.69 -17.14
C ALA E 34 33.50 -21.50 -18.23
N ALA E 35 34.47 -22.34 -17.88
CA ALA E 35 35.15 -23.13 -18.90
C ALA E 35 34.17 -23.96 -19.71
N SER E 36 33.33 -24.74 -19.02
CA SER E 36 32.38 -25.61 -19.71
C SER E 36 31.34 -24.80 -20.47
N ARG E 37 30.74 -23.80 -19.80
CA ARG E 37 29.65 -23.10 -20.48
C ARG E 37 30.15 -22.23 -21.62
N LEU E 38 31.36 -21.68 -21.52
CA LEU E 38 31.93 -20.92 -22.63
C LEU E 38 32.40 -21.83 -23.75
N GLU E 39 32.84 -23.05 -23.45
CA GLU E 39 33.12 -24.01 -24.52
C GLU E 39 31.85 -24.34 -25.29
N ALA E 40 30.74 -24.55 -24.57
CA ALA E 40 29.47 -24.77 -25.23
C ALA E 40 29.07 -23.56 -26.07
N ALA E 41 29.24 -22.36 -25.52
CA ALA E 41 28.90 -21.14 -26.26
C ALA E 41 29.74 -21.00 -27.52
N GLU E 42 31.04 -21.28 -27.42
CA GLU E 42 31.93 -21.18 -28.57
C GLU E 42 31.55 -22.19 -29.65
N LYS E 43 31.26 -23.43 -29.25
CA LYS E 43 30.86 -24.43 -30.24
C LYS E 43 29.55 -24.05 -30.92
N LEU E 44 28.58 -23.56 -30.14
CA LEU E 44 27.31 -23.15 -30.71
C LEU E 44 27.48 -21.96 -31.64
N ALA E 45 28.32 -21.00 -31.25
CA ALA E 45 28.57 -19.85 -32.11
C ALA E 45 29.25 -20.24 -33.41
N GLY E 46 30.19 -21.18 -33.34
CA GLY E 46 30.88 -21.61 -34.55
C GLY E 46 30.07 -22.50 -35.46
N ASN E 47 29.08 -23.23 -34.92
CA ASN E 47 28.30 -24.16 -35.73
C ASN E 47 26.81 -23.87 -35.68
N HIS E 48 26.42 -22.61 -35.45
CA HIS E 48 25.01 -22.30 -35.22
C HIS E 48 24.17 -22.43 -36.48
N GLU E 49 24.72 -22.06 -37.64
CA GLU E 49 23.93 -22.10 -38.87
C GLU E 49 23.45 -23.52 -39.18
N ALA E 50 24.36 -24.48 -39.10
CA ALA E 50 23.97 -25.87 -39.37
C ALA E 50 23.08 -26.42 -38.27
N VAL E 51 23.34 -26.05 -37.01
CA VAL E 51 22.49 -26.48 -35.91
C VAL E 51 21.07 -25.95 -36.10
N VAL E 52 20.95 -24.67 -36.45
CA VAL E 52 19.64 -24.08 -36.67
C VAL E 52 18.95 -24.72 -37.86
N LYS E 53 19.70 -24.98 -38.94
CA LYS E 53 19.12 -25.64 -40.10
C LYS E 53 18.56 -27.02 -39.73
N GLU E 54 19.34 -27.80 -38.98
CA GLU E 54 18.89 -29.12 -38.57
C GLU E 54 17.65 -29.02 -37.66
N ALA E 55 17.66 -28.07 -36.73
CA ALA E 55 16.52 -27.91 -35.83
C ALA E 55 15.26 -27.54 -36.60
N GLY E 56 15.37 -26.62 -37.55
CA GLY E 56 14.21 -26.26 -38.36
C GLY E 56 13.72 -27.39 -39.24
N ASP E 57 14.65 -28.15 -39.83
CA ASP E 57 14.27 -29.30 -40.64
C ASP E 57 13.53 -30.33 -39.79
N ALA E 58 14.02 -30.59 -38.57
CA ALA E 58 13.34 -31.53 -37.69
C ALA E 58 11.97 -31.00 -37.26
N CYS E 59 11.88 -29.69 -37.00
CA CYS E 59 10.60 -29.10 -36.63
C CYS E 59 9.57 -29.27 -37.74
N PHE E 60 9.96 -29.02 -38.98
CA PHE E 60 9.03 -29.15 -40.09
C PHE E 60 8.80 -30.60 -40.51
N ALA E 61 9.72 -31.50 -40.21
CA ALA E 61 9.48 -32.93 -40.46
C ALA E 61 8.55 -33.53 -39.42
N LYS E 62 8.64 -33.08 -38.17
CA LYS E 62 7.71 -33.55 -37.14
C LYS E 62 6.30 -33.05 -37.41
N TYR E 63 6.16 -31.81 -37.89
CA TYR E 63 4.86 -31.19 -38.13
C TYR E 63 4.81 -30.67 -39.56
N PRO E 64 4.62 -31.56 -40.54
CA PRO E 64 4.41 -31.09 -41.92
C PRO E 64 3.13 -30.29 -42.08
N TYR E 65 2.17 -30.42 -41.16
CA TYR E 65 0.94 -29.65 -41.23
C TYR E 65 1.19 -28.14 -41.19
N LEU E 66 2.34 -27.72 -40.66
CA LEU E 66 2.67 -26.31 -40.62
C LEU E 66 2.73 -25.69 -42.01
N LYS E 67 2.93 -26.51 -43.05
CA LYS E 67 2.98 -26.00 -44.41
C LYS E 67 1.59 -25.79 -45.01
N ASN E 68 0.54 -26.33 -44.38
CA ASN E 68 -0.80 -26.19 -44.90
C ASN E 68 -1.22 -24.71 -44.86
N PRO E 69 -2.05 -24.27 -45.81
CA PRO E 69 -2.45 -22.86 -45.85
C PRO E 69 -3.15 -22.44 -44.57
N GLY E 70 -2.92 -21.19 -44.17
CA GLY E 70 -3.45 -20.67 -42.93
C GLY E 70 -2.67 -21.05 -41.69
N GLU E 71 -1.61 -21.84 -41.84
CA GLU E 71 -0.79 -22.27 -40.73
C GLU E 71 0.57 -21.57 -40.78
N ALA E 72 1.24 -21.54 -39.63
CA ALA E 72 2.58 -20.95 -39.53
C ALA E 72 3.52 -21.80 -40.35
N GLY E 73 4.02 -21.23 -41.44
CA GLY E 73 4.91 -21.95 -42.33
C GLY E 73 4.29 -22.32 -43.66
N ASP E 74 3.14 -21.73 -43.98
CA ASP E 74 2.49 -22.01 -45.25
C ASP E 74 3.09 -21.22 -46.40
N SER E 75 4.04 -20.33 -46.13
CA SER E 75 4.75 -19.58 -47.16
C SER E 75 6.24 -19.69 -46.89
N GLN E 76 7.03 -19.49 -47.95
CA GLN E 76 8.49 -19.54 -47.79
C GLN E 76 8.98 -18.47 -46.82
N GLU E 77 8.32 -17.31 -46.81
CA GLU E 77 8.68 -16.27 -45.85
C GLU E 77 8.43 -16.74 -44.41
N LYS E 78 7.33 -17.45 -44.17
CA LYS E 78 7.04 -17.92 -42.82
C LYS E 78 8.00 -19.04 -42.41
N ILE E 79 8.39 -19.90 -43.35
CA ILE E 79 9.40 -20.92 -43.04
C ILE E 79 10.74 -20.26 -42.72
N ASN E 80 11.11 -19.23 -43.48
CA ASN E 80 12.33 -18.48 -43.20
C ASN E 80 12.24 -17.82 -41.83
N LYS E 81 11.07 -17.31 -41.46
CA LYS E 81 10.90 -16.74 -40.14
C LYS E 81 10.98 -17.80 -39.05
N CYS E 82 10.52 -19.02 -39.33
CA CYS E 82 10.70 -20.12 -38.38
C CYS E 82 12.18 -20.41 -38.16
N TYR E 83 12.95 -20.53 -39.23
CA TYR E 83 14.37 -20.77 -39.09
C TYR E 83 15.07 -19.60 -38.40
N ARG E 84 14.61 -18.37 -38.69
CA ARG E 84 15.17 -17.20 -38.01
C ARG E 84 14.82 -17.20 -36.53
N ASP E 85 13.62 -17.67 -36.18
CA ASP E 85 13.26 -17.78 -34.77
C ASP E 85 14.12 -18.80 -34.05
N ILE E 86 14.37 -19.94 -34.70
CA ILE E 86 15.27 -20.93 -34.11
C ILE E 86 16.68 -20.36 -33.98
N ASP E 87 17.11 -19.56 -34.97
CA ASP E 87 18.39 -18.89 -34.87
C ASP E 87 18.41 -17.90 -33.70
N HIS E 88 17.32 -17.16 -33.51
CA HIS E 88 17.23 -16.24 -32.40
C HIS E 88 17.33 -16.97 -31.07
N TYR E 89 16.63 -18.10 -30.96
CA TYR E 89 16.68 -18.88 -29.72
C TYR E 89 18.06 -19.46 -29.49
N MET E 90 18.73 -19.92 -30.55
CA MET E 90 20.07 -20.46 -30.37
C MET E 90 21.06 -19.35 -30.02
N ARG E 91 20.87 -18.15 -30.57
CA ARG E 91 21.69 -17.01 -30.19
C ARG E 91 21.47 -16.65 -28.73
N LEU E 92 20.22 -16.70 -28.28
CA LEU E 92 19.94 -16.43 -26.86
C LEU E 92 20.49 -17.52 -25.97
N ILE E 93 20.53 -18.76 -26.46
CA ILE E 93 21.14 -19.85 -25.69
C ILE E 93 22.65 -19.64 -25.60
N ASN E 94 23.27 -19.21 -26.69
CA ASN E 94 24.67 -18.84 -26.67
C ASN E 94 24.92 -17.71 -25.69
N TYR E 95 24.02 -16.73 -25.67
CA TYR E 95 24.11 -15.62 -24.72
C TYR E 95 23.97 -16.12 -23.29
N SER E 96 23.07 -17.07 -23.05
CA SER E 96 22.91 -17.62 -21.71
C SER E 96 24.15 -18.38 -21.28
N LEU E 97 24.74 -19.15 -22.20
CA LEU E 97 25.98 -19.87 -21.89
C LEU E 97 27.11 -18.90 -21.57
N VAL E 98 27.23 -17.82 -22.35
CA VAL E 98 28.26 -16.81 -22.08
C VAL E 98 27.99 -16.13 -20.74
N VAL E 99 26.75 -15.74 -20.49
CA VAL E 99 26.37 -15.03 -19.28
C VAL E 99 26.45 -15.94 -18.06
N GLY E 100 26.10 -17.21 -18.22
CA GLY E 100 26.03 -18.13 -17.11
C GLY E 100 24.68 -18.26 -16.47
N GLY E 101 23.67 -17.56 -16.98
CA GLY E 101 22.32 -17.66 -16.46
C GLY E 101 21.32 -17.51 -17.58
N THR E 102 20.06 -17.77 -17.26
CA THR E 102 18.98 -17.70 -18.24
C THR E 102 18.55 -16.27 -18.54
N GLY E 103 19.27 -15.27 -18.05
CA GLY E 103 18.93 -13.88 -18.23
C GLY E 103 18.59 -13.49 -19.65
N PRO E 104 19.54 -13.65 -20.58
CA PRO E 104 19.25 -13.29 -21.98
C PRO E 104 18.03 -14.01 -22.53
N LEU E 105 17.91 -15.31 -22.27
CA LEU E 105 16.74 -16.05 -22.70
C LEU E 105 15.46 -15.45 -22.10
N ASP E 106 15.44 -15.30 -20.78
CA ASP E 106 14.25 -14.79 -20.10
C ASP E 106 13.82 -13.44 -20.68
N GLU E 107 14.75 -12.51 -20.83
CA GLU E 107 14.36 -11.17 -21.25
C GLU E 107 14.05 -11.07 -22.73
N TRP E 108 14.74 -11.85 -23.58
CA TRP E 108 14.67 -11.57 -25.01
C TRP E 108 13.91 -12.61 -25.82
N GLY E 109 13.77 -13.84 -25.33
CA GLY E 109 13.04 -14.84 -26.10
C GLY E 109 11.84 -15.42 -25.39
N ILE E 110 11.88 -15.46 -24.05
CA ILE E 110 10.85 -16.15 -23.29
C ILE E 110 9.75 -15.18 -22.85
N ALA E 111 10.12 -14.05 -22.27
CA ALA E 111 9.14 -13.08 -21.81
C ALA E 111 8.26 -12.64 -22.97
N GLY E 112 6.95 -12.81 -22.83
CA GLY E 112 6.02 -12.44 -23.85
C GLY E 112 5.92 -13.39 -25.02
N ALA E 113 6.76 -14.43 -25.08
CA ALA E 113 6.69 -15.37 -26.18
C ALA E 113 5.35 -16.10 -26.20
N ARG E 114 4.79 -16.35 -25.02
CA ARG E 114 3.46 -16.96 -24.93
C ARG E 114 2.43 -16.14 -25.70
N GLU E 115 2.35 -14.84 -25.39
CA GLU E 115 1.38 -13.99 -26.06
C GLU E 115 1.68 -13.84 -27.54
N VAL E 116 2.95 -13.71 -27.91
CA VAL E 116 3.32 -13.57 -29.32
C VAL E 116 2.88 -14.80 -30.10
N TYR E 117 3.17 -15.99 -29.56
CA TYR E 117 2.88 -17.22 -30.30
C TYR E 117 1.39 -17.51 -30.33
N ARG E 118 0.65 -17.16 -29.27
CA ARG E 118 -0.79 -17.29 -29.32
C ARG E 118 -1.39 -16.33 -30.35
N ALA E 119 -0.88 -15.10 -30.41
CA ALA E 119 -1.43 -14.11 -31.33
C ALA E 119 -1.14 -14.46 -32.78
N LEU E 120 0.06 -15.01 -33.06
CA LEU E 120 0.49 -15.29 -34.42
C LEU E 120 0.27 -16.74 -34.82
N ASN E 121 -0.46 -17.51 -34.02
CA ASN E 121 -0.74 -18.92 -34.32
C ASN E 121 0.55 -19.70 -34.54
N LEU E 122 1.51 -19.50 -33.64
CA LEU E 122 2.76 -20.23 -33.68
C LEU E 122 2.69 -21.32 -32.62
N PRO E 123 2.48 -22.57 -32.99
CA PRO E 123 2.40 -23.65 -31.97
C PRO E 123 3.73 -23.81 -31.26
N GLY E 124 3.67 -23.75 -29.93
CA GLY E 124 4.88 -23.95 -29.14
C GLY E 124 5.47 -25.32 -29.31
N SER E 125 4.66 -26.30 -29.74
CA SER E 125 5.16 -27.65 -29.98
C SER E 125 6.21 -27.67 -31.08
N SER E 126 6.11 -26.77 -32.06
CA SER E 126 7.11 -26.72 -33.12
C SER E 126 8.48 -26.27 -32.58
N TYR E 127 8.49 -25.19 -31.79
CA TYR E 127 9.71 -24.76 -31.14
C TYR E 127 10.26 -25.86 -30.23
N ILE E 128 9.36 -26.51 -29.48
CA ILE E 128 9.78 -27.59 -28.58
C ILE E 128 10.41 -28.72 -29.37
N ALA E 129 9.83 -29.08 -30.52
CA ALA E 129 10.40 -30.13 -31.34
C ALA E 129 11.78 -29.75 -31.84
N ALA E 130 11.94 -28.50 -32.29
CA ALA E 130 13.25 -28.05 -32.75
C ALA E 130 14.30 -28.14 -31.63
N PHE E 131 13.95 -27.66 -30.44
CA PHE E 131 14.93 -27.65 -29.36
C PHE E 131 15.18 -29.05 -28.81
N VAL E 132 14.16 -29.91 -28.80
CA VAL E 132 14.34 -31.29 -28.37
C VAL E 132 15.25 -32.02 -29.35
N PHE E 133 15.08 -31.78 -30.65
CA PHE E 133 15.98 -32.37 -31.63
C PHE E 133 17.40 -31.88 -31.45
N THR E 134 17.56 -30.58 -31.19
CA THR E 134 18.90 -30.05 -30.95
C THR E 134 19.54 -30.67 -29.72
N ARG E 135 18.75 -30.85 -28.65
CA ARG E 135 19.27 -31.40 -27.41
C ARG E 135 19.66 -32.86 -27.57
N ASP E 136 18.79 -33.67 -28.18
CA ASP E 136 19.06 -35.09 -28.35
C ASP E 136 20.08 -35.36 -29.45
N ARG E 137 20.27 -34.41 -30.37
CA ARG E 137 21.22 -34.57 -31.47
C ARG E 137 22.65 -34.39 -30.99
N LEU E 138 22.84 -33.64 -29.91
CA LEU E 138 24.16 -33.37 -29.38
C LEU E 138 24.83 -34.65 -28.91
N CYS E 139 26.13 -34.78 -29.20
CA CYS E 139 26.91 -35.97 -28.89
C CYS E 139 28.13 -35.58 -28.08
N VAL E 140 28.51 -36.44 -27.12
CA VAL E 140 29.69 -36.16 -26.26
C VAL E 140 30.82 -37.12 -26.65
N PRO E 141 32.09 -36.66 -26.70
CA PRO E 141 32.38 -35.25 -26.87
C PRO E 141 32.44 -34.83 -28.34
N ARG E 142 31.87 -35.65 -29.22
CA ARG E 142 31.89 -35.35 -30.67
C ARG E 142 31.58 -33.85 -30.87
N ASP E 143 30.50 -33.37 -30.23
CA ASP E 143 30.10 -31.94 -30.42
C ASP E 143 30.77 -31.09 -29.33
N MET E 144 30.67 -31.49 -28.06
CA MET E 144 31.33 -30.72 -26.97
C MET E 144 31.61 -31.62 -25.77
N SER E 145 32.46 -31.16 -24.84
CA SER E 145 32.78 -31.91 -23.63
C SER E 145 31.51 -32.21 -22.85
N ALA E 146 31.64 -33.12 -21.88
CA ALA E 146 30.48 -33.57 -21.12
C ALA E 146 29.80 -32.41 -20.41
N GLN E 147 30.58 -31.54 -19.77
CA GLN E 147 29.99 -30.46 -18.99
C GLN E 147 29.49 -29.33 -19.88
N ALA E 148 30.18 -29.05 -20.98
CA ALA E 148 29.64 -28.13 -21.97
C ALA E 148 28.31 -28.65 -22.52
N ALA E 149 28.24 -29.96 -22.76
CA ALA E 149 26.98 -30.57 -23.17
C ALA E 149 25.92 -30.41 -22.09
N VAL E 150 26.31 -30.54 -20.82
CA VAL E 150 25.35 -30.36 -19.73
C VAL E 150 24.78 -28.95 -19.76
N GLU E 151 25.64 -27.95 -19.92
CA GLU E 151 25.16 -26.56 -19.94
C GLU E 151 24.30 -26.29 -21.17
N PHE E 152 24.71 -26.81 -22.34
CA PHE E 152 23.94 -26.60 -23.57
C PHE E 152 22.56 -27.24 -23.47
N SER E 153 22.51 -28.51 -23.02
CA SER E 153 21.22 -29.19 -22.85
C SER E 153 20.40 -28.54 -21.74
N GLY E 154 21.05 -27.97 -20.73
CA GLY E 154 20.31 -27.27 -19.70
C GLY E 154 19.63 -26.03 -20.24
N ALA E 155 20.35 -25.25 -21.05
CA ALA E 155 19.73 -24.09 -21.68
C ALA E 155 18.58 -24.50 -22.60
N LEU E 156 18.79 -25.56 -23.39
CA LEU E 156 17.73 -26.03 -24.29
C LEU E 156 16.52 -26.52 -23.51
N ASP E 157 16.74 -27.25 -22.41
CA ASP E 157 15.62 -27.71 -21.59
C ASP E 157 14.93 -26.55 -20.90
N TYR E 158 15.67 -25.50 -20.55
CA TYR E 158 15.05 -24.30 -20.00
C TYR E 158 14.12 -23.66 -21.02
N VAL E 159 14.57 -23.56 -22.27
CA VAL E 159 13.69 -23.02 -23.32
C VAL E 159 12.46 -23.89 -23.49
N ILE E 160 12.67 -25.21 -23.53
CA ILE E 160 11.56 -26.14 -23.72
C ILE E 160 10.54 -25.99 -22.60
N ASN E 161 11.02 -25.95 -21.36
CA ASN E 161 10.12 -25.79 -20.22
C ASN E 161 9.41 -24.45 -20.25
N SER E 162 10.08 -23.40 -20.72
CA SER E 162 9.41 -22.13 -20.91
C SER E 162 8.31 -22.23 -21.95
N LEU E 163 8.45 -23.15 -22.91
CA LEU E 163 7.44 -23.33 -23.94
C LEU E 163 6.36 -24.35 -23.57
N CYS E 164 6.64 -25.29 -22.67
CA CYS E 164 5.63 -26.27 -22.29
C CYS E 164 5.18 -26.04 -20.85
N MET F 1 15.57 -19.14 5.41
CA MET F 1 15.67 -20.56 5.10
C MET F 1 17.05 -21.10 5.47
N LEU F 2 17.18 -22.41 5.46
CA LEU F 2 18.42 -23.09 5.82
C LEU F 2 18.85 -24.04 4.72
N ASP F 3 20.14 -24.34 4.69
CA ASP F 3 20.70 -25.40 3.87
C ASP F 3 21.32 -26.44 4.80
N ALA F 4 22.03 -27.42 4.22
CA ALA F 4 22.67 -28.44 5.03
C ALA F 4 23.69 -27.83 5.98
N PHE F 5 24.50 -26.88 5.48
CA PHE F 5 25.46 -26.19 6.33
C PHE F 5 24.74 -25.36 7.39
N SER F 6 23.69 -24.64 6.99
CA SER F 6 22.92 -23.86 7.95
C SER F 6 22.24 -24.75 8.97
N ARG F 7 21.76 -25.93 8.54
CA ARG F 7 21.17 -26.86 9.48
C ARG F 7 22.19 -27.35 10.50
N VAL F 8 23.40 -27.68 10.03
CA VAL F 8 24.45 -28.12 10.94
C VAL F 8 24.80 -27.01 11.92
N VAL F 9 24.88 -25.77 11.44
CA VAL F 9 25.20 -24.65 12.31
C VAL F 9 24.11 -24.43 13.35
N VAL F 10 22.84 -24.50 12.92
CA VAL F 10 21.73 -24.33 13.85
C VAL F 10 21.76 -25.42 14.92
N ASN F 11 22.02 -26.66 14.52
CA ASN F 11 22.11 -27.74 15.49
C ASN F 11 23.26 -27.49 16.46
N SER F 12 24.42 -27.06 15.95
CA SER F 12 25.55 -26.75 16.82
C SER F 12 25.24 -25.56 17.72
N ASP F 13 24.54 -24.56 17.20
CA ASP F 13 24.22 -23.37 17.99
C ASP F 13 23.38 -23.72 19.21
N SER F 14 22.60 -24.80 19.12
CA SER F 14 21.78 -25.22 20.25
C SER F 14 22.61 -25.57 21.48
N LYS F 15 23.79 -26.15 21.28
CA LYS F 15 24.68 -26.51 22.37
C LYS F 15 25.79 -25.50 22.58
N ALA F 16 25.72 -24.33 21.94
CA ALA F 16 26.79 -23.33 21.98
C ALA F 16 28.13 -23.95 21.60
N ALA F 17 28.10 -24.82 20.61
CA ALA F 17 29.27 -25.59 20.22
C ALA F 17 29.76 -25.15 18.86
N TYR F 18 31.08 -25.02 18.74
CA TYR F 18 31.69 -24.88 17.43
C TYR F 18 31.42 -26.15 16.63
N VAL F 19 31.29 -25.99 15.31
CA VAL F 19 30.89 -27.12 14.47
C VAL F 19 31.90 -28.24 14.62
N SER F 20 31.43 -29.39 15.10
CA SER F 20 32.31 -30.48 15.49
C SER F 20 32.96 -31.12 14.27
N GLY F 21 33.91 -32.02 14.54
CA GLY F 21 34.59 -32.72 13.46
C GLY F 21 33.65 -33.61 12.67
N SER F 22 32.72 -34.29 13.35
CA SER F 22 31.78 -35.16 12.66
C SER F 22 30.86 -34.37 11.74
N ASP F 23 30.32 -33.24 12.22
CA ASP F 23 29.49 -32.40 11.37
C ASP F 23 30.29 -31.81 10.21
N LEU F 24 31.53 -31.42 10.47
CA LEU F 24 32.38 -30.90 9.40
C LEU F 24 32.64 -31.96 8.35
N GLN F 25 32.86 -33.21 8.78
CA GLN F 25 33.07 -34.30 7.82
C GLN F 25 31.80 -34.59 7.04
N ALA F 26 30.64 -34.50 7.69
CA ALA F 26 29.38 -34.67 6.98
C ALA F 26 29.20 -33.60 5.91
N LEU F 27 29.54 -32.35 6.24
CA LEU F 27 29.43 -31.28 5.25
C LEU F 27 30.49 -31.40 4.15
N LYS F 28 31.66 -31.94 4.49
CA LYS F 28 32.65 -32.24 3.46
C LYS F 28 32.17 -33.33 2.51
N THR F 29 31.45 -34.32 3.04
CA THR F 29 30.80 -35.31 2.18
C THR F 29 29.75 -34.66 1.30
N PHE F 30 28.97 -33.74 1.88
CA PHE F 30 27.99 -32.98 1.11
C PHE F 30 28.64 -32.24 -0.05
N ILE F 31 29.77 -31.60 0.21
CA ILE F 31 30.50 -30.87 -0.83
C ILE F 31 31.06 -31.85 -1.86
N ALA F 32 31.67 -32.95 -1.40
CA ALA F 32 32.23 -33.94 -2.32
C ALA F 32 31.15 -34.57 -3.17
N ASP F 33 29.92 -34.64 -2.67
CA ASP F 33 28.78 -35.07 -3.46
C ASP F 33 28.05 -33.90 -4.10
N GLY F 34 28.63 -32.69 -4.01
CA GLY F 34 27.95 -31.51 -4.52
C GLY F 34 27.74 -31.55 -6.02
N ASN F 35 28.70 -32.09 -6.76
CA ASN F 35 28.52 -32.25 -8.20
C ASN F 35 27.38 -33.20 -8.50
N LYS F 36 27.27 -34.30 -7.74
CA LYS F 36 26.12 -35.19 -7.91
C LYS F 36 24.82 -34.49 -7.56
N ARG F 37 24.84 -33.67 -6.51
CA ARG F 37 23.64 -32.94 -6.13
C ARG F 37 23.21 -31.97 -7.22
N LEU F 38 24.16 -31.28 -7.83
CA LEU F 38 23.85 -30.40 -8.96
C LEU F 38 23.33 -31.20 -10.15
N ASP F 39 23.93 -32.37 -10.40
CA ASP F 39 23.40 -33.28 -11.41
C ASP F 39 21.92 -33.58 -11.15
N ALA F 40 21.60 -33.92 -9.90
CA ALA F 40 20.24 -34.29 -9.54
C ALA F 40 19.27 -33.12 -9.71
N VAL F 41 19.67 -31.94 -9.24
CA VAL F 41 18.81 -30.77 -9.36
C VAL F 41 18.59 -30.42 -10.82
N ASN F 42 19.64 -30.53 -11.65
CA ASN F 42 19.50 -30.28 -13.07
C ASN F 42 18.56 -31.28 -13.71
N SER F 43 18.64 -32.56 -13.31
CA SER F 43 17.75 -33.57 -13.86
C SER F 43 16.30 -33.29 -13.49
N ILE F 44 16.05 -32.79 -12.28
CA ILE F 44 14.68 -32.46 -11.89
C ILE F 44 14.18 -31.24 -12.66
N VAL F 45 14.96 -30.16 -12.66
CA VAL F 45 14.47 -28.90 -13.23
C VAL F 45 14.35 -28.99 -14.74
N SER F 46 15.25 -29.72 -15.41
CA SER F 46 15.18 -29.87 -16.85
C SER F 46 13.97 -30.69 -17.29
N ASN F 47 13.31 -31.38 -16.36
CA ASN F 47 12.11 -32.15 -16.65
C ASN F 47 10.95 -31.75 -15.76
N ALA F 48 10.96 -30.52 -15.25
CA ALA F 48 9.97 -30.09 -14.27
C ALA F 48 8.56 -30.12 -14.86
N SER F 49 8.41 -29.56 -16.07
CA SER F 49 7.10 -29.59 -16.73
C SER F 49 6.66 -31.02 -16.97
N CYS F 50 7.59 -31.86 -17.45
CA CYS F 50 7.32 -33.29 -17.62
C CYS F 50 6.81 -33.91 -16.32
N ILE F 51 7.55 -33.70 -15.22
CA ILE F 51 7.20 -34.33 -13.96
C ILE F 51 5.82 -33.88 -13.49
N VAL F 52 5.57 -32.57 -13.52
CA VAL F 52 4.33 -32.03 -12.97
C VAL F 52 3.14 -32.46 -13.82
N SER F 53 3.26 -32.31 -15.14
CA SER F 53 2.16 -32.69 -16.03
C SER F 53 1.86 -34.18 -15.91
N ASP F 54 2.91 -35.01 -15.88
CA ASP F 54 2.70 -36.45 -15.75
C ASP F 54 2.04 -36.79 -14.43
N ALA F 55 2.47 -36.16 -13.33
CA ALA F 55 1.90 -36.48 -12.03
C ALA F 55 0.44 -36.09 -11.95
N VAL F 56 0.10 -34.89 -12.43
CA VAL F 56 -1.29 -34.45 -12.37
C VAL F 56 -2.15 -35.31 -13.29
N SER F 57 -1.64 -35.63 -14.49
CA SER F 57 -2.41 -36.48 -15.41
C SER F 57 -2.64 -37.87 -14.83
N GLY F 58 -1.64 -38.45 -14.18
CA GLY F 58 -1.82 -39.74 -13.55
C GLY F 58 -2.80 -39.69 -12.40
N MET F 59 -2.70 -38.65 -11.57
CA MET F 59 -3.66 -38.48 -10.49
C MET F 59 -5.08 -38.39 -11.02
N ILE F 60 -5.25 -37.74 -12.17
CA ILE F 60 -6.57 -37.65 -12.78
C ILE F 60 -7.00 -38.99 -13.37
N CYS F 61 -6.07 -39.71 -14.02
CA CYS F 61 -6.42 -40.97 -14.66
C CYS F 61 -6.85 -42.01 -13.64
N GLU F 62 -6.15 -42.12 -12.51
CA GLU F 62 -6.57 -43.05 -11.48
C GLU F 62 -7.87 -42.61 -10.80
N ASN F 63 -8.13 -41.30 -10.73
CA ASN F 63 -9.32 -40.77 -10.08
C ASN F 63 -10.03 -39.83 -11.06
N PRO F 64 -10.82 -40.38 -11.98
CA PRO F 64 -11.58 -39.52 -12.90
C PRO F 64 -12.67 -38.69 -12.22
N GLY F 65 -12.96 -38.93 -10.94
CA GLY F 65 -13.88 -38.07 -10.22
C GLY F 65 -13.34 -36.68 -9.99
N LEU F 66 -12.02 -36.50 -10.09
CA LEU F 66 -11.41 -35.19 -9.92
C LEU F 66 -11.81 -34.24 -11.05
N ILE F 67 -11.97 -34.76 -12.27
CA ILE F 67 -12.34 -33.94 -13.42
C ILE F 67 -13.84 -33.95 -13.67
N ALA F 68 -14.59 -34.78 -12.96
CA ALA F 68 -16.04 -34.73 -13.04
C ALA F 68 -16.55 -33.46 -12.37
N PRO F 69 -17.76 -33.01 -12.72
CA PRO F 69 -18.32 -31.82 -12.06
C PRO F 69 -18.39 -32.01 -10.56
N GLY F 70 -18.00 -30.97 -9.82
CA GLY F 70 -17.79 -31.07 -8.40
C GLY F 70 -16.42 -31.57 -8.01
N GLY F 71 -15.71 -32.21 -8.94
CA GLY F 71 -14.35 -32.60 -8.68
C GLY F 71 -13.42 -31.40 -8.65
N ASN F 72 -12.26 -31.59 -8.03
CA ASN F 72 -11.32 -30.49 -7.81
C ASN F 72 -10.46 -30.18 -9.03
N CYS F 73 -10.51 -30.99 -10.08
CA CYS F 73 -9.75 -30.73 -11.31
C CYS F 73 -10.65 -30.35 -12.48
N TYR F 74 -11.97 -30.45 -12.31
CA TYR F 74 -12.92 -29.84 -13.23
C TYR F 74 -12.71 -28.33 -13.25
N THR F 75 -13.22 -27.66 -14.28
CA THR F 75 -12.97 -26.21 -14.42
C THR F 75 -11.50 -25.89 -14.62
N ASN F 76 -11.08 -25.83 -15.90
CA ASN F 76 -9.73 -25.46 -16.30
C ASN F 76 -9.05 -24.48 -15.35
N ARG F 77 -9.79 -23.55 -14.74
CA ARG F 77 -9.21 -22.76 -13.66
C ARG F 77 -8.66 -23.64 -12.55
N ARG F 78 -9.47 -24.59 -12.06
CA ARG F 78 -8.99 -25.50 -11.03
C ARG F 78 -7.89 -26.41 -11.57
N MET F 79 -8.00 -26.82 -12.84
CA MET F 79 -6.95 -27.63 -13.44
C MET F 79 -5.62 -26.90 -13.46
N ALA F 80 -5.62 -25.62 -13.86
CA ALA F 80 -4.40 -24.84 -13.87
C ALA F 80 -3.89 -24.59 -12.47
N ALA F 81 -4.81 -24.41 -11.50
CA ALA F 81 -4.38 -24.29 -10.12
C ALA F 81 -3.70 -25.56 -9.64
N CYS F 82 -4.21 -26.72 -10.03
CA CYS F 82 -3.61 -28.00 -9.66
C CYS F 82 -2.23 -28.16 -10.30
N LEU F 83 -2.11 -27.83 -11.59
CA LEU F 83 -0.81 -27.91 -12.25
C LEU F 83 0.17 -26.93 -11.63
N ARG F 84 -0.30 -25.74 -11.28
CA ARG F 84 0.54 -24.75 -10.62
C ARG F 84 1.00 -25.24 -9.26
N ASP F 85 0.11 -25.89 -8.50
CA ASP F 85 0.50 -26.40 -7.20
C ASP F 85 1.51 -27.53 -7.32
N GLY F 86 1.32 -28.42 -8.30
CA GLY F 86 2.32 -29.43 -8.56
C GLY F 86 3.67 -28.83 -8.92
N GLU F 87 3.65 -27.79 -9.77
CA GLU F 87 4.90 -27.12 -10.14
C GLU F 87 5.55 -26.45 -8.94
N ILE F 88 4.74 -25.83 -8.07
CA ILE F 88 5.27 -25.17 -6.88
C ILE F 88 5.89 -26.18 -5.93
N ILE F 89 5.18 -27.31 -5.72
CA ILE F 89 5.70 -28.35 -4.83
C ILE F 89 6.99 -28.91 -5.38
N LEU F 90 7.05 -29.18 -6.69
CA LEU F 90 8.29 -29.67 -7.28
C LEU F 90 9.40 -28.63 -7.21
N ARG F 91 9.06 -27.34 -7.37
CA ARG F 91 10.05 -26.28 -7.27
C ARG F 91 10.65 -26.21 -5.87
N TYR F 92 9.81 -26.31 -4.85
CA TYR F 92 10.33 -26.27 -3.48
C TYR F 92 11.05 -27.56 -3.13
N THR F 93 10.64 -28.69 -3.70
CA THR F 93 11.40 -29.93 -3.54
C THR F 93 12.78 -29.80 -4.16
N SER F 94 12.86 -29.18 -5.34
CA SER F 94 14.15 -28.93 -5.98
C SER F 94 14.99 -27.96 -5.15
N TYR F 95 14.35 -26.95 -4.55
CA TYR F 95 15.04 -26.06 -3.63
C TYR F 95 15.64 -26.84 -2.46
N ALA F 96 14.85 -27.74 -1.87
CA ALA F 96 15.33 -28.55 -0.76
C ALA F 96 16.48 -29.47 -1.19
N LEU F 97 16.36 -30.07 -2.38
CA LEU F 97 17.42 -30.93 -2.88
C LEU F 97 18.71 -30.15 -3.12
N LEU F 98 18.59 -28.96 -3.70
CA LEU F 98 19.77 -28.13 -3.92
C LEU F 98 20.38 -27.68 -2.60
N ALA F 99 19.55 -27.33 -1.63
CA ALA F 99 20.03 -26.87 -0.34
C ALA F 99 20.50 -28.01 0.55
N GLY F 100 20.07 -29.24 0.28
CA GLY F 100 20.37 -30.34 1.17
C GLY F 100 19.56 -30.33 2.45
N ASP F 101 18.55 -29.47 2.54
CA ASP F 101 17.74 -29.36 3.74
C ASP F 101 16.32 -29.01 3.34
N SER F 102 15.36 -29.45 4.16
CA SER F 102 13.94 -29.27 3.86
C SER F 102 13.36 -28.00 4.46
N SER F 103 14.19 -27.12 5.03
CA SER F 103 13.67 -25.93 5.68
C SER F 103 12.93 -25.03 4.70
N VAL F 104 13.49 -24.84 3.50
CA VAL F 104 12.82 -23.98 2.52
C VAL F 104 11.45 -24.55 2.16
N LEU F 105 11.38 -25.85 1.90
CA LEU F 105 10.11 -26.48 1.57
C LEU F 105 9.11 -26.34 2.71
N GLU F 106 9.50 -26.76 3.91
CA GLU F 106 8.58 -26.77 5.04
C GLU F 106 8.13 -25.37 5.42
N ASP F 107 8.98 -24.37 5.21
CA ASP F 107 8.70 -23.02 5.66
C ASP F 107 8.00 -22.17 4.60
N ARG F 108 8.14 -22.50 3.32
CA ARG F 108 7.57 -21.66 2.27
C ARG F 108 6.49 -22.32 1.44
N CYS F 109 6.38 -23.64 1.45
CA CYS F 109 5.33 -24.33 0.71
C CYS F 109 4.40 -25.12 1.63
N LEU F 110 4.97 -25.96 2.50
CA LEU F 110 4.17 -26.80 3.38
C LEU F 110 3.59 -26.04 4.57
N ASN F 111 4.15 -24.89 4.91
CA ASN F 111 3.67 -24.12 6.05
C ASN F 111 2.25 -23.62 5.78
N GLY F 112 1.26 -24.21 6.44
CA GLY F 112 -0.12 -23.84 6.23
C GLY F 112 -0.77 -24.40 5.00
N LEU F 113 -0.08 -25.29 4.27
CA LEU F 113 -0.65 -25.84 3.05
C LEU F 113 -1.82 -26.78 3.33
N LYS F 114 -1.72 -27.57 4.39
CA LYS F 114 -2.78 -28.54 4.70
C LYS F 114 -4.09 -27.82 5.02
N GLU F 115 -4.03 -26.80 5.89
CA GLU F 115 -5.25 -26.08 6.22
C GLU F 115 -5.76 -25.27 5.03
N THR F 116 -4.86 -24.77 4.18
CA THR F 116 -5.29 -24.09 2.97
C THR F 116 -6.06 -25.03 2.06
N TYR F 117 -5.55 -26.25 1.88
CA TYR F 117 -6.24 -27.23 1.03
C TYR F 117 -7.56 -27.65 1.65
N ILE F 118 -7.60 -27.80 2.98
CA ILE F 118 -8.84 -28.18 3.65
C ILE F 118 -9.90 -27.10 3.45
N ALA F 119 -9.50 -25.84 3.63
CA ALA F 119 -10.43 -24.73 3.42
C ALA F 119 -10.90 -24.67 1.97
N LEU F 120 -9.98 -24.89 1.04
CA LEU F 120 -10.34 -24.86 -0.39
C LEU F 120 -11.10 -26.10 -0.83
N GLY F 121 -11.08 -27.16 -0.04
CA GLY F 121 -11.69 -28.41 -0.46
C GLY F 121 -10.83 -29.26 -1.36
N VAL F 122 -9.54 -28.96 -1.46
CA VAL F 122 -8.60 -29.76 -2.24
C VAL F 122 -8.44 -31.12 -1.57
N PRO F 123 -8.68 -32.22 -2.29
CA PRO F 123 -8.63 -33.55 -1.64
C PRO F 123 -7.20 -33.92 -1.27
N THR F 124 -6.99 -34.25 0.01
CA THR F 124 -5.66 -34.59 0.47
C THR F 124 -5.17 -35.91 -0.12
N ASN F 125 -6.07 -36.86 -0.35
CA ASN F 125 -5.66 -38.13 -0.95
C ASN F 125 -5.17 -37.93 -2.38
N SER F 126 -5.90 -37.13 -3.17
CA SER F 126 -5.48 -36.87 -4.54
C SER F 126 -4.19 -36.06 -4.59
N THR F 127 -4.05 -35.08 -3.69
CA THR F 127 -2.80 -34.31 -3.63
C THR F 127 -1.64 -35.21 -3.26
N ALA F 128 -1.84 -36.13 -2.31
CA ALA F 128 -0.80 -37.07 -1.94
C ALA F 128 -0.44 -37.99 -3.10
N ARG F 129 -1.44 -38.42 -3.87
CA ARG F 129 -1.18 -39.25 -5.04
C ARG F 129 -0.34 -38.49 -6.07
N ALA F 130 -0.70 -37.23 -6.32
CA ALA F 130 0.06 -36.42 -7.27
C ALA F 130 1.50 -36.21 -6.79
N VAL F 131 1.67 -35.95 -5.49
CA VAL F 131 3.01 -35.76 -4.94
C VAL F 131 3.80 -37.05 -5.00
N SER F 132 3.15 -38.19 -4.80
CA SER F 132 3.84 -39.47 -4.90
C SER F 132 4.27 -39.78 -6.32
N ILE F 133 3.44 -39.44 -7.31
CA ILE F 133 3.85 -39.63 -8.70
C ILE F 133 4.99 -38.69 -9.04
N MET F 134 4.93 -37.44 -8.56
CA MET F 134 6.07 -36.53 -8.70
C MET F 134 7.32 -37.11 -8.07
N LYS F 135 7.17 -37.75 -6.91
CA LYS F 135 8.31 -38.36 -6.24
C LYS F 135 8.91 -39.47 -7.09
N SER F 136 8.06 -40.36 -7.62
CA SER F 136 8.57 -41.46 -8.43
C SER F 136 9.28 -40.94 -9.68
N SER F 137 8.66 -39.99 -10.38
CA SER F 137 9.27 -39.46 -11.59
C SER F 137 10.56 -38.69 -11.29
N ALA F 138 10.56 -37.88 -10.23
CA ALA F 138 11.76 -37.13 -9.86
C ALA F 138 12.89 -38.07 -9.47
N VAL F 139 12.58 -39.12 -8.71
CA VAL F 139 13.61 -40.09 -8.32
C VAL F 139 14.14 -40.81 -9.55
N ALA F 140 13.26 -41.17 -10.48
CA ALA F 140 13.72 -41.80 -11.72
C ALA F 140 14.64 -40.86 -12.50
N PHE F 141 14.34 -39.56 -12.51
CA PHE F 141 15.20 -38.61 -13.20
C PHE F 141 16.52 -38.44 -12.46
N ILE F 142 16.51 -38.51 -11.13
CA ILE F 142 17.76 -38.46 -10.36
C ILE F 142 18.65 -39.64 -10.74
N SER F 143 18.06 -40.84 -10.76
CA SER F 143 18.78 -42.06 -11.08
C SER F 143 18.93 -42.27 -12.57
N ASN F 144 18.42 -41.35 -13.39
CA ASN F 144 18.47 -41.46 -14.85
C ASN F 144 17.84 -42.78 -15.32
N THR F 145 16.72 -43.14 -14.69
CA THR F 145 15.97 -44.33 -15.05
C THR F 145 14.64 -44.00 -15.70
N ALA F 146 14.44 -42.76 -16.12
CA ALA F 146 13.23 -42.39 -16.83
C ALA F 146 13.22 -43.05 -18.21
N PRO F 147 12.19 -43.82 -18.55
CA PRO F 147 12.23 -44.59 -19.81
C PRO F 147 12.35 -43.72 -21.06
N GLN F 148 11.73 -42.54 -21.07
CA GLN F 148 11.63 -41.74 -22.27
C GLN F 148 12.57 -40.54 -22.30
N ARG F 149 13.37 -40.34 -21.26
CA ARG F 149 14.30 -39.20 -21.24
C ARG F 149 15.49 -39.58 -20.38
N LYS F 150 16.65 -39.72 -21.01
CA LYS F 150 17.90 -40.01 -20.33
C LYS F 150 18.82 -38.81 -20.41
N MET F 151 19.32 -38.36 -19.27
CA MET F 151 20.27 -37.25 -19.21
C MET F 151 21.65 -37.81 -18.91
N ALA F 152 22.62 -37.40 -19.72
CA ALA F 152 23.95 -37.98 -19.62
C ALA F 152 24.69 -37.44 -18.40
N THR F 153 25.09 -38.34 -17.51
CA THR F 153 25.92 -38.01 -16.36
C THR F 153 26.97 -39.11 -16.21
N ALA F 154 28.08 -38.74 -15.56
CA ALA F 154 29.12 -39.73 -15.29
C ALA F 154 28.58 -40.84 -14.40
N ALA F 155 29.04 -42.06 -14.66
CA ALA F 155 28.56 -43.22 -13.91
C ALA F 155 28.85 -43.06 -12.43
N GLY F 156 27.83 -43.33 -11.61
CA GLY F 156 27.98 -43.21 -10.18
C GLY F 156 26.69 -43.59 -9.49
N ASP F 157 26.70 -43.45 -8.17
CA ASP F 157 25.55 -43.80 -7.33
C ASP F 157 24.97 -42.52 -6.74
N CYS F 158 23.76 -42.17 -7.16
CA CYS F 158 23.03 -41.03 -6.60
C CYS F 158 21.84 -41.48 -5.78
N SER F 159 21.89 -42.69 -5.22
CA SER F 159 20.79 -43.19 -4.41
C SER F 159 20.57 -42.33 -3.16
N ALA F 160 21.62 -41.69 -2.65
CA ALA F 160 21.45 -40.77 -1.54
C ALA F 160 20.59 -39.58 -1.95
N LEU F 161 20.84 -39.02 -3.13
CA LEU F 161 20.06 -37.89 -3.59
C LEU F 161 18.63 -38.31 -3.95
N SER F 162 18.47 -39.49 -4.52
CA SER F 162 17.13 -40.00 -4.79
C SER F 162 16.34 -40.19 -3.50
N SER F 163 17.01 -40.75 -2.47
CA SER F 163 16.37 -40.89 -1.17
C SER F 163 16.05 -39.55 -0.56
N GLU F 164 16.90 -38.55 -0.76
CA GLU F 164 16.63 -37.21 -0.26
C GLU F 164 15.41 -36.60 -0.95
N VAL F 165 15.29 -36.77 -2.27
CA VAL F 165 14.13 -36.28 -3.00
C VAL F 165 12.87 -36.99 -2.51
N ALA F 166 12.95 -38.31 -2.31
CA ALA F 166 11.83 -39.06 -1.78
C ALA F 166 11.45 -38.58 -0.39
N SER F 167 12.46 -38.23 0.44
CA SER F 167 12.18 -37.73 1.78
C SER F 167 11.46 -36.38 1.72
N TYR F 168 11.89 -35.50 0.83
CA TYR F 168 11.19 -34.22 0.68
C TYR F 168 9.76 -34.41 0.20
N CYS F 169 9.55 -35.32 -0.76
CA CYS F 169 8.19 -35.58 -1.22
C CYS F 169 7.34 -36.21 -0.13
N ASP F 170 7.93 -37.10 0.67
CA ASP F 170 7.21 -37.69 1.79
C ASP F 170 6.88 -36.63 2.84
N LYS F 171 7.77 -35.67 3.03
CA LYS F 171 7.47 -34.54 3.91
C LYS F 171 6.30 -33.74 3.38
N VAL F 172 6.25 -33.52 2.06
CA VAL F 172 5.11 -32.84 1.45
C VAL F 172 3.83 -33.62 1.72
N SER F 173 3.86 -34.93 1.50
CA SER F 173 2.68 -35.77 1.69
C SER F 173 2.23 -35.79 3.15
N ALA F 174 3.18 -35.86 4.08
CA ALA F 174 2.84 -35.88 5.50
C ALA F 174 2.32 -34.53 5.98
N ALA F 175 2.81 -33.43 5.39
CA ALA F 175 2.33 -32.11 5.77
C ALA F 175 0.83 -31.96 5.50
N ILE F 176 0.36 -32.51 4.38
CA ILE F 176 -1.05 -32.48 4.06
C ILE F 176 -1.75 -33.69 4.68
N MET G 1 -11.44 9.99 21.32
CA MET G 1 -11.18 10.93 22.39
C MET G 1 -10.12 11.95 21.96
N LYS G 2 -10.10 13.11 22.62
CA LYS G 2 -9.17 14.16 22.28
C LYS G 2 -9.01 15.14 23.45
N SER G 3 -7.79 15.24 23.97
CA SER G 3 -7.46 16.16 25.04
C SER G 3 -6.00 16.55 24.89
N VAL G 4 -5.55 17.44 25.78
CA VAL G 4 -4.13 17.81 25.77
C VAL G 4 -3.27 16.60 26.04
N ILE G 5 -3.59 15.86 27.11
CA ILE G 5 -2.79 14.70 27.49
C ILE G 5 -2.85 13.64 26.41
N THR G 6 -4.06 13.35 25.91
CA THR G 6 -4.19 12.33 24.87
C THR G 6 -3.47 12.74 23.60
N THR G 7 -3.58 14.02 23.20
CA THR G 7 -2.90 14.48 22.00
C THR G 7 -1.39 14.33 22.13
N THR G 8 -0.82 14.82 23.23
CA THR G 8 0.63 14.79 23.37
C THR G 8 1.15 13.36 23.51
N ILE G 9 0.41 12.49 24.23
CA ILE G 9 0.84 11.12 24.40
C ILE G 9 0.71 10.35 23.08
N SER G 10 -0.36 10.62 22.32
CA SER G 10 -0.50 9.98 21.01
C SER G 10 0.60 10.41 20.07
N ALA G 11 0.99 11.69 20.10
CA ALA G 11 2.10 12.15 19.28
C ALA G 11 3.40 11.45 19.68
N ALA G 12 3.66 11.36 20.99
CA ALA G 12 4.87 10.68 21.45
C ALA G 12 4.87 9.21 21.05
N ASP G 13 3.72 8.54 21.18
CA ASP G 13 3.61 7.14 20.82
C ASP G 13 3.81 6.93 19.33
N ALA G 14 3.23 7.81 18.51
CA ALA G 14 3.45 7.74 17.07
C ALA G 14 4.93 7.91 16.74
N ALA G 15 5.60 8.82 17.43
CA ALA G 15 7.05 8.94 17.30
C ALA G 15 7.79 7.90 18.13
N GLY G 16 7.09 7.12 18.94
CA GLY G 16 7.72 6.06 19.72
C GLY G 16 8.75 6.55 20.71
N ARG G 17 8.46 7.64 21.42
CA ARG G 17 9.38 8.25 22.35
C ARG G 17 8.71 8.46 23.70
N PHE G 18 9.53 8.53 24.75
CA PHE G 18 9.05 8.84 26.08
C PHE G 18 8.53 10.27 26.11
N PRO G 19 7.60 10.57 27.02
CA PRO G 19 7.11 11.96 27.14
C PRO G 19 8.26 12.89 27.48
N SER G 20 8.55 13.81 26.56
CA SER G 20 9.65 14.74 26.69
C SER G 20 9.17 16.02 27.37
N SER G 21 10.00 17.06 27.32
CA SER G 21 9.68 18.32 27.99
C SER G 21 8.41 18.94 27.42
N SER G 22 8.19 18.81 26.11
CA SER G 22 7.00 19.40 25.50
C SER G 22 5.71 18.75 26.01
N ASP G 23 5.72 17.43 26.21
CA ASP G 23 4.54 16.75 26.73
C ASP G 23 4.20 17.22 28.13
N LEU G 24 5.22 17.33 28.99
CA LEU G 24 5.00 17.84 30.34
C LEU G 24 4.51 19.28 30.31
N GLU G 25 5.04 20.08 29.37
CA GLU G 25 4.60 21.46 29.21
C GLU G 25 3.13 21.52 28.83
N SER G 26 2.70 20.64 27.92
CA SER G 26 1.29 20.58 27.56
C SER G 26 0.43 20.18 28.75
N VAL G 27 0.90 19.21 29.55
CA VAL G 27 0.14 18.83 30.73
C VAL G 27 0.05 19.97 31.73
N GLN G 28 1.11 20.78 31.85
CA GLN G 28 1.03 22.00 32.63
C GLN G 28 -0.01 22.97 32.06
N GLY G 29 -0.15 22.99 30.74
CA GLY G 29 -1.22 23.78 30.16
C GLY G 29 -2.59 23.29 30.60
N ASN G 30 -2.77 21.98 30.63
CA ASN G 30 -4.00 21.41 31.17
C ASN G 30 -4.19 21.86 32.62
N ILE G 31 -3.14 21.74 33.42
CA ILE G 31 -3.22 22.13 34.87
C ILE G 31 -3.73 23.57 34.96
N GLN G 32 -3.04 24.52 34.33
CA GLN G 32 -3.42 25.95 34.45
C GLN G 32 -4.88 26.13 34.03
N ARG G 33 -5.26 25.54 32.89
CA ARG G 33 -6.64 25.75 32.37
C ARG G 33 -7.65 25.15 33.35
N ALA G 34 -7.51 23.86 33.69
CA ALA G 34 -8.46 23.16 34.59
C ALA G 34 -9.38 24.16 35.30
N ALA G 35 -8.88 24.85 36.32
CA ALA G 35 -9.71 25.81 37.10
C ALA G 35 -10.84 26.36 36.24
N SER G 36 -10.52 27.10 35.18
CA SER G 36 -11.57 27.74 34.33
C SER G 36 -12.54 26.69 33.76
N ARG G 37 -12.03 25.77 32.96
CA ARG G 37 -12.91 24.78 32.28
C ARG G 37 -13.67 23.97 33.35
N LEU G 38 -12.97 23.51 34.39
CA LEU G 38 -13.62 22.73 35.48
C LEU G 38 -14.73 23.59 36.12
N GLU G 39 -14.45 24.87 36.36
CA GLU G 39 -15.50 25.78 36.91
C GLU G 39 -16.67 25.83 35.92
N ALA G 40 -16.40 26.19 34.66
CA ALA G 40 -17.45 26.18 33.66
C ALA G 40 -18.21 24.86 33.69
N ALA G 41 -17.49 23.74 33.80
CA ALA G 41 -18.13 22.43 33.83
C ALA G 41 -19.01 22.28 35.08
N GLU G 42 -18.53 22.76 36.23
CA GLU G 42 -19.31 22.67 37.46
C GLU G 42 -20.59 23.48 37.35
N LYS G 43 -20.49 24.71 36.82
CA LYS G 43 -21.70 25.51 36.68
C LYS G 43 -22.67 24.88 35.69
N LEU G 44 -22.15 24.32 34.59
CA LEU G 44 -23.02 23.66 33.64
C LEU G 44 -23.70 22.44 34.26
N ALA G 45 -22.98 21.67 35.06
CA ALA G 45 -23.57 20.51 35.72
C ALA G 45 -24.63 20.92 36.72
N GLY G 46 -24.40 22.01 37.46
CA GLY G 46 -25.36 22.44 38.46
C GLY G 46 -26.53 23.23 37.93
N ASN G 47 -26.43 23.71 36.68
CA ASN G 47 -27.47 24.56 36.11
C ASN G 47 -27.88 24.08 34.72
N HIS G 48 -27.64 22.80 34.41
CA HIS G 48 -27.93 22.32 33.02
C HIS G 48 -29.45 22.30 32.79
N GLU G 49 -30.21 21.75 33.73
CA GLU G 49 -31.68 21.63 33.57
C GLU G 49 -32.24 22.94 33.00
N ALA G 50 -31.99 24.05 33.70
CA ALA G 50 -32.50 25.37 33.25
C ALA G 50 -31.88 25.73 31.90
N VAL G 51 -30.57 25.55 31.75
CA VAL G 51 -29.92 25.94 30.50
C VAL G 51 -30.49 25.17 29.33
N VAL G 52 -30.68 23.86 29.50
CA VAL G 52 -31.23 23.04 28.43
C VAL G 52 -32.66 23.46 28.10
N LYS G 53 -33.47 23.73 29.14
CA LYS G 53 -34.83 24.18 28.91
C LYS G 53 -34.86 25.50 28.15
N GLU G 54 -34.01 26.45 28.55
CA GLU G 54 -33.95 27.74 27.85
C GLU G 54 -33.50 27.57 26.41
N ALA G 55 -32.50 26.72 26.18
CA ALA G 55 -32.02 26.48 24.82
C ALA G 55 -33.12 25.87 23.95
N GLY G 56 -33.85 24.90 24.49
CA GLY G 56 -34.93 24.31 23.73
C GLY G 56 -36.06 25.28 23.45
N ASP G 57 -36.41 26.10 24.45
CA ASP G 57 -37.44 27.11 24.24
C ASP G 57 -37.04 28.10 23.16
N ALA G 58 -35.78 28.54 23.18
CA ALA G 58 -35.31 29.46 22.13
C ALA G 58 -35.30 28.77 20.77
N CYS G 59 -34.90 27.51 20.73
CA CYS G 59 -34.88 26.76 19.47
C CYS G 59 -36.27 26.66 18.86
N PHE G 60 -37.26 26.31 19.68
CA PHE G 60 -38.61 26.16 19.17
C PHE G 60 -39.31 27.49 18.93
N ALA G 61 -38.88 28.56 19.60
CA ALA G 61 -39.44 29.88 19.33
C ALA G 61 -38.88 30.47 18.04
N LYS G 62 -37.58 30.25 17.79
CA LYS G 62 -36.98 30.76 16.56
C LYS G 62 -37.52 30.02 15.34
N TYR G 63 -37.82 28.72 15.48
CA TYR G 63 -38.35 27.89 14.41
C TYR G 63 -39.66 27.25 14.88
N PRO G 64 -40.75 28.00 14.92
CA PRO G 64 -42.05 27.39 15.23
C PRO G 64 -42.52 26.42 14.17
N TYR G 65 -41.93 26.45 12.97
CA TYR G 65 -42.31 25.53 11.90
C TYR G 65 -42.05 24.08 12.28
N LEU G 66 -41.16 23.83 13.24
CA LEU G 66 -40.90 22.47 13.68
C LEU G 66 -42.14 21.78 14.23
N LYS G 67 -43.07 22.54 14.80
CA LYS G 67 -44.30 21.98 15.33
C LYS G 67 -45.26 21.52 14.25
N ASN G 68 -45.02 21.88 12.99
CA ASN G 68 -45.91 21.48 11.91
C ASN G 68 -45.84 19.96 11.70
N PRO G 69 -46.93 19.35 11.27
CA PRO G 69 -46.92 17.90 11.03
C PRO G 69 -45.87 17.53 9.99
N GLY G 70 -45.20 16.39 10.22
CA GLY G 70 -44.14 15.94 9.36
C GLY G 70 -42.79 16.58 9.63
N GLU G 71 -42.71 17.51 10.57
CA GLU G 71 -41.46 18.16 10.94
C GLU G 71 -40.91 17.53 12.21
N ALA G 72 -39.71 17.99 12.59
CA ALA G 72 -39.00 17.36 13.69
C ALA G 72 -39.68 17.55 15.04
N GLY G 73 -40.59 18.53 15.17
CA GLY G 73 -41.23 18.75 16.45
C GLY G 73 -42.75 18.69 16.40
N ASP G 74 -43.30 17.82 15.55
CA ASP G 74 -44.75 17.76 15.40
C ASP G 74 -45.45 17.11 16.58
N SER G 75 -44.73 16.37 17.42
CA SER G 75 -45.32 15.67 18.54
C SER G 75 -44.59 16.02 19.83
N GLN G 76 -45.32 15.96 20.94
CA GLN G 76 -44.70 16.24 22.23
C GLN G 76 -43.57 15.27 22.54
N GLU G 77 -43.69 14.02 22.09
CA GLU G 77 -42.59 13.08 22.24
C GLU G 77 -41.35 13.57 21.49
N LYS G 78 -41.54 14.08 20.27
CA LYS G 78 -40.40 14.58 19.51
C LYS G 78 -39.85 15.88 20.07
N ILE G 79 -40.71 16.72 20.67
CA ILE G 79 -40.22 17.91 21.37
C ILE G 79 -39.38 17.50 22.57
N ASN G 80 -39.83 16.50 23.34
CA ASN G 80 -39.04 15.98 24.44
C ASN G 80 -37.73 15.39 23.95
N LYS G 81 -37.76 14.74 22.79
CA LYS G 81 -36.52 14.23 22.19
C LYS G 81 -35.58 15.38 21.83
N CYS G 82 -36.13 16.50 21.35
CA CYS G 82 -35.30 17.66 21.05
C CYS G 82 -34.64 18.23 22.30
N TYR G 83 -35.42 18.39 23.37
CA TYR G 83 -34.84 18.85 24.63
C TYR G 83 -33.83 17.85 25.17
N ARG G 84 -34.08 16.55 24.97
CA ARG G 84 -33.11 15.54 25.40
C ARG G 84 -31.83 15.60 24.58
N ASP G 85 -31.93 15.90 23.28
CA ASP G 85 -30.73 16.08 22.46
C ASP G 85 -29.94 17.30 22.91
N ILE G 86 -30.64 18.39 23.23
CA ILE G 86 -29.94 19.57 23.75
C ILE G 86 -29.28 19.24 25.08
N ASP G 87 -29.94 18.43 25.91
CA ASP G 87 -29.35 17.97 27.15
C ASP G 87 -28.10 17.13 26.90
N HIS G 88 -28.18 16.24 25.90
CA HIS G 88 -27.02 15.41 25.56
C HIS G 88 -25.86 16.27 25.10
N TYR G 89 -26.14 17.26 24.24
CA TYR G 89 -25.09 18.15 23.77
C TYR G 89 -24.48 18.96 24.92
N MET G 90 -25.32 19.45 25.83
CA MET G 90 -24.80 20.19 26.98
C MET G 90 -23.96 19.29 27.87
N ARG G 91 -24.37 18.03 28.04
CA ARG G 91 -23.58 17.08 28.82
C ARG G 91 -22.25 16.79 28.15
N LEU G 92 -22.24 16.67 26.82
CA LEU G 92 -20.99 16.48 26.10
C LEU G 92 -20.09 17.72 26.20
N ILE G 93 -20.70 18.91 26.22
CA ILE G 93 -19.93 20.13 26.45
C ILE G 93 -19.31 20.13 27.84
N ASN G 94 -20.08 19.69 28.84
CA ASN G 94 -19.55 19.54 30.19
C ASN G 94 -18.40 18.54 30.22
N TYR G 95 -18.56 17.42 29.52
CA TYR G 95 -17.49 16.44 29.42
C TYR G 95 -16.25 17.02 28.76
N SER G 96 -16.44 17.83 27.72
CA SER G 96 -15.32 18.48 27.05
C SER G 96 -14.61 19.46 27.97
N LEU G 97 -15.38 20.24 28.74
CA LEU G 97 -14.78 21.16 29.69
C LEU G 97 -13.99 20.42 30.77
N VAL G 98 -14.53 19.31 31.26
CA VAL G 98 -13.81 18.49 32.24
C VAL G 98 -12.55 17.90 31.62
N VAL G 99 -12.67 17.36 30.40
CA VAL G 99 -11.55 16.75 29.70
C VAL G 99 -10.52 17.80 29.29
N GLY G 100 -10.98 18.98 28.88
CA GLY G 100 -10.08 19.98 28.34
C GLY G 100 -9.89 19.86 26.84
N GLY G 101 -10.79 19.18 26.16
CA GLY G 101 -10.70 19.03 24.72
C GLY G 101 -12.03 18.57 24.16
N THR G 102 -12.16 18.73 22.85
CA THR G 102 -13.40 18.39 22.14
C THR G 102 -13.62 16.90 21.99
N GLY G 103 -12.82 16.07 22.65
CA GLY G 103 -12.89 14.64 22.54
C GLY G 103 -14.28 14.04 22.72
N PRO G 104 -14.88 14.25 23.90
CA PRO G 104 -16.24 13.71 24.12
C PRO G 104 -17.24 14.20 23.09
N LEU G 105 -17.20 15.49 22.75
CA LEU G 105 -18.10 16.01 21.73
C LEU G 105 -17.86 15.33 20.40
N ASP G 106 -16.61 15.33 19.93
CA ASP G 106 -16.28 14.72 18.64
C ASP G 106 -16.75 13.28 18.57
N GLU G 107 -16.52 12.52 19.64
CA GLU G 107 -16.83 11.09 19.60
C GLU G 107 -18.31 10.81 19.73
N TRP G 108 -19.03 11.55 20.57
CA TRP G 108 -20.37 11.12 20.97
C TRP G 108 -21.50 11.99 20.45
N GLY G 109 -21.24 13.21 19.98
CA GLY G 109 -22.33 14.05 19.51
C GLY G 109 -22.09 14.66 18.15
N ILE G 110 -20.86 14.60 17.66
CA ILE G 110 -20.49 15.21 16.38
C ILE G 110 -20.29 14.17 15.30
N ALA G 111 -19.48 13.16 15.57
CA ALA G 111 -19.25 12.10 14.59
C ALA G 111 -20.56 11.42 14.23
N GLY G 112 -20.92 11.48 12.95
CA GLY G 112 -22.13 10.85 12.49
C GLY G 112 -23.40 11.62 12.75
N ALA G 113 -23.35 12.72 13.52
CA ALA G 113 -24.54 13.50 13.78
C ALA G 113 -25.12 14.07 12.49
N ARG G 114 -24.25 14.41 11.54
CA ARG G 114 -24.71 14.93 10.26
C ARG G 114 -25.60 13.91 9.55
N GLU G 115 -25.14 12.66 9.47
CA GLU G 115 -25.93 11.62 8.80
C GLU G 115 -27.22 11.33 9.56
N VAL G 116 -27.15 11.31 10.90
CA VAL G 116 -28.34 11.04 11.69
C VAL G 116 -29.39 12.13 11.48
N TYR G 117 -28.96 13.38 11.50
CA TYR G 117 -29.90 14.49 11.36
C TYR G 117 -30.45 14.58 9.94
N ARG G 118 -29.65 14.19 8.94
CA ARG G 118 -30.19 14.09 7.58
C ARG G 118 -31.23 12.99 7.50
N ALA G 119 -30.96 11.84 8.13
CA ALA G 119 -31.87 10.71 8.04
C ALA G 119 -33.18 10.96 8.76
N LEU G 120 -33.14 11.66 9.90
CA LEU G 120 -34.32 11.88 10.73
C LEU G 120 -34.96 13.24 10.48
N ASN G 121 -34.56 13.94 9.42
CA ASN G 121 -35.11 15.25 9.08
C ASN G 121 -34.98 16.21 10.26
N LEU G 122 -33.79 16.24 10.86
CA LEU G 122 -33.51 17.15 11.95
C LEU G 122 -32.64 18.29 11.42
N PRO G 123 -33.18 19.49 11.23
CA PRO G 123 -32.37 20.59 10.70
C PRO G 123 -31.29 21.00 11.69
N GLY G 124 -30.05 21.05 11.21
CA GLY G 124 -28.96 21.49 12.06
C GLY G 124 -29.12 22.92 12.52
N SER G 125 -29.88 23.72 11.78
CA SER G 125 -30.13 25.09 12.18
C SER G 125 -30.84 25.20 13.53
N SER G 126 -31.65 24.22 13.89
CA SER G 126 -32.32 24.25 15.20
C SER G 126 -31.31 24.08 16.33
N TYR G 127 -30.44 23.08 16.22
CA TYR G 127 -29.36 22.92 17.19
C TYR G 127 -28.48 24.15 17.24
N ILE G 128 -28.18 24.72 16.06
CA ILE G 128 -27.34 25.92 16.00
C ILE G 128 -28.01 27.06 16.74
N ALA G 129 -29.31 27.25 16.54
CA ALA G 129 -30.03 28.32 17.24
C ALA G 129 -30.01 28.09 18.75
N ALA G 130 -30.21 26.84 19.19
CA ALA G 130 -30.18 26.56 20.62
C ALA G 130 -28.82 26.88 21.22
N PHE G 131 -27.74 26.45 20.55
CA PHE G 131 -26.41 26.66 21.10
C PHE G 131 -25.99 28.13 21.01
N VAL G 132 -26.42 28.83 19.95
CA VAL G 132 -26.15 30.26 19.84
C VAL G 132 -26.87 31.02 20.96
N PHE G 133 -28.11 30.64 21.24
CA PHE G 133 -28.82 31.26 22.36
C PHE G 133 -28.13 30.99 23.68
N THR G 134 -27.66 29.76 23.89
CA THR G 134 -26.93 29.44 25.11
C THR G 134 -25.64 30.26 25.21
N ARG G 135 -24.94 30.41 24.10
CA ARG G 135 -23.67 31.14 24.10
C ARG G 135 -23.88 32.62 24.38
N ASP G 136 -24.84 33.24 23.69
CA ASP G 136 -25.09 34.67 23.89
C ASP G 136 -25.81 34.96 25.20
N ARG G 137 -26.49 33.96 25.78
CA ARG G 137 -27.21 34.17 27.03
C ARG G 137 -26.26 34.20 28.21
N LEU G 138 -25.12 33.52 28.11
CA LEU G 138 -24.13 33.50 29.18
C LEU G 138 -23.62 34.91 29.46
N CYS G 139 -23.56 35.27 30.74
CA CYS G 139 -23.14 36.59 31.18
C CYS G 139 -22.00 36.45 32.19
N VAL G 140 -21.07 37.39 32.13
CA VAL G 140 -19.92 37.43 33.01
C VAL G 140 -20.06 38.65 33.93
N PRO G 141 -19.84 38.50 35.24
CA PRO G 141 -19.51 37.29 35.98
C PRO G 141 -20.68 36.70 36.75
N ARG G 142 -21.92 36.98 36.35
CA ARG G 142 -23.07 36.47 37.09
C ARG G 142 -23.21 34.96 36.93
N ASP G 143 -22.76 34.42 35.80
CA ASP G 143 -22.83 32.98 35.58
C ASP G 143 -21.50 32.29 35.83
N MET G 144 -20.41 32.79 35.27
CA MET G 144 -19.10 32.22 35.50
C MET G 144 -18.06 33.31 35.29
N SER G 145 -16.82 32.97 35.64
CA SER G 145 -15.71 33.90 35.43
C SER G 145 -15.48 34.10 33.94
N ALA G 146 -14.62 35.07 33.62
CA ALA G 146 -14.34 35.40 32.22
C ALA G 146 -13.76 34.22 31.47
N GLN G 147 -12.80 33.51 32.09
CA GLN G 147 -12.16 32.40 31.41
C GLN G 147 -13.03 31.15 31.39
N ALA G 148 -13.81 30.91 32.43
CA ALA G 148 -14.82 29.85 32.37
C ALA G 148 -15.82 30.13 31.26
N ALA G 149 -16.20 31.40 31.10
CA ALA G 149 -17.05 31.79 29.99
C ALA G 149 -16.36 31.55 28.66
N VAL G 150 -15.06 31.80 28.59
CA VAL G 150 -14.32 31.54 27.37
C VAL G 150 -14.38 30.06 27.01
N GLU G 151 -14.16 29.19 27.99
CA GLU G 151 -14.26 27.75 27.76
C GLU G 151 -15.66 27.34 27.32
N PHE G 152 -16.68 27.84 28.02
CA PHE G 152 -18.06 27.47 27.72
C PHE G 152 -18.44 27.91 26.31
N SER G 153 -18.14 29.15 25.96
CA SER G 153 -18.44 29.67 24.63
C SER G 153 -17.60 28.98 23.56
N GLY G 154 -16.36 28.60 23.88
CA GLY G 154 -15.56 27.86 22.91
C GLY G 154 -16.13 26.50 22.61
N ALA G 155 -16.58 25.78 23.64
CA ALA G 155 -17.23 24.49 23.41
C ALA G 155 -18.50 24.66 22.60
N LEU G 156 -19.32 25.65 22.96
CA LEU G 156 -20.57 25.89 22.21
C LEU G 156 -20.27 26.25 20.76
N ASP G 157 -19.27 27.10 20.53
CA ASP G 157 -18.89 27.46 19.17
C ASP G 157 -18.35 26.28 18.40
N TYR G 158 -17.62 25.38 19.06
CA TYR G 158 -17.16 24.17 18.40
C TYR G 158 -18.33 23.31 17.95
N VAL G 159 -19.34 23.15 18.81
CA VAL G 159 -20.54 22.41 18.40
C VAL G 159 -21.22 23.11 17.23
N ILE G 160 -21.35 24.43 17.30
CA ILE G 160 -22.03 25.18 16.25
C ILE G 160 -21.31 25.01 14.92
N ASN G 161 -19.97 25.15 14.93
CA ASN G 161 -19.19 24.98 13.73
C ASN G 161 -19.22 23.54 13.22
N SER G 162 -19.37 22.57 14.11
CA SER G 162 -19.58 21.19 13.67
C SER G 162 -20.92 21.03 12.97
N LEU G 163 -21.94 21.77 13.41
CA LEU G 163 -23.27 21.69 12.82
C LEU G 163 -23.45 22.61 11.61
N CYS G 164 -22.50 23.50 11.33
CA CYS G 164 -22.63 24.40 10.19
C CYS G 164 -21.40 24.32 9.29
N MET H 1 7.52 21.56 10.73
CA MET H 1 7.13 22.97 10.80
C MET H 1 7.89 23.69 11.89
N LEU H 2 7.79 25.01 11.92
CA LEU H 2 8.45 25.84 12.91
C LEU H 2 7.44 26.77 13.57
N ASP H 3 7.70 27.08 14.84
CA ASP H 3 6.99 28.12 15.56
C ASP H 3 7.90 29.33 15.72
N ALA H 4 7.45 30.33 16.48
CA ALA H 4 8.25 31.52 16.70
C ALA H 4 9.56 31.18 17.40
N PHE H 5 9.50 30.35 18.44
CA PHE H 5 10.70 29.96 19.17
C PHE H 5 11.64 29.17 18.28
N SER H 6 11.10 28.20 17.53
CA SER H 6 11.92 27.44 16.60
C SER H 6 12.43 28.30 15.45
N ARG H 7 11.67 29.33 15.04
CA ARG H 7 12.19 30.27 14.06
C ARG H 7 13.40 31.01 14.60
N VAL H 8 13.31 31.47 15.85
CA VAL H 8 14.44 32.14 16.49
C VAL H 8 15.63 31.21 16.57
N VAL H 9 15.38 29.93 16.90
CA VAL H 9 16.44 28.94 16.96
C VAL H 9 17.09 28.73 15.60
N VAL H 10 16.29 28.59 14.55
CA VAL H 10 16.82 28.38 13.21
C VAL H 10 17.67 29.57 12.78
N ASN H 11 17.20 30.79 13.08
CA ASN H 11 17.99 31.97 12.79
C ASN H 11 19.30 31.98 13.57
N SER H 12 19.24 31.60 14.85
CA SER H 12 20.46 31.53 15.66
C SER H 12 21.37 30.40 15.20
N ASP H 13 20.80 29.28 14.75
CA ASP H 13 21.60 28.17 14.27
C ASP H 13 22.33 28.49 12.98
N SER H 14 21.86 29.47 12.22
CA SER H 14 22.53 29.83 10.97
C SER H 14 23.94 30.36 11.22
N LYS H 15 24.20 30.88 12.42
CA LYS H 15 25.52 31.39 12.77
C LYS H 15 26.14 30.63 13.95
N ALA H 16 25.59 29.46 14.28
CA ALA H 16 26.09 28.62 15.38
C ALA H 16 26.18 29.43 16.68
N ALA H 17 25.17 30.26 16.92
CA ALA H 17 25.14 31.15 18.06
C ALA H 17 24.05 30.72 19.03
N TYR H 18 24.36 30.77 20.32
CA TYR H 18 23.34 30.59 21.33
C TYR H 18 22.32 31.72 21.23
N VAL H 19 21.06 31.40 21.50
CA VAL H 19 19.97 32.37 21.37
C VAL H 19 20.31 33.60 22.19
N SER H 20 20.42 34.75 21.52
CA SER H 20 20.93 35.96 22.14
C SER H 20 19.88 36.57 23.06
N GLY H 21 20.31 37.59 23.81
CA GLY H 21 19.41 38.28 24.71
C GLY H 21 18.25 38.96 24.00
N SER H 22 18.52 39.55 22.83
CA SER H 22 17.45 40.21 22.09
C SER H 22 16.41 39.20 21.60
N ASP H 23 16.85 38.07 21.06
CA ASP H 23 15.91 37.05 20.63
C ASP H 23 15.15 36.47 21.83
N LEU H 24 15.85 36.26 22.95
CA LEU H 24 15.17 35.79 24.15
C LEU H 24 14.10 36.78 24.61
N GLN H 25 14.41 38.07 24.57
CA GLN H 25 13.44 39.10 24.96
C GLN H 25 12.26 39.13 24.01
N ALA H 26 12.50 38.96 22.70
CA ALA H 26 11.40 38.86 21.75
C ALA H 26 10.52 37.66 22.06
N LEU H 27 11.12 36.54 22.45
CA LEU H 27 10.33 35.37 22.80
C LEU H 27 9.54 35.55 24.10
N LYS H 28 10.13 36.26 25.09
CA LYS H 28 9.36 36.57 26.29
C LYS H 28 8.22 37.53 25.98
N THR H 29 8.41 38.43 25.03
CA THR H 29 7.31 39.27 24.56
C THR H 29 6.22 38.43 23.91
N PHE H 30 6.62 37.46 23.09
CA PHE H 30 5.67 36.50 22.51
C PHE H 30 4.88 35.78 23.60
N ILE H 31 5.57 35.35 24.66
CA ILE H 31 4.93 34.62 25.74
C ILE H 31 3.98 35.54 26.51
N ALA H 32 4.40 36.77 26.78
CA ALA H 32 3.55 37.71 27.51
C ALA H 32 2.28 38.03 26.75
N ASP H 33 2.37 38.18 25.43
CA ASP H 33 1.21 38.30 24.57
C ASP H 33 0.61 36.94 24.22
N GLY H 34 1.02 35.89 24.92
CA GLY H 34 0.53 34.56 24.59
C GLY H 34 -0.96 34.40 24.84
N ASN H 35 -1.46 34.97 25.93
CA ASN H 35 -2.90 34.91 26.18
C ASN H 35 -3.68 35.66 25.10
N LYS H 36 -3.16 36.82 24.68
CA LYS H 36 -3.78 37.55 23.59
C LYS H 36 -3.79 36.74 22.30
N ARG H 37 -2.68 36.04 22.02
CA ARG H 37 -2.59 35.21 20.84
C ARG H 37 -3.58 34.05 20.90
N LEU H 38 -3.71 33.43 22.07
CA LEU H 38 -4.69 32.36 22.24
C LEU H 38 -6.10 32.88 22.03
N ASP H 39 -6.41 34.06 22.55
CA ASP H 39 -7.73 34.65 22.32
C ASP H 39 -7.94 34.96 20.85
N ALA H 40 -6.91 35.41 20.15
CA ALA H 40 -7.03 35.66 18.71
C ALA H 40 -7.33 34.38 17.94
N VAL H 41 -6.60 33.31 18.27
CA VAL H 41 -6.83 32.02 17.62
C VAL H 41 -8.24 31.52 17.93
N ASN H 42 -8.68 31.70 19.18
CA ASN H 42 -10.03 31.33 19.56
C ASN H 42 -11.07 32.11 18.77
N SER H 43 -10.83 33.41 18.58
CA SER H 43 -11.75 34.23 17.80
C SER H 43 -11.83 33.74 16.36
N ILE H 44 -10.70 33.37 15.78
CA ILE H 44 -10.70 32.89 14.39
C ILE H 44 -11.42 31.55 14.29
N VAL H 45 -11.07 30.59 15.15
CA VAL H 45 -11.61 29.24 15.01
C VAL H 45 -13.08 29.19 15.40
N SER H 46 -13.50 29.95 16.42
CA SER H 46 -14.89 29.95 16.84
C SER H 46 -15.81 30.55 15.79
N ASN H 47 -15.26 31.34 14.86
CA ASN H 47 -16.01 31.91 13.76
C ASN H 47 -15.47 31.44 12.41
N ALA H 48 -14.80 30.28 12.39
CA ALA H 48 -14.14 29.83 11.16
C ALA H 48 -15.15 29.56 10.05
N SER H 49 -16.25 28.88 10.37
CA SER H 49 -17.27 28.62 9.36
C SER H 49 -17.86 29.91 8.83
N CYS H 50 -18.16 30.85 9.75
CA CYS H 50 -18.63 32.17 9.34
C CYS H 50 -17.64 32.83 8.39
N ILE H 51 -16.36 32.84 8.77
CA ILE H 51 -15.34 33.52 7.97
C ILE H 51 -15.27 32.91 6.57
N VAL H 52 -15.20 31.58 6.50
CA VAL H 52 -15.00 30.92 5.22
C VAL H 52 -16.22 31.08 4.33
N SER H 53 -17.41 30.82 4.88
CA SER H 53 -18.64 30.94 4.09
C SER H 53 -18.85 32.37 3.61
N ASP H 54 -18.63 33.34 4.50
CA ASP H 54 -18.79 34.74 4.11
C ASP H 54 -17.79 35.13 3.03
N ALA H 55 -16.54 34.67 3.14
CA ALA H 55 -15.55 35.03 2.15
C ALA H 55 -15.87 34.43 0.79
N VAL H 56 -16.27 33.15 0.77
CA VAL H 56 -16.61 32.53 -0.51
C VAL H 56 -17.85 33.18 -1.11
N SER H 57 -18.83 33.51 -0.26
CA SER H 57 -20.04 34.19 -0.75
C SER H 57 -19.71 35.57 -1.30
N GLY H 58 -18.81 36.30 -0.64
CA GLY H 58 -18.41 37.60 -1.17
C GLY H 58 -17.64 37.48 -2.48
N MET H 59 -16.76 36.49 -2.57
CA MET H 59 -16.07 36.22 -3.82
C MET H 59 -17.06 35.93 -4.95
N ILE H 60 -18.11 35.17 -4.66
CA ILE H 60 -19.10 34.83 -5.67
C ILE H 60 -19.94 36.06 -6.03
N CYS H 61 -20.35 36.84 -5.04
CA CYS H 61 -21.21 37.99 -5.32
C CYS H 61 -20.47 39.11 -6.03
N GLU H 62 -19.17 39.26 -5.81
CA GLU H 62 -18.39 40.23 -6.55
C GLU H 62 -17.97 39.73 -7.92
N ASN H 63 -17.96 38.42 -8.14
CA ASN H 63 -17.65 37.82 -9.43
C ASN H 63 -18.71 36.77 -9.74
N PRO H 64 -19.90 37.19 -10.18
CA PRO H 64 -20.98 36.23 -10.43
C PRO H 64 -20.67 35.23 -11.54
N GLY H 65 -19.58 35.41 -12.28
CA GLY H 65 -19.21 34.43 -13.29
C GLY H 65 -18.66 33.14 -12.72
N LEU H 66 -18.24 33.15 -11.45
CA LEU H 66 -17.71 31.95 -10.83
C LEU H 66 -18.76 30.85 -10.69
N ILE H 67 -20.03 31.21 -10.55
CA ILE H 67 -21.11 30.25 -10.43
C ILE H 67 -21.83 30.03 -11.74
N ALA H 68 -21.50 30.78 -12.78
CA ALA H 68 -22.01 30.50 -14.11
C ALA H 68 -21.33 29.25 -14.67
N PRO H 69 -21.93 28.61 -15.66
CA PRO H 69 -21.28 27.45 -16.29
C PRO H 69 -19.92 27.83 -16.85
N GLY H 70 -18.96 26.93 -16.70
CA GLY H 70 -17.58 27.21 -16.95
C GLY H 70 -16.88 27.88 -15.77
N GLY H 71 -17.63 28.55 -14.91
CA GLY H 71 -17.04 29.12 -13.71
C GLY H 71 -16.57 28.04 -12.76
N ASN H 72 -15.54 28.38 -11.99
CA ASN H 72 -14.90 27.39 -11.12
C ASN H 72 -15.69 27.11 -9.84
N CYS H 73 -16.78 27.83 -9.59
CA CYS H 73 -17.57 27.64 -8.38
C CYS H 73 -19.00 27.21 -8.69
N TYR H 74 -19.33 27.03 -9.97
CA TYR H 74 -20.50 26.29 -10.40
C TYR H 74 -20.23 24.82 -10.15
N THR H 75 -21.27 23.97 -10.21
CA THR H 75 -21.12 22.57 -9.80
C THR H 75 -20.78 22.42 -8.33
N ASN H 76 -21.83 22.28 -7.51
CA ASN H 76 -21.73 22.05 -6.07
C ASN H 76 -20.47 21.31 -5.64
N ARG H 77 -19.99 20.35 -6.44
CA ARG H 77 -18.69 19.76 -6.14
C ARG H 77 -17.58 20.81 -6.14
N ARG H 78 -17.47 21.59 -7.22
CA ARG H 78 -16.42 22.60 -7.33
C ARG H 78 -16.57 23.66 -6.26
N MET H 79 -17.84 23.96 -5.90
CA MET H 79 -18.15 24.97 -4.91
C MET H 79 -17.85 24.50 -3.48
N ALA H 80 -18.22 23.25 -3.17
CA ALA H 80 -17.89 22.69 -1.87
C ALA H 80 -16.39 22.55 -1.71
N ALA H 81 -15.68 22.25 -2.78
CA ALA H 81 -14.23 22.21 -2.69
C ALA H 81 -13.66 23.63 -2.58
N CYS H 82 -14.36 24.63 -3.11
CA CYS H 82 -13.96 26.02 -2.83
C CYS H 82 -14.11 26.34 -1.36
N LEU H 83 -15.24 25.95 -0.76
CA LEU H 83 -15.44 26.16 0.67
C LEU H 83 -14.39 25.40 1.47
N ARG H 84 -14.07 24.18 1.06
CA ARG H 84 -13.04 23.40 1.74
C ARG H 84 -11.67 24.05 1.61
N ASP H 85 -11.36 24.61 0.44
CA ASP H 85 -10.08 25.29 0.25
C ASP H 85 -10.01 26.54 1.12
N GLY H 86 -11.09 27.30 1.19
CA GLY H 86 -11.11 28.45 2.09
C GLY H 86 -10.94 28.03 3.54
N GLU H 87 -11.61 26.95 3.94
CA GLU H 87 -11.47 26.43 5.29
C GLU H 87 -10.05 25.96 5.56
N ILE H 88 -9.41 25.33 4.59
CA ILE H 88 -8.03 24.87 4.75
C ILE H 88 -7.09 26.05 4.89
N ILE H 89 -7.28 27.07 4.05
CA ILE H 89 -6.43 28.26 4.12
C ILE H 89 -6.60 28.94 5.46
N LEU H 90 -7.84 29.07 5.94
CA LEU H 90 -8.06 29.67 7.25
C LEU H 90 -7.50 28.80 8.36
N ARG H 91 -7.56 27.48 8.20
CA ARG H 91 -7.02 26.57 9.19
C ARG H 91 -5.51 26.73 9.32
N TYR H 92 -4.82 26.84 8.18
CA TYR H 92 -3.38 27.02 8.23
C TYR H 92 -3.00 28.43 8.65
N THR H 93 -3.82 29.43 8.34
CA THR H 93 -3.61 30.77 8.88
C THR H 93 -3.74 30.77 10.40
N SER H 94 -4.72 30.06 10.93
CA SER H 94 -4.87 29.91 12.37
C SER H 94 -3.69 29.15 12.97
N TYR H 95 -3.20 28.12 12.25
CA TYR H 95 -2.00 27.43 12.70
C TYR H 95 -0.82 28.38 12.79
N ALA H 96 -0.65 29.22 11.77
CA ALA H 96 0.46 30.17 11.77
C ALA H 96 0.31 31.19 12.90
N LEU H 97 -0.92 31.66 13.13
CA LEU H 97 -1.16 32.60 14.23
C LEU H 97 -0.86 31.97 15.58
N LEU H 98 -1.31 30.72 15.77
CA LEU H 98 -1.03 30.02 17.02
C LEU H 98 0.46 29.79 17.20
N ALA H 99 1.17 29.46 16.13
CA ALA H 99 2.60 29.21 16.18
C ALA H 99 3.43 30.49 16.16
N GLY H 100 2.82 31.63 15.80
CA GLY H 100 3.59 32.84 15.66
C GLY H 100 4.55 32.83 14.50
N ASP H 101 4.38 31.90 13.56
CA ASP H 101 5.27 31.78 12.42
C ASP H 101 4.50 31.16 11.26
N SER H 102 4.84 31.59 10.04
CA SER H 102 4.14 31.15 8.84
C SER H 102 4.72 29.87 8.24
N SER H 103 5.66 29.23 8.93
CA SER H 103 6.31 28.04 8.37
C SER H 103 5.31 26.93 8.10
N VAL H 104 4.39 26.69 9.03
CA VAL H 104 3.40 25.65 8.81
C VAL H 104 2.53 25.98 7.60
N LEU H 105 2.08 27.22 7.49
CA LEU H 105 1.29 27.64 6.35
C LEU H 105 2.05 27.44 5.05
N GLU H 106 3.27 27.99 4.97
CA GLU H 106 4.03 27.93 3.73
C GLU H 106 4.34 26.49 3.33
N ASP H 107 4.71 25.65 4.31
CA ASP H 107 5.13 24.29 3.98
C ASP H 107 3.95 23.37 3.67
N ARG H 108 2.80 23.58 4.31
CA ARG H 108 1.74 22.58 4.22
C ARG H 108 0.53 23.03 3.41
N CYS H 109 0.40 24.32 3.10
CA CYS H 109 -0.74 24.79 2.31
C CYS H 109 -0.32 25.50 1.04
N LEU H 110 0.67 26.39 1.12
CA LEU H 110 1.01 27.24 -0.01
C LEU H 110 2.05 26.63 -0.94
N ASN H 111 2.87 25.70 -0.46
CA ASN H 111 3.91 25.10 -1.29
C ASN H 111 3.25 24.30 -2.41
N GLY H 112 3.40 24.79 -3.64
CA GLY H 112 2.78 24.16 -4.79
C GLY H 112 1.31 24.46 -4.97
N LEU H 113 0.74 25.30 -4.11
CA LEU H 113 -0.69 25.63 -4.23
C LEU H 113 -0.96 26.42 -5.51
N LYS H 114 -0.07 27.34 -5.87
CA LYS H 114 -0.26 28.12 -7.07
C LYS H 114 -0.22 27.25 -8.33
N GLU H 115 0.76 26.34 -8.40
CA GLU H 115 0.82 25.43 -9.53
C GLU H 115 -0.38 24.49 -9.56
N THR H 116 -0.81 24.02 -8.38
CA THR H 116 -1.99 23.17 -8.31
C THR H 116 -3.23 23.89 -8.82
N TYR H 117 -3.41 25.15 -8.42
CA TYR H 117 -4.57 25.92 -8.87
C TYR H 117 -4.49 26.20 -10.36
N ILE H 118 -3.27 26.46 -10.87
CA ILE H 118 -3.10 26.67 -12.30
C ILE H 118 -3.49 25.41 -13.07
N ALA H 119 -3.05 24.24 -12.58
CA ALA H 119 -3.40 22.98 -13.23
C ALA H 119 -4.90 22.74 -13.21
N LEU H 120 -5.53 23.00 -12.06
CA LEU H 120 -6.98 22.80 -11.94
C LEU H 120 -7.78 23.88 -12.64
N GLY H 121 -7.15 25.00 -13.00
CA GLY H 121 -7.89 26.11 -13.56
C GLY H 121 -8.63 26.92 -12.53
N VAL H 122 -8.23 26.86 -11.28
CA VAL H 122 -8.82 27.68 -10.22
C VAL H 122 -8.34 29.11 -10.42
N PRO H 123 -9.23 30.08 -10.59
CA PRO H 123 -8.79 31.46 -10.84
C PRO H 123 -8.04 32.02 -9.65
N THR H 124 -6.81 32.46 -9.90
CA THR H 124 -5.98 32.99 -8.83
C THR H 124 -6.50 34.33 -8.32
N ASN H 125 -7.09 35.15 -9.19
CA ASN H 125 -7.66 36.42 -8.74
C ASN H 125 -8.84 36.20 -7.81
N SER H 126 -9.72 35.26 -8.14
CA SER H 126 -10.86 34.97 -7.27
C SER H 126 -10.40 34.35 -5.95
N THR H 127 -9.40 33.46 -6.02
CA THR H 127 -8.85 32.88 -4.78
C THR H 127 -8.25 33.97 -3.90
N ALA H 128 -7.53 34.91 -4.52
CA ALA H 128 -6.96 36.03 -3.77
C ALA H 128 -8.05 36.88 -3.15
N ARG H 129 -9.15 37.11 -3.88
CA ARG H 129 -10.25 37.89 -3.34
C ARG H 129 -10.89 37.18 -2.13
N ALA H 130 -11.09 35.87 -2.24
CA ALA H 130 -11.64 35.12 -1.11
C ALA H 130 -10.69 35.16 0.08
N VAL H 131 -9.40 35.03 -0.17
CA VAL H 131 -8.41 35.08 0.92
C VAL H 131 -8.39 36.47 1.55
N SER H 132 -8.54 37.52 0.74
CA SER H 132 -8.57 38.87 1.28
C SER H 132 -9.83 39.12 2.12
N ILE H 133 -10.97 38.58 1.70
CA ILE H 133 -12.17 38.70 2.52
C ILE H 133 -12.00 37.92 3.82
N MET H 134 -11.40 36.73 3.76
CA MET H 134 -11.06 36.02 4.99
C MET H 134 -10.12 36.85 5.86
N LYS H 135 -9.18 37.55 5.25
CA LYS H 135 -8.27 38.40 6.00
C LYS H 135 -9.03 39.50 6.73
N SER H 136 -9.94 40.17 6.03
CA SER H 136 -10.71 41.25 6.65
C SER H 136 -11.55 40.71 7.80
N SER H 137 -12.27 39.61 7.57
CA SER H 137 -13.13 39.07 8.61
C SER H 137 -12.33 38.56 9.80
N ALA H 138 -11.21 37.87 9.54
CA ALA H 138 -10.37 37.36 10.60
C ALA H 138 -9.76 38.48 11.42
N VAL H 139 -9.30 39.55 10.75
CA VAL H 139 -8.75 40.69 11.46
C VAL H 139 -9.83 41.34 12.32
N ALA H 140 -11.05 41.47 11.78
CA ALA H 140 -12.15 42.02 12.56
C ALA H 140 -12.43 41.17 13.79
N PHE H 141 -12.38 39.85 13.64
CA PHE H 141 -12.62 38.97 14.79
C PHE H 141 -11.48 39.07 15.80
N ILE H 142 -10.25 39.28 15.33
CA ILE H 142 -9.12 39.49 16.24
C ILE H 142 -9.35 40.75 17.05
N SER H 143 -9.66 41.85 16.37
CA SER H 143 -9.91 43.13 17.01
C SER H 143 -11.28 43.19 17.68
N ASN H 144 -12.09 42.14 17.54
CA ASN H 144 -13.45 42.10 18.08
C ASN H 144 -14.29 43.24 17.51
N THR H 145 -14.07 43.56 16.24
CA THR H 145 -14.84 44.58 15.53
C THR H 145 -15.83 43.96 14.54
N ALA H 146 -16.06 42.66 14.69
CA ALA H 146 -16.98 41.94 13.78
C ALA H 146 -18.41 42.49 13.95
N PRO H 147 -19.05 43.01 12.89
CA PRO H 147 -20.36 43.62 13.03
C PRO H 147 -21.47 42.71 13.54
N GLN H 148 -21.39 41.40 13.28
CA GLN H 148 -22.51 40.50 13.66
C GLN H 148 -22.04 39.46 14.71
N ARG H 149 -20.96 39.75 15.43
CA ARG H 149 -20.51 38.82 16.50
C ARG H 149 -19.44 39.49 17.37
N LYS H 150 -19.67 39.58 18.69
CA LYS H 150 -18.62 40.11 19.55
C LYS H 150 -18.20 39.04 20.54
N MET H 151 -16.89 38.82 20.65
CA MET H 151 -16.33 37.90 21.63
C MET H 151 -15.62 38.70 22.71
N ALA H 152 -16.02 38.49 23.96
CA ALA H 152 -15.53 39.31 25.05
C ALA H 152 -14.15 38.85 25.50
N THR H 153 -13.17 39.75 25.42
CA THR H 153 -11.88 39.56 26.06
C THR H 153 -11.59 40.81 26.88
N ALA H 154 -10.64 40.68 27.81
CA ALA H 154 -10.21 41.84 28.58
C ALA H 154 -9.67 42.92 27.65
N ALA H 155 -10.05 44.16 27.92
CA ALA H 155 -9.69 45.27 27.05
C ALA H 155 -8.19 45.39 26.90
N GLY H 156 -7.73 45.56 25.66
CA GLY H 156 -6.31 45.67 25.39
C GLY H 156 -6.07 45.81 23.91
N ASP H 157 -4.79 45.93 23.56
CA ASP H 157 -4.36 46.15 22.19
C ASP H 157 -3.89 44.84 21.60
N CYS H 158 -4.53 44.40 20.52
CA CYS H 158 -4.10 43.24 19.76
C CYS H 158 -3.89 43.55 18.29
N SER H 159 -3.50 44.80 17.98
CA SER H 159 -3.23 45.16 16.59
C SER H 159 -2.06 44.37 16.03
N ALA H 160 -1.10 43.97 16.87
CA ALA H 160 0.00 43.14 16.40
C ALA H 160 -0.48 41.79 15.91
N LEU H 161 -1.43 41.18 16.62
CA LEU H 161 -1.94 39.86 16.22
C LEU H 161 -2.77 39.95 14.95
N SER H 162 -3.59 41.00 14.82
CA SER H 162 -4.35 41.19 13.59
C SER H 162 -3.41 41.50 12.43
N SER H 163 -2.32 42.23 12.68
CA SER H 163 -1.31 42.45 11.65
C SER H 163 -0.65 41.13 11.24
N GLU H 164 -0.40 40.25 12.22
CA GLU H 164 0.15 38.94 11.91
C GLU H 164 -0.81 38.13 11.05
N VAL H 165 -2.11 38.17 11.38
CA VAL H 165 -3.11 37.46 10.58
C VAL H 165 -3.15 38.01 9.17
N ALA H 166 -3.12 39.35 9.04
CA ALA H 166 -3.10 39.98 7.74
C ALA H 166 -1.86 39.59 6.96
N SER H 167 -0.72 39.49 7.64
CA SER H 167 0.52 39.08 6.96
C SER H 167 0.45 37.64 6.49
N TYR H 168 -0.14 36.75 7.28
CA TYR H 168 -0.31 35.37 6.83
C TYR H 168 -1.24 35.29 5.62
N CYS H 169 -2.33 36.05 5.64
CA CYS H 169 -3.23 36.06 4.49
C CYS H 169 -2.57 36.69 3.26
N ASP H 170 -1.74 37.70 3.46
CA ASP H 170 -0.97 38.27 2.36
C ASP H 170 0.04 37.29 1.82
N LYS H 171 0.65 36.47 2.69
CA LYS H 171 1.52 35.41 2.21
C LYS H 171 0.74 34.40 1.37
N VAL H 172 -0.48 34.08 1.80
CA VAL H 172 -1.33 33.19 1.00
C VAL H 172 -1.60 33.79 -0.37
N SER H 173 -1.98 35.08 -0.39
CA SER H 173 -2.30 35.74 -1.65
C SER H 173 -1.07 35.85 -2.56
N ALA H 174 0.10 36.14 -1.98
CA ALA H 174 1.32 36.26 -2.77
C ALA H 174 1.75 34.90 -3.31
N ALA H 175 1.54 33.83 -2.55
CA ALA H 175 1.91 32.50 -3.01
C ALA H 175 1.13 32.12 -4.26
N ILE H 176 -0.10 32.61 -4.41
CA ILE H 176 -0.90 32.34 -5.59
C ILE H 176 -0.87 33.53 -6.54
N MET I 1 -20.30 -14.40 -11.59
CA MET I 1 -20.51 -14.68 -13.01
C MET I 1 -20.77 -13.41 -13.79
N LYS I 2 -19.87 -13.10 -14.72
CA LYS I 2 -20.00 -11.89 -15.55
C LYS I 2 -21.31 -11.90 -16.33
N SER I 3 -22.19 -10.97 -16.02
CA SER I 3 -23.45 -10.79 -16.74
C SER I 3 -23.85 -9.33 -16.62
N VAL I 4 -24.95 -8.97 -17.29
CA VAL I 4 -25.45 -7.60 -17.19
C VAL I 4 -25.82 -7.28 -15.75
N ILE I 5 -26.63 -8.16 -15.13
CA ILE I 5 -27.09 -7.93 -13.78
C ILE I 5 -25.92 -7.88 -12.81
N THR I 6 -25.02 -8.86 -12.90
CA THR I 6 -23.90 -8.90 -11.98
C THR I 6 -22.93 -7.73 -12.20
N THR I 7 -22.71 -7.34 -13.45
CA THR I 7 -21.83 -6.20 -13.72
C THR I 7 -22.39 -4.92 -13.11
N THR I 8 -23.68 -4.65 -13.35
CA THR I 8 -24.28 -3.43 -12.81
C THR I 8 -24.32 -3.46 -11.28
N ILE I 9 -24.67 -4.61 -10.70
CA ILE I 9 -24.75 -4.70 -9.25
C ILE I 9 -23.38 -4.56 -8.62
N SER I 10 -22.35 -5.14 -9.26
CA SER I 10 -20.99 -5.01 -8.75
C SER I 10 -20.52 -3.56 -8.83
N ALA I 11 -20.84 -2.85 -9.91
CA ALA I 11 -20.48 -1.44 -10.01
C ALA I 11 -21.18 -0.63 -8.92
N ALA I 12 -22.48 -0.88 -8.71
CA ALA I 12 -23.21 -0.17 -7.68
C ALA I 12 -22.65 -0.46 -6.30
N ASP I 13 -22.32 -1.72 -6.03
CA ASP I 13 -21.76 -2.10 -4.74
C ASP I 13 -20.38 -1.47 -4.52
N ALA I 14 -19.55 -1.43 -5.56
CA ALA I 14 -18.26 -0.76 -5.46
C ALA I 14 -18.44 0.72 -5.16
N ALA I 15 -19.43 1.35 -5.78
CA ALA I 15 -19.78 2.71 -5.44
C ALA I 15 -20.65 2.81 -4.20
N GLY I 16 -21.08 1.67 -3.65
CA GLY I 16 -21.89 1.68 -2.44
C GLY I 16 -23.22 2.37 -2.59
N ARG I 17 -23.85 2.24 -3.75
CA ARG I 17 -25.09 2.93 -4.05
C ARG I 17 -26.20 1.92 -4.35
N PHE I 18 -27.44 2.35 -4.09
CA PHE I 18 -28.59 1.54 -4.45
C PHE I 18 -28.70 1.43 -5.97
N PRO I 19 -29.36 0.39 -6.46
CA PRO I 19 -29.62 0.31 -7.91
C PRO I 19 -30.31 1.56 -8.40
N SER I 20 -29.76 2.14 -9.45
CA SER I 20 -30.23 3.40 -10.01
C SER I 20 -30.88 3.16 -11.36
N SER I 21 -31.23 4.26 -12.05
CA SER I 21 -31.91 4.15 -13.33
C SER I 21 -31.08 3.36 -14.35
N SER I 22 -29.77 3.57 -14.35
CA SER I 22 -28.92 2.87 -15.31
C SER I 22 -28.89 1.37 -15.04
N ASP I 23 -28.89 0.95 -13.78
CA ASP I 23 -28.91 -0.47 -13.46
C ASP I 23 -30.19 -1.13 -13.98
N LEU I 24 -31.33 -0.49 -13.72
CA LEU I 24 -32.61 -1.03 -14.21
C LEU I 24 -32.66 -1.02 -15.73
N GLU I 25 -32.05 -0.02 -16.36
CA GLU I 25 -31.98 0.03 -17.82
C GLU I 25 -31.17 -1.15 -18.36
N SER I 26 -30.04 -1.45 -17.72
CA SER I 26 -29.24 -2.59 -18.14
C SER I 26 -30.01 -3.90 -17.97
N VAL I 27 -30.72 -4.04 -16.85
CA VAL I 27 -31.53 -5.24 -16.66
C VAL I 27 -32.65 -5.31 -17.71
N GLN I 28 -33.18 -4.16 -18.12
CA GLN I 28 -34.15 -4.14 -19.22
C GLN I 28 -33.52 -4.67 -20.50
N GLY I 29 -32.26 -4.31 -20.75
CA GLY I 29 -31.56 -4.87 -21.89
C GLY I 29 -31.39 -6.37 -21.78
N ASN I 30 -31.09 -6.85 -20.57
CA ASN I 30 -31.08 -8.30 -20.33
C ASN I 30 -32.42 -8.90 -20.73
N ILE I 31 -33.51 -8.25 -20.32
CA ILE I 31 -34.85 -8.74 -20.64
C ILE I 31 -35.07 -8.83 -22.14
N GLN I 32 -34.68 -7.77 -22.87
CA GLN I 32 -34.94 -7.74 -24.30
C GLN I 32 -34.09 -8.75 -25.06
N ARG I 33 -32.82 -8.88 -24.70
CA ARG I 33 -31.93 -9.79 -25.42
C ARG I 33 -32.09 -11.24 -24.99
N ALA I 34 -32.77 -11.49 -23.86
CA ALA I 34 -32.94 -12.84 -23.36
C ALA I 34 -33.66 -13.73 -24.35
N ALA I 35 -34.54 -13.18 -25.19
CA ALA I 35 -35.26 -14.01 -26.13
C ALA I 35 -34.30 -14.73 -27.08
N SER I 36 -33.45 -13.97 -27.76
CA SER I 36 -32.47 -14.56 -28.66
C SER I 36 -31.45 -15.40 -27.89
N ARG I 37 -31.01 -14.90 -26.73
CA ARG I 37 -30.03 -15.63 -25.94
C ARG I 37 -30.54 -17.03 -25.58
N LEU I 38 -31.74 -17.10 -25.02
CA LEU I 38 -32.31 -18.36 -24.59
C LEU I 38 -32.74 -19.24 -25.77
N GLU I 39 -33.10 -18.64 -26.91
CA GLU I 39 -33.35 -19.45 -28.09
C GLU I 39 -32.08 -20.17 -28.52
N ALA I 40 -30.96 -19.45 -28.61
CA ALA I 40 -29.70 -20.07 -28.96
C ALA I 40 -29.30 -21.11 -27.92
N ALA I 41 -29.48 -20.78 -26.63
CA ALA I 41 -29.12 -21.70 -25.56
C ALA I 41 -29.95 -22.98 -25.62
N GLU I 42 -31.27 -22.85 -25.86
CA GLU I 42 -32.13 -24.02 -25.93
C GLU I 42 -31.79 -24.89 -27.13
N LYS I 43 -31.53 -24.26 -28.28
CA LYS I 43 -31.15 -25.05 -29.46
C LYS I 43 -29.84 -25.77 -29.22
N LEU I 44 -28.87 -25.10 -28.61
CA LEU I 44 -27.59 -25.74 -28.32
C LEU I 44 -27.75 -26.88 -27.32
N ALA I 45 -28.61 -26.68 -26.30
CA ALA I 45 -28.84 -27.74 -25.33
C ALA I 45 -29.53 -28.93 -25.96
N GLY I 46 -30.44 -28.70 -26.91
CA GLY I 46 -31.13 -29.80 -27.55
C GLY I 46 -30.34 -30.52 -28.61
N ASN I 47 -29.36 -29.86 -29.23
CA ASN I 47 -28.59 -30.47 -30.30
C ASN I 47 -27.09 -30.46 -30.05
N HIS I 48 -26.68 -30.44 -28.78
CA HIS I 48 -25.26 -30.28 -28.48
C HIS I 48 -24.43 -31.50 -28.88
N GLU I 49 -24.98 -32.70 -28.73
CA GLU I 49 -24.21 -33.91 -29.04
C GLU I 49 -23.78 -33.94 -30.49
N ALA I 50 -24.70 -33.64 -31.41
CA ALA I 50 -24.37 -33.59 -32.82
C ALA I 50 -23.40 -32.45 -33.12
N VAL I 51 -23.61 -31.29 -32.49
CA VAL I 51 -22.73 -30.15 -32.69
C VAL I 51 -21.32 -30.48 -32.20
N VAL I 52 -21.23 -31.11 -31.03
CA VAL I 52 -19.92 -31.48 -30.48
C VAL I 52 -19.24 -32.51 -31.36
N LYS I 53 -20.00 -33.50 -31.86
CA LYS I 53 -19.43 -34.48 -32.77
C LYS I 53 -18.86 -33.80 -34.02
N GLU I 54 -19.64 -32.89 -34.61
CA GLU I 54 -19.19 -32.22 -35.82
C GLU I 54 -17.94 -31.37 -35.55
N ALA I 55 -17.93 -30.66 -34.42
CA ALA I 55 -16.78 -29.83 -34.08
C ALA I 55 -15.53 -30.68 -33.87
N GLY I 56 -15.65 -31.81 -33.16
CA GLY I 56 -14.51 -32.68 -32.98
C GLY I 56 -14.02 -33.30 -34.27
N ASP I 57 -14.96 -33.73 -35.13
CA ASP I 57 -14.58 -34.27 -36.42
C ASP I 57 -13.84 -33.25 -37.26
N ALA I 58 -14.31 -32.01 -37.28
CA ALA I 58 -13.62 -30.96 -38.02
C ALA I 58 -12.26 -30.67 -37.42
N CYS I 59 -12.16 -30.67 -36.09
CA CYS I 59 -10.88 -30.42 -35.43
C CYS I 59 -9.85 -31.47 -35.83
N PHE I 60 -10.25 -32.74 -35.81
CA PHE I 60 -9.32 -33.80 -36.18
C PHE I 60 -9.09 -33.92 -37.68
N ALA I 61 -10.04 -33.44 -38.49
CA ALA I 61 -9.82 -33.45 -39.94
C ALA I 61 -8.85 -32.36 -40.36
N LYS I 62 -8.98 -31.17 -39.77
CA LYS I 62 -8.05 -30.09 -40.09
C LYS I 62 -6.66 -30.39 -39.57
N TYR I 63 -6.55 -31.10 -38.45
CA TYR I 63 -5.27 -31.43 -37.83
C TYR I 63 -5.17 -32.94 -37.64
N PRO I 64 -4.96 -33.69 -38.71
CA PRO I 64 -4.76 -35.15 -38.56
C PRO I 64 -3.49 -35.48 -37.78
N TYR I 65 -2.54 -34.56 -37.70
CA TYR I 65 -1.31 -34.82 -36.95
C TYR I 65 -1.56 -35.06 -35.47
N LEU I 66 -2.72 -34.65 -34.96
CA LEU I 66 -3.06 -34.91 -33.57
C LEU I 66 -3.08 -36.40 -33.26
N LYS I 67 -3.45 -37.22 -34.25
CA LYS I 67 -3.47 -38.67 -34.06
C LYS I 67 -2.08 -39.30 -34.03
N ASN I 68 -1.04 -38.54 -34.36
CA ASN I 68 0.32 -39.08 -34.33
C ASN I 68 0.73 -39.35 -32.89
N PRO I 69 1.61 -40.34 -32.67
CA PRO I 69 2.08 -40.62 -31.32
C PRO I 69 2.77 -39.41 -30.70
N GLY I 70 2.55 -39.21 -29.41
CA GLY I 70 3.07 -38.06 -28.71
C GLY I 70 2.25 -36.80 -28.85
N GLU I 71 1.18 -36.83 -29.64
CA GLU I 71 0.29 -35.69 -29.83
C GLU I 71 -0.97 -35.89 -29.01
N ALA I 72 -1.83 -34.87 -29.02
CA ALA I 72 -2.99 -34.86 -28.15
C ALA I 72 -4.03 -35.91 -28.50
N GLY I 73 -4.18 -36.28 -29.77
CA GLY I 73 -5.17 -37.26 -30.15
C GLY I 73 -4.57 -38.61 -30.48
N ASP I 74 -3.50 -38.97 -29.77
CA ASP I 74 -2.75 -40.19 -30.03
C ASP I 74 -3.42 -41.45 -29.49
N SER I 75 -4.65 -41.35 -29.00
CA SER I 75 -5.39 -42.51 -28.50
C SER I 75 -6.87 -42.19 -28.50
N GLN I 76 -7.69 -43.25 -28.53
CA GLN I 76 -9.13 -43.06 -28.45
C GLN I 76 -9.54 -42.41 -27.14
N GLU I 77 -8.82 -42.71 -26.06
CA GLU I 77 -9.12 -42.10 -24.78
C GLU I 77 -9.07 -40.58 -24.86
N LYS I 78 -7.99 -40.03 -25.40
CA LYS I 78 -7.88 -38.58 -25.41
C LYS I 78 -8.53 -37.96 -26.65
N ILE I 79 -8.85 -38.76 -27.66
CA ILE I 79 -9.79 -38.27 -28.68
C ILE I 79 -11.17 -38.05 -28.04
N ASN I 80 -11.62 -38.99 -27.22
CA ASN I 80 -12.85 -38.81 -26.46
C ASN I 80 -12.72 -37.67 -25.47
N LYS I 81 -11.53 -37.46 -24.90
CA LYS I 81 -11.32 -36.30 -24.04
C LYS I 81 -11.36 -35.00 -24.84
N CYS I 82 -10.91 -35.00 -26.09
CA CYS I 82 -11.08 -33.84 -26.96
C CYS I 82 -12.56 -33.55 -27.20
N TYR I 83 -13.33 -34.59 -27.51
CA TYR I 83 -14.77 -34.40 -27.69
C TYR I 83 -15.44 -33.94 -26.40
N ARG I 84 -14.98 -34.45 -25.26
CA ARG I 84 -15.50 -34.02 -23.97
C ARG I 84 -15.13 -32.57 -23.68
N ASP I 85 -13.94 -32.15 -24.07
CA ASP I 85 -13.53 -30.76 -23.93
C ASP I 85 -14.40 -29.85 -24.78
N ILE I 86 -14.67 -30.26 -26.02
CA ILE I 86 -15.56 -29.49 -26.88
C ILE I 86 -16.96 -29.45 -26.29
N ASP I 87 -17.42 -30.56 -25.71
CA ASP I 87 -18.71 -30.57 -25.03
C ASP I 87 -18.71 -29.64 -23.82
N HIS I 88 -17.61 -29.60 -23.08
CA HIS I 88 -17.51 -28.69 -21.95
C HIS I 88 -17.59 -27.24 -22.41
N TYR I 89 -16.88 -26.92 -23.49
CA TYR I 89 -16.92 -25.57 -24.03
C TYR I 89 -18.31 -25.21 -24.56
N MET I 90 -18.97 -26.16 -25.22
CA MET I 90 -20.31 -25.88 -25.74
C MET I 90 -21.30 -25.74 -24.61
N ARG I 91 -21.15 -26.52 -23.54
CA ARG I 91 -21.99 -26.37 -22.36
C ARG I 91 -21.74 -25.03 -21.68
N LEU I 92 -20.49 -24.58 -21.63
CA LEU I 92 -20.19 -23.26 -21.09
C LEU I 92 -20.73 -22.15 -21.97
N ILE I 93 -20.76 -22.37 -23.29
CA ILE I 93 -21.38 -21.41 -24.20
C ILE I 93 -22.88 -21.36 -23.97
N ASN I 94 -23.50 -22.52 -23.76
CA ASN I 94 -24.91 -22.57 -23.39
C ASN I 94 -25.16 -21.82 -22.09
N TYR I 95 -24.27 -21.99 -21.12
CA TYR I 95 -24.35 -21.26 -19.87
C TYR I 95 -24.21 -19.76 -20.09
N SER I 96 -23.30 -19.36 -20.98
CA SER I 96 -23.11 -17.95 -21.28
C SER I 96 -24.34 -17.34 -21.92
N LEU I 97 -24.96 -18.08 -22.85
CA LEU I 97 -26.20 -17.61 -23.47
C LEU I 97 -27.33 -17.51 -22.46
N VAL I 98 -27.43 -18.48 -21.56
CA VAL I 98 -28.44 -18.43 -20.51
C VAL I 98 -28.19 -17.24 -19.57
N VAL I 99 -26.94 -17.06 -19.16
CA VAL I 99 -26.56 -16.02 -18.21
C VAL I 99 -26.67 -14.63 -18.82
N GLY I 100 -26.28 -14.48 -20.08
CA GLY I 100 -26.22 -13.16 -20.68
C GLY I 100 -24.85 -12.53 -20.64
N GLY I 101 -23.82 -13.33 -20.41
CA GLY I 101 -22.47 -12.80 -20.35
C GLY I 101 -21.49 -13.95 -20.39
N THR I 102 -20.21 -13.58 -20.56
CA THR I 102 -19.14 -14.55 -20.68
C THR I 102 -18.73 -15.16 -19.36
N GLY I 103 -19.42 -14.82 -18.27
CA GLY I 103 -19.10 -15.29 -16.94
C GLY I 103 -18.76 -16.76 -16.83
N PRO I 104 -19.70 -17.64 -17.21
CA PRO I 104 -19.40 -19.07 -17.11
C PRO I 104 -18.19 -19.48 -17.91
N LEU I 105 -18.07 -19.01 -19.15
CA LEU I 105 -16.90 -19.31 -19.96
C LEU I 105 -15.64 -18.79 -19.29
N ASP I 106 -15.62 -17.51 -18.92
CA ASP I 106 -14.45 -16.92 -18.27
C ASP I 106 -13.99 -17.72 -17.08
N GLU I 107 -14.94 -18.10 -16.20
CA GLU I 107 -14.54 -18.69 -14.93
C GLU I 107 -14.27 -20.18 -15.04
N TRP I 108 -14.85 -20.88 -16.00
CA TRP I 108 -14.77 -22.34 -16.01
C TRP I 108 -14.03 -22.94 -17.19
N GLY I 109 -13.89 -22.24 -18.30
CA GLY I 109 -13.21 -22.82 -19.44
C GLY I 109 -12.03 -22.00 -19.94
N ILE I 110 -12.04 -20.70 -19.66
CA ILE I 110 -11.00 -19.81 -20.16
C ILE I 110 -9.93 -19.56 -19.10
N ALA I 111 -10.35 -19.27 -17.87
CA ALA I 111 -9.39 -19.02 -16.79
C ALA I 111 -8.50 -20.24 -16.62
N GLY I 112 -7.19 -20.03 -16.76
CA GLY I 112 -6.23 -21.10 -16.63
C GLY I 112 -6.17 -22.07 -17.78
N ALA I 113 -6.99 -21.88 -18.82
CA ALA I 113 -6.98 -22.80 -19.96
C ALA I 113 -5.64 -22.77 -20.67
N ARG I 114 -5.04 -21.59 -20.80
CA ARG I 114 -3.75 -21.47 -21.48
C ARG I 114 -2.68 -22.30 -20.77
N GLU I 115 -2.62 -22.21 -19.44
CA GLU I 115 -1.64 -22.97 -18.68
C GLU I 115 -1.88 -24.46 -18.82
N VAL I 116 -3.14 -24.89 -18.75
CA VAL I 116 -3.46 -26.31 -18.86
C VAL I 116 -3.05 -26.84 -20.23
N TYR I 117 -3.39 -26.10 -21.28
CA TYR I 117 -3.12 -26.57 -22.63
C TYR I 117 -1.63 -26.57 -22.95
N ARG I 118 -0.89 -25.58 -22.43
CA ARG I 118 0.56 -25.62 -22.57
C ARG I 118 1.15 -26.80 -21.81
N ALA I 119 0.67 -27.05 -20.59
CA ALA I 119 1.22 -28.13 -19.78
C ALA I 119 0.85 -29.49 -20.34
N LEU I 120 -0.29 -29.62 -21.00
CA LEU I 120 -0.76 -30.90 -21.51
C LEU I 120 -0.53 -31.05 -23.01
N ASN I 121 0.22 -30.16 -23.63
CA ASN I 121 0.53 -30.22 -25.05
C ASN I 121 -0.76 -30.23 -25.89
N LEU I 122 -1.70 -29.37 -25.53
CA LEU I 122 -2.95 -29.25 -26.28
C LEU I 122 -2.89 -27.98 -27.11
N PRO I 123 -2.66 -28.06 -28.41
CA PRO I 123 -2.61 -26.84 -29.23
C PRO I 123 -3.94 -26.12 -29.24
N GLY I 124 -3.91 -24.84 -28.91
CA GLY I 124 -5.12 -24.03 -28.95
C GLY I 124 -5.71 -23.93 -30.35
N SER I 125 -4.91 -24.17 -31.37
CA SER I 125 -5.41 -24.15 -32.74
C SER I 125 -6.46 -25.22 -33.00
N SER I 126 -6.38 -26.36 -32.29
CA SER I 126 -7.39 -27.41 -32.48
C SER I 126 -8.74 -27.00 -31.92
N TYR I 127 -8.74 -26.47 -30.69
CA TYR I 127 -9.96 -25.89 -30.14
C TYR I 127 -10.50 -24.79 -31.05
N ILE I 128 -9.61 -23.92 -31.52
CA ILE I 128 -10.03 -22.83 -32.40
C ILE I 128 -10.66 -23.37 -33.66
N ALA I 129 -10.09 -24.43 -34.24
CA ALA I 129 -10.67 -25.03 -35.43
C ALA I 129 -12.06 -25.59 -35.16
N ALA I 130 -12.22 -26.27 -34.02
CA ALA I 130 -13.53 -26.81 -33.67
C ALA I 130 -14.57 -25.69 -33.55
N PHE I 131 -14.20 -24.60 -32.86
CA PHE I 131 -15.17 -23.53 -32.62
C PHE I 131 -15.43 -22.73 -33.88
N VAL I 132 -14.41 -22.55 -34.73
CA VAL I 132 -14.60 -21.89 -36.02
C VAL I 132 -15.54 -22.70 -36.89
N PHE I 133 -15.37 -24.03 -36.89
CA PHE I 133 -16.27 -24.88 -37.66
C PHE I 133 -17.69 -24.78 -37.13
N THR I 134 -17.85 -24.79 -35.81
CA THR I 134 -19.18 -24.64 -35.24
C THR I 134 -19.80 -23.29 -35.61
N ARG I 135 -19.00 -22.23 -35.57
CA ARG I 135 -19.50 -20.89 -35.88
C ARG I 135 -19.92 -20.78 -37.35
N ASP I 136 -19.09 -21.29 -38.26
CA ASP I 136 -19.38 -21.17 -39.68
C ASP I 136 -20.38 -22.21 -40.16
N ARG I 137 -20.60 -23.26 -39.38
CA ARG I 137 -21.61 -24.27 -39.71
C ARG I 137 -23.02 -23.79 -39.41
N LEU I 138 -23.16 -22.86 -38.46
CA LEU I 138 -24.47 -22.35 -38.09
C LEU I 138 -25.14 -21.68 -39.29
N CYS I 139 -26.41 -22.04 -39.50
CA CYS I 139 -27.17 -21.57 -40.65
C CYS I 139 -28.44 -20.89 -40.18
N VAL I 140 -28.77 -19.75 -40.79
CA VAL I 140 -29.95 -18.97 -40.43
C VAL I 140 -30.91 -18.94 -41.61
N PRO I 141 -32.21 -19.16 -41.38
CA PRO I 141 -32.88 -19.43 -40.11
C PRO I 141 -33.00 -20.91 -39.80
N ARG I 142 -32.21 -21.76 -40.47
CA ARG I 142 -32.38 -23.20 -40.32
C ARG I 142 -32.08 -23.65 -38.89
N ASP I 143 -30.94 -23.24 -38.35
CA ASP I 143 -30.53 -23.67 -37.02
C ASP I 143 -31.12 -22.82 -35.91
N MET I 144 -31.20 -21.51 -36.10
CA MET I 144 -31.78 -20.61 -35.11
C MET I 144 -32.07 -19.28 -35.80
N SER I 145 -32.70 -18.37 -35.07
CA SER I 145 -32.99 -17.05 -35.60
C SER I 145 -31.70 -16.25 -35.76
N ALA I 146 -31.82 -15.12 -36.47
CA ALA I 146 -30.64 -14.30 -36.75
C ALA I 146 -29.99 -13.79 -35.48
N GLN I 147 -30.80 -13.32 -34.52
CA GLN I 147 -30.23 -12.76 -33.29
C GLN I 147 -29.72 -13.85 -32.35
N ALA I 148 -30.43 -14.99 -32.29
CA ALA I 148 -29.87 -16.14 -31.59
C ALA I 148 -28.55 -16.56 -32.20
N ALA I 149 -28.46 -16.49 -33.53
CA ALA I 149 -27.19 -16.76 -34.21
C ALA I 149 -26.13 -15.75 -33.82
N VAL I 150 -26.51 -14.48 -33.68
CA VAL I 150 -25.55 -13.46 -33.25
C VAL I 150 -25.01 -13.80 -31.87
N GLU I 151 -25.90 -14.18 -30.95
CA GLU I 151 -25.46 -14.54 -29.60
C GLU I 151 -24.55 -15.77 -29.62
N PHE I 152 -24.94 -16.80 -30.38
CA PHE I 152 -24.19 -18.04 -30.43
C PHE I 152 -22.80 -17.83 -31.05
N SER I 153 -22.76 -17.13 -32.19
CA SER I 153 -21.50 -16.82 -32.83
C SER I 153 -20.65 -15.89 -31.99
N GLY I 154 -21.28 -14.98 -31.23
CA GLY I 154 -20.51 -14.14 -30.33
C GLY I 154 -19.85 -14.92 -29.22
N ALA I 155 -20.57 -15.87 -28.63
CA ALA I 155 -19.96 -16.73 -27.62
C ALA I 155 -18.82 -17.54 -28.22
N LEU I 156 -19.03 -18.12 -29.40
CA LEU I 156 -17.96 -18.88 -30.04
C LEU I 156 -16.76 -18.02 -30.36
N ASP I 157 -16.98 -16.81 -30.88
CA ASP I 157 -15.89 -15.90 -31.19
C ASP I 157 -15.16 -15.47 -29.93
N TYR I 158 -15.89 -15.32 -28.82
CA TYR I 158 -15.25 -15.00 -27.55
C TYR I 158 -14.34 -16.13 -27.12
N VAL I 159 -14.79 -17.38 -27.25
CA VAL I 159 -13.92 -18.52 -26.92
C VAL I 159 -12.70 -18.52 -27.82
N ILE I 160 -12.91 -18.30 -29.11
CA ILE I 160 -11.80 -18.33 -30.08
C ILE I 160 -10.77 -17.25 -29.72
N ASN I 161 -11.24 -16.04 -29.43
CA ASN I 161 -10.35 -14.95 -29.05
C ASN I 161 -9.64 -15.24 -27.74
N SER I 162 -10.31 -15.94 -26.81
CA SER I 162 -9.63 -16.37 -25.60
C SER I 162 -8.55 -17.40 -25.88
N LEU I 163 -8.68 -18.17 -26.97
CA LEU I 163 -7.68 -19.16 -27.33
C LEU I 163 -6.59 -18.61 -28.24
N CYS I 164 -6.87 -17.57 -29.02
CA CYS I 164 -5.87 -17.00 -29.91
C CYS I 164 -5.38 -15.65 -29.40
N MET J 1 -15.64 9.43 -17.55
CA MET J 1 -15.73 9.12 -18.99
C MET J 1 -17.12 9.46 -19.52
N LEU J 2 -17.18 9.82 -20.79
CA LEU J 2 -18.41 10.26 -21.43
C LEU J 2 -18.82 9.32 -22.55
N ASP J 3 -20.13 9.30 -22.82
CA ASP J 3 -20.70 8.68 -24.00
C ASP J 3 -21.38 9.77 -24.83
N ALA J 4 -22.09 9.36 -25.88
CA ALA J 4 -22.74 10.33 -26.75
C ALA J 4 -23.77 11.16 -25.98
N PHE J 5 -24.59 10.50 -25.16
CA PHE J 5 -25.59 11.21 -24.38
C PHE J 5 -24.94 12.14 -23.36
N SER J 6 -23.91 11.63 -22.66
CA SER J 6 -23.19 12.48 -21.72
C SER J 6 -22.42 13.58 -22.42
N ARG J 7 -21.94 13.34 -23.65
CA ARG J 7 -21.31 14.41 -24.42
C ARG J 7 -22.32 15.52 -24.72
N VAL J 8 -23.52 15.14 -25.12
CA VAL J 8 -24.57 16.12 -25.39
C VAL J 8 -24.91 16.89 -24.11
N VAL J 9 -25.01 16.18 -22.99
CA VAL J 9 -25.32 16.81 -21.71
C VAL J 9 -24.23 17.79 -21.32
N VAL J 10 -22.97 17.39 -21.47
CA VAL J 10 -21.84 18.27 -21.13
C VAL J 10 -21.85 19.50 -22.02
N ASN J 11 -22.14 19.33 -23.31
CA ASN J 11 -22.22 20.47 -24.20
C ASN J 11 -23.35 21.41 -23.79
N SER J 12 -24.51 20.87 -23.42
CA SER J 12 -25.63 21.70 -23.00
C SER J 12 -25.39 22.32 -21.62
N ASP J 13 -24.61 21.65 -20.77
CA ASP J 13 -24.30 22.22 -19.46
C ASP J 13 -23.44 23.47 -19.57
N SER J 14 -22.63 23.57 -20.63
CA SER J 14 -21.82 24.76 -20.84
C SER J 14 -22.67 26.00 -21.04
N LYS J 15 -23.88 25.84 -21.58
CA LYS J 15 -24.80 26.94 -21.81
C LYS J 15 -25.87 27.06 -20.73
N ALA J 16 -25.77 26.27 -19.66
CA ALA J 16 -26.79 26.21 -18.63
C ALA J 16 -28.15 25.91 -19.24
N ALA J 17 -28.16 25.11 -20.30
CA ALA J 17 -29.36 24.88 -21.09
C ALA J 17 -29.84 23.45 -20.94
N TYR J 18 -31.15 23.29 -20.87
CA TYR J 18 -31.76 21.98 -20.98
C TYR J 18 -31.47 21.41 -22.37
N VAL J 19 -31.35 20.09 -22.44
CA VAL J 19 -30.98 19.45 -23.70
C VAL J 19 -31.98 19.83 -24.78
N SER J 20 -31.50 20.51 -25.82
CA SER J 20 -32.37 21.08 -26.83
C SER J 20 -33.01 19.98 -27.68
N GLY J 21 -34.03 20.39 -28.44
CA GLY J 21 -34.71 19.44 -29.31
C GLY J 21 -33.81 18.87 -30.38
N SER J 22 -32.88 19.66 -30.91
CA SER J 22 -31.97 19.17 -31.94
C SER J 22 -31.04 18.10 -31.39
N ASP J 23 -30.45 18.36 -30.21
CA ASP J 23 -29.59 17.35 -29.58
C ASP J 23 -30.39 16.12 -29.17
N LEU J 24 -31.63 16.32 -28.72
CA LEU J 24 -32.49 15.19 -28.38
C LEU J 24 -32.78 14.34 -29.61
N GLN J 25 -33.04 14.97 -30.75
CA GLN J 25 -33.25 14.23 -31.98
C GLN J 25 -31.97 13.52 -32.43
N ALA J 26 -30.82 14.15 -32.23
CA ALA J 26 -29.56 13.49 -32.57
C ALA J 26 -29.36 12.24 -31.71
N LEU J 27 -29.68 12.33 -30.41
CA LEU J 27 -29.56 11.16 -29.56
C LEU J 27 -30.61 10.11 -29.87
N LYS J 28 -31.80 10.53 -30.30
CA LYS J 28 -32.80 9.58 -30.78
C LYS J 28 -32.31 8.85 -32.02
N THR J 29 -31.63 9.55 -32.92
CA THR J 29 -31.00 8.90 -34.07
C THR J 29 -29.92 7.92 -33.62
N PHE J 30 -29.13 8.32 -32.63
CA PHE J 30 -28.13 7.42 -32.05
C PHE J 30 -28.79 6.14 -31.55
N ILE J 31 -29.91 6.27 -30.84
CA ILE J 31 -30.61 5.11 -30.31
C ILE J 31 -31.19 4.26 -31.43
N ALA J 32 -31.82 4.90 -32.42
CA ALA J 32 -32.40 4.16 -33.54
C ALA J 32 -31.33 3.43 -34.33
N ASP J 33 -30.12 3.96 -34.38
CA ASP J 33 -28.97 3.27 -34.94
C ASP J 33 -28.25 2.42 -33.90
N GLY J 34 -28.80 2.31 -32.69
CA GLY J 34 -28.13 1.60 -31.63
C GLY J 34 -27.90 0.12 -31.94
N ASN J 35 -28.88 -0.51 -32.59
CA ASN J 35 -28.69 -1.90 -32.99
C ASN J 35 -27.52 -2.04 -33.96
N LYS J 36 -27.42 -1.12 -34.92
CA LYS J 36 -26.30 -1.13 -35.85
C LYS J 36 -24.99 -0.91 -35.10
N ARG J 37 -24.98 -0.02 -34.12
CA ARG J 37 -23.77 0.24 -33.34
C ARG J 37 -23.34 -1.00 -32.55
N LEU J 38 -24.32 -1.70 -31.96
CA LEU J 38 -24.01 -2.94 -31.26
C LEU J 38 -23.47 -4.00 -32.21
N ASP J 39 -24.04 -4.07 -33.42
CA ASP J 39 -23.50 -4.99 -34.41
C ASP J 39 -22.07 -4.62 -34.79
N ALA J 40 -21.79 -3.32 -34.91
CA ALA J 40 -20.45 -2.87 -35.25
C ALA J 40 -19.45 -3.24 -34.15
N VAL J 41 -19.82 -3.00 -32.89
CA VAL J 41 -18.95 -3.36 -31.78
C VAL J 41 -18.75 -4.86 -31.73
N ASN J 42 -19.81 -5.64 -32.00
CA ASN J 42 -19.70 -7.08 -32.04
C ASN J 42 -18.75 -7.52 -33.14
N SER J 43 -18.81 -6.88 -34.31
CA SER J 43 -17.91 -7.22 -35.41
C SER J 43 -16.47 -6.93 -35.05
N ILE J 44 -16.22 -5.83 -34.34
CA ILE J 44 -14.85 -5.49 -33.96
C ILE J 44 -14.34 -6.47 -32.90
N VAL J 45 -15.11 -6.70 -31.83
CA VAL J 45 -14.62 -7.51 -30.73
C VAL J 45 -14.53 -8.98 -31.11
N SER J 46 -15.44 -9.45 -31.99
CA SER J 46 -15.39 -10.83 -32.44
C SER J 46 -14.17 -11.12 -33.29
N ASN J 47 -13.55 -10.08 -33.86
CA ASN J 47 -12.34 -10.21 -34.67
C ASN J 47 -11.20 -9.39 -34.09
N ALA J 48 -11.22 -9.13 -32.79
CA ALA J 48 -10.21 -8.26 -32.18
C ALA J 48 -8.82 -8.84 -32.32
N SER J 49 -8.66 -10.14 -32.01
CA SER J 49 -7.35 -10.78 -32.14
C SER J 49 -6.88 -10.75 -33.59
N CYS J 50 -7.77 -11.04 -34.53
CA CYS J 50 -7.42 -10.96 -35.94
C CYS J 50 -6.96 -9.56 -36.31
N ILE J 51 -7.72 -8.54 -35.90
CA ILE J 51 -7.39 -7.17 -36.25
C ILE J 51 -6.02 -6.79 -35.70
N VAL J 52 -5.77 -7.08 -34.42
CA VAL J 52 -4.53 -6.65 -33.78
C VAL J 52 -3.34 -7.41 -34.37
N SER J 53 -3.45 -8.72 -34.48
CA SER J 53 -2.34 -9.51 -35.02
C SER J 53 -2.04 -9.12 -36.45
N ASP J 54 -3.08 -8.95 -37.27
CA ASP J 54 -2.88 -8.55 -38.67
C ASP J 54 -2.25 -7.17 -38.75
N ALA J 55 -2.68 -6.23 -37.91
CA ALA J 55 -2.11 -4.88 -37.97
C ALA J 55 -0.64 -4.88 -37.55
N VAL J 56 -0.31 -5.57 -36.47
CA VAL J 56 1.09 -5.61 -36.04
C VAL J 56 1.95 -6.34 -37.06
N SER J 57 1.43 -7.42 -37.65
CA SER J 57 2.18 -8.14 -38.67
C SER J 57 2.39 -7.30 -39.91
N GLY J 58 1.37 -6.53 -40.32
CA GLY J 58 1.53 -5.66 -41.47
C GLY J 58 2.51 -4.53 -41.21
N MET J 59 2.49 -3.99 -39.98
CA MET J 59 3.48 -2.98 -39.62
C MET J 59 4.88 -3.56 -39.67
N ILE J 60 5.05 -4.80 -39.22
CA ILE J 60 6.36 -5.44 -39.27
C ILE J 60 6.78 -5.69 -40.71
N CYS J 61 5.85 -6.18 -41.54
CA CYS J 61 6.18 -6.51 -42.93
C CYS J 61 6.55 -5.26 -43.72
N GLU J 62 5.85 -4.16 -43.50
CA GLU J 62 6.19 -2.91 -44.17
C GLU J 62 7.44 -2.25 -43.61
N ASN J 63 7.78 -2.53 -42.36
CA ASN J 63 8.98 -1.97 -41.73
C ASN J 63 9.75 -3.11 -41.08
N PRO J 64 10.50 -3.88 -41.89
CA PRO J 64 11.26 -5.01 -41.33
C PRO J 64 12.31 -4.61 -40.31
N GLY J 65 12.73 -3.34 -40.31
CA GLY J 65 13.69 -2.88 -39.31
C GLY J 65 13.16 -2.89 -37.89
N LEU J 66 11.86 -3.05 -37.71
CA LEU J 66 11.29 -3.08 -36.36
C LEU J 66 11.64 -4.36 -35.61
N ILE J 67 11.85 -5.46 -36.33
CA ILE J 67 12.18 -6.74 -35.72
C ILE J 67 13.68 -7.02 -35.79
N ALA J 68 14.44 -6.12 -36.40
CA ALA J 68 15.89 -6.19 -36.35
C ALA J 68 16.39 -5.79 -34.97
N PRO J 69 17.61 -6.20 -34.60
CA PRO J 69 18.17 -5.76 -33.31
C PRO J 69 18.17 -4.25 -33.21
N GLY J 70 17.75 -3.74 -32.04
CA GLY J 70 17.51 -2.33 -31.87
C GLY J 70 16.12 -1.88 -32.29
N GLY J 71 15.40 -2.71 -33.04
CA GLY J 71 14.02 -2.38 -33.37
C GLY J 71 13.10 -2.56 -32.19
N ASN J 72 11.93 -1.93 -32.26
CA ASN J 72 11.00 -1.93 -31.15
C ASN J 72 10.14 -3.18 -31.09
N CYS J 73 10.22 -4.08 -32.07
CA CYS J 73 9.46 -5.33 -32.04
C CYS J 73 10.34 -6.56 -31.98
N TYR J 74 11.65 -6.40 -32.14
CA TYR J 74 12.61 -7.44 -31.77
C TYR J 74 12.46 -7.74 -30.28
N THR J 75 12.98 -8.88 -29.83
CA THR J 75 12.77 -9.31 -28.45
C THR J 75 11.29 -9.57 -28.13
N ASN J 76 10.87 -10.82 -28.31
CA ASN J 76 9.52 -11.28 -27.99
C ASN J 76 8.87 -10.52 -26.84
N ARG J 77 9.63 -10.13 -25.82
CA ARG J 77 9.08 -9.23 -24.82
C ARG J 77 8.52 -7.96 -25.47
N ARG J 78 9.33 -7.30 -26.29
CA ARG J 78 8.85 -6.10 -26.98
C ARG J 78 7.74 -6.43 -27.97
N MET J 79 7.84 -7.58 -28.63
CA MET J 79 6.79 -7.94 -29.59
C MET J 79 5.45 -8.15 -28.91
N ALA J 80 5.44 -8.83 -27.76
CA ALA J 80 4.20 -9.03 -27.01
C ALA J 80 3.72 -7.72 -26.42
N ALA J 81 4.65 -6.85 -26.02
CA ALA J 81 4.25 -5.53 -25.57
C ALA J 81 3.58 -4.76 -26.69
N CYS J 82 4.06 -4.92 -27.92
CA CYS J 82 3.45 -4.26 -29.07
C CYS J 82 2.07 -4.84 -29.38
N LEU J 83 1.95 -6.17 -29.31
CA LEU J 83 0.65 -6.79 -29.55
C LEU J 83 -0.36 -6.37 -28.49
N ARG J 84 0.04 -6.35 -27.22
CA ARG J 84 -0.84 -5.89 -26.15
C ARG J 84 -1.15 -4.41 -26.30
N ASP J 85 -0.17 -3.64 -26.77
CA ASP J 85 -0.32 -2.21 -26.98
C ASP J 85 -1.40 -1.94 -28.03
N GLY J 86 -1.32 -2.65 -29.15
CA GLY J 86 -2.35 -2.53 -30.18
C GLY J 86 -3.68 -3.09 -29.74
N GLU J 87 -3.68 -4.17 -28.96
CA GLU J 87 -4.93 -4.71 -28.44
C GLU J 87 -5.61 -3.71 -27.52
N ILE J 88 -4.84 -3.02 -26.68
CA ILE J 88 -5.39 -1.98 -25.82
C ILE J 88 -5.96 -0.84 -26.65
N ILE J 89 -5.23 -0.43 -27.68
CA ILE J 89 -5.74 0.64 -28.54
C ILE J 89 -7.05 0.24 -29.19
N LEU J 90 -7.13 -0.99 -29.71
CA LEU J 90 -8.37 -1.47 -30.31
C LEU J 90 -9.49 -1.59 -29.29
N ARG J 91 -9.16 -2.01 -28.06
CA ARG J 91 -10.17 -2.14 -27.02
C ARG J 91 -10.77 -0.79 -26.66
N TYR J 92 -9.93 0.24 -26.55
CA TYR J 92 -10.45 1.57 -26.26
C TYR J 92 -11.17 2.15 -27.46
N THR J 93 -10.75 1.81 -28.68
CA THR J 93 -11.51 2.21 -29.86
C THR J 93 -12.90 1.58 -29.86
N SER J 94 -12.98 0.30 -29.48
CA SER J 94 -14.27 -0.36 -29.37
C SER J 94 -15.12 0.26 -28.27
N TYR J 95 -14.49 0.66 -27.15
CA TYR J 95 -15.21 1.39 -26.12
C TYR J 95 -15.78 2.69 -26.68
N ALA J 96 -14.98 3.43 -27.44
CA ALA J 96 -15.46 4.68 -28.03
C ALA J 96 -16.61 4.42 -28.99
N LEU J 97 -16.50 3.38 -29.82
CA LEU J 97 -17.57 3.05 -30.75
C LEU J 97 -18.85 2.67 -30.02
N LEU J 98 -18.73 1.89 -28.96
CA LEU J 98 -19.89 1.51 -28.16
C LEU J 98 -20.52 2.74 -27.50
N ALA J 99 -19.70 3.64 -26.97
CA ALA J 99 -20.19 4.82 -26.30
C ALA J 99 -20.64 5.91 -27.27
N GLY J 100 -20.19 5.87 -28.52
CA GLY J 100 -20.45 6.96 -29.42
C GLY J 100 -19.64 8.20 -29.16
N ASP J 101 -18.66 8.12 -28.25
CA ASP J 101 -17.83 9.26 -27.90
C ASP J 101 -16.41 8.78 -27.65
N SER J 102 -15.44 9.61 -28.03
CA SER J 102 -14.02 9.28 -27.88
C SER J 102 -13.47 9.63 -26.50
N SER J 103 -14.34 10.07 -25.58
CA SER J 103 -13.86 10.48 -24.26
C SER J 103 -13.12 9.35 -23.55
N VAL J 104 -13.70 8.16 -23.55
CA VAL J 104 -13.04 7.03 -22.90
C VAL J 104 -11.70 6.73 -23.57
N LEU J 105 -11.70 6.68 -24.91
CA LEU J 105 -10.46 6.42 -25.64
C LEU J 105 -9.40 7.45 -25.30
N GLU J 106 -9.72 8.73 -25.49
CA GLU J 106 -8.74 9.78 -25.22
C GLU J 106 -8.22 9.69 -23.79
N ASP J 107 -9.14 9.82 -22.81
CA ASP J 107 -8.74 9.95 -21.41
C ASP J 107 -8.01 8.71 -20.89
N ARG J 108 -8.44 7.50 -21.26
CA ARG J 108 -7.90 6.31 -20.63
C ARG J 108 -6.85 5.59 -21.47
N CYS J 109 -6.67 5.96 -22.74
CA CYS J 109 -5.63 5.35 -23.57
C CYS J 109 -4.66 6.38 -24.12
N LEU J 110 -5.16 7.49 -24.68
CA LEU J 110 -4.30 8.40 -25.41
C LEU J 110 -3.69 9.47 -24.52
N ASN J 111 -4.25 9.69 -23.33
CA ASN J 111 -3.72 10.69 -22.41
C ASN J 111 -2.35 10.25 -21.92
N GLY J 112 -1.30 10.91 -22.38
CA GLY J 112 0.05 10.55 -22.04
C GLY J 112 0.65 9.43 -22.87
N LEU J 113 -0.09 8.92 -23.85
CA LEU J 113 0.42 7.83 -24.68
C LEU J 113 1.60 8.30 -25.53
N LYS J 114 1.52 9.51 -26.09
CA LYS J 114 2.60 10.02 -26.92
C LYS J 114 3.87 10.21 -26.10
N GLU J 115 3.75 10.81 -24.91
CA GLU J 115 4.90 11.00 -24.04
C GLU J 115 5.47 9.67 -23.58
N THR J 116 4.61 8.71 -23.25
CA THR J 116 5.06 7.39 -22.85
C THR J 116 5.83 6.71 -23.98
N TYR J 117 5.33 6.80 -25.20
CA TYR J 117 6.00 6.18 -26.33
C TYR J 117 7.32 6.87 -26.64
N ILE J 118 7.38 8.19 -26.50
CA ILE J 118 8.64 8.91 -26.68
C ILE J 118 9.66 8.47 -25.64
N ALA J 119 9.22 8.36 -24.39
CA ALA J 119 10.12 7.92 -23.32
C ALA J 119 10.61 6.49 -23.55
N LEU J 120 9.73 5.60 -24.00
CA LEU J 120 10.12 4.22 -24.27
C LEU J 120 10.85 4.06 -25.60
N GLY J 121 10.84 5.07 -26.45
CA GLY J 121 11.44 4.94 -27.76
C GLY J 121 10.58 4.22 -28.77
N VAL J 122 9.28 4.11 -28.53
CA VAL J 122 8.35 3.46 -29.46
C VAL J 122 8.20 4.37 -30.67
N PRO J 123 8.50 3.90 -31.88
CA PRO J 123 8.39 4.76 -33.06
C PRO J 123 6.95 5.16 -33.32
N THR J 124 6.72 6.47 -33.41
CA THR J 124 5.38 6.99 -33.65
C THR J 124 4.89 6.72 -35.06
N ASN J 125 5.78 6.71 -36.05
CA ASN J 125 5.36 6.36 -37.41
C ASN J 125 4.89 4.92 -37.50
N SER J 126 5.61 4.00 -36.86
CA SER J 126 5.20 2.60 -36.88
C SER J 126 3.92 2.40 -36.08
N THR J 127 3.77 3.10 -34.95
CA THR J 127 2.52 3.04 -34.20
C THR J 127 1.35 3.55 -35.03
N ALA J 128 1.56 4.66 -35.74
CA ALA J 128 0.52 5.19 -36.61
C ALA J 128 0.17 4.22 -37.72
N ARG J 129 1.18 3.54 -38.28
CA ARG J 129 0.92 2.56 -39.32
C ARG J 129 0.10 1.38 -38.79
N ALA J 130 0.47 0.88 -37.61
CA ALA J 130 -0.29 -0.21 -37.01
C ALA J 130 -1.71 0.21 -36.70
N VAL J 131 -1.88 1.43 -36.19
CA VAL J 131 -3.22 1.93 -35.88
C VAL J 131 -4.03 2.11 -37.16
N SER J 132 -3.39 2.54 -38.24
CA SER J 132 -4.09 2.71 -39.50
C SER J 132 -4.50 1.37 -40.11
N ILE J 133 -3.66 0.34 -39.96
CA ILE J 133 -4.06 -0.98 -40.42
C ILE J 133 -5.21 -1.51 -39.57
N MET J 134 -5.15 -1.27 -38.25
CA MET J 134 -6.29 -1.56 -37.38
C MET J 134 -7.54 -0.83 -37.87
N LYS J 135 -7.38 0.42 -38.27
CA LYS J 135 -8.51 1.21 -38.74
C LYS J 135 -9.12 0.60 -39.99
N SER J 136 -8.28 0.24 -40.96
CA SER J 136 -8.78 -0.35 -42.19
C SER J 136 -9.49 -1.68 -41.93
N SER J 137 -8.85 -2.55 -41.14
CA SER J 137 -9.46 -3.84 -40.84
C SER J 137 -10.74 -3.69 -40.05
N ALA J 138 -10.75 -2.81 -39.05
CA ALA J 138 -11.95 -2.60 -38.24
C ALA J 138 -13.08 -2.03 -39.07
N VAL J 139 -12.77 -1.07 -39.96
CA VAL J 139 -13.80 -0.50 -40.83
C VAL J 139 -14.35 -1.56 -41.76
N ALA J 140 -13.48 -2.44 -42.29
CA ALA J 140 -13.94 -3.53 -43.12
C ALA J 140 -14.88 -4.45 -42.34
N PHE J 141 -14.54 -4.74 -41.09
CA PHE J 141 -15.38 -5.60 -40.28
C PHE J 141 -16.72 -4.92 -39.95
N ILE J 142 -16.70 -3.59 -39.76
CA ILE J 142 -17.94 -2.85 -39.54
C ILE J 142 -18.85 -2.97 -40.75
N SER J 143 -18.29 -2.78 -41.93
CA SER J 143 -19.04 -2.84 -43.18
C SER J 143 -19.19 -4.27 -43.70
N ASN J 144 -18.68 -5.26 -42.97
CA ASN J 144 -18.74 -6.66 -43.36
C ASN J 144 -18.09 -6.87 -44.73
N THR J 145 -17.02 -6.13 -44.99
CA THR J 145 -16.27 -6.25 -46.24
C THR J 145 -14.93 -6.95 -46.03
N ALA J 146 -14.76 -7.61 -44.88
CA ALA J 146 -13.53 -8.37 -44.65
C ALA J 146 -13.51 -9.59 -45.55
N PRO J 147 -12.47 -9.76 -46.37
CA PRO J 147 -12.48 -10.85 -47.36
C PRO J 147 -12.56 -12.24 -46.77
N GLN J 148 -11.94 -12.48 -45.61
CA GLN J 148 -11.80 -13.83 -45.08
C GLN J 148 -12.72 -14.11 -43.89
N ARG J 149 -13.61 -13.17 -43.55
CA ARG J 149 -14.53 -13.40 -42.43
C ARG J 149 -15.74 -12.51 -42.62
N LYS J 150 -16.90 -13.13 -42.80
CA LYS J 150 -18.17 -12.41 -42.95
C LYS J 150 -19.07 -12.74 -41.78
N MET J 151 -19.74 -11.72 -41.26
CA MET J 151 -20.66 -11.87 -40.13
C MET J 151 -22.07 -11.53 -40.59
N ALA J 152 -23.01 -12.40 -40.25
CA ALA J 152 -24.39 -12.25 -40.71
C ALA J 152 -25.05 -11.11 -39.95
N THR J 153 -25.32 -10.01 -40.65
CA THR J 153 -26.01 -8.86 -40.09
C THR J 153 -27.10 -8.43 -41.06
N ALA J 154 -27.97 -7.54 -40.58
CA ALA J 154 -29.01 -6.99 -41.43
C ALA J 154 -28.40 -6.03 -42.44
N ALA J 155 -28.93 -6.05 -43.66
CA ALA J 155 -28.45 -5.16 -44.70
C ALA J 155 -28.81 -3.72 -44.39
N GLY J 156 -27.83 -2.84 -44.53
CA GLY J 156 -28.05 -1.43 -44.25
C GLY J 156 -26.76 -0.66 -44.39
N ASP J 157 -26.88 0.64 -44.21
CA ASP J 157 -25.74 1.55 -44.32
C ASP J 157 -25.12 1.73 -42.94
N CYS J 158 -23.97 1.10 -42.72
CA CYS J 158 -23.19 1.28 -41.49
C CYS J 158 -22.01 2.20 -41.72
N SER J 159 -22.04 3.01 -42.79
CA SER J 159 -20.92 3.90 -43.08
C SER J 159 -20.73 4.94 -41.98
N ALA J 160 -21.80 5.31 -41.27
CA ALA J 160 -21.64 6.23 -40.16
C ALA J 160 -20.78 5.61 -39.05
N LEU J 161 -21.04 4.34 -38.72
CA LEU J 161 -20.25 3.69 -37.68
C LEU J 161 -18.84 3.39 -38.15
N SER J 162 -18.68 3.04 -39.44
CA SER J 162 -17.35 2.85 -39.98
C SER J 162 -16.54 4.14 -39.94
N SER J 163 -17.19 5.26 -40.26
CA SER J 163 -16.52 6.56 -40.18
C SER J 163 -16.23 6.94 -38.74
N GLU J 164 -17.09 6.54 -37.80
CA GLU J 164 -16.82 6.77 -36.39
C GLU J 164 -15.58 5.99 -35.94
N VAL J 165 -15.47 4.73 -36.36
CA VAL J 165 -14.30 3.93 -36.04
C VAL J 165 -13.05 4.53 -36.65
N ALA J 166 -13.16 4.98 -37.91
CA ALA J 166 -12.05 5.65 -38.56
C ALA J 166 -11.64 6.91 -37.81
N SER J 167 -12.63 7.67 -37.32
CA SER J 167 -12.33 8.88 -36.57
C SER J 167 -11.64 8.57 -35.25
N TYR J 168 -12.07 7.51 -34.56
CA TYR J 168 -11.40 7.13 -33.32
C TYR J 168 -9.96 6.69 -33.58
N CYS J 169 -9.74 5.91 -34.63
CA CYS J 169 -8.39 5.50 -34.97
C CYS J 169 -7.54 6.68 -35.42
N ASP J 170 -8.14 7.65 -36.11
CA ASP J 170 -7.40 8.86 -36.49
C ASP J 170 -7.08 9.70 -35.27
N LYS J 171 -7.96 9.72 -34.27
CA LYS J 171 -7.63 10.38 -33.01
C LYS J 171 -6.45 9.69 -32.34
N VAL J 172 -6.43 8.36 -32.37
CA VAL J 172 -5.29 7.63 -31.82
C VAL J 172 -4.01 8.00 -32.56
N SER J 173 -4.07 8.04 -33.89
CA SER J 173 -2.89 8.34 -34.69
C SER J 173 -2.41 9.77 -34.46
N ALA J 174 -3.34 10.73 -34.36
CA ALA J 174 -2.95 12.11 -34.11
C ALA J 174 -2.41 12.29 -32.70
N ALA J 175 -2.92 11.52 -31.73
CA ALA J 175 -2.45 11.64 -30.37
C ALA J 175 -0.98 11.25 -30.24
N ILE J 176 -0.55 10.21 -30.94
CA ILE J 176 0.84 9.77 -30.85
C ILE J 176 1.71 10.53 -31.85
N MET K 1 19.35 -17.61 7.14
CA MET K 1 20.80 -17.78 7.20
C MET K 1 21.41 -17.54 5.83
N LYS K 2 21.97 -16.35 5.62
CA LYS K 2 22.51 -16.00 4.32
C LYS K 2 23.72 -16.85 3.99
N SER K 3 23.66 -17.52 2.84
CA SER K 3 24.78 -18.24 2.26
C SER K 3 24.60 -18.22 0.75
N VAL K 4 25.50 -18.90 0.04
CA VAL K 4 25.35 -18.98 -1.41
C VAL K 4 24.05 -19.68 -1.77
N ILE K 5 23.83 -20.86 -1.18
CA ILE K 5 22.66 -21.66 -1.52
C ILE K 5 21.38 -20.92 -1.16
N THR K 6 21.32 -20.37 0.05
CA THR K 6 20.12 -19.66 0.48
C THR K 6 19.89 -18.43 -0.35
N THR K 7 20.95 -17.69 -0.71
CA THR K 7 20.77 -16.49 -1.54
C THR K 7 20.17 -16.86 -2.90
N THR K 8 20.77 -17.84 -3.58
CA THR K 8 20.26 -18.20 -4.91
C THR K 8 18.86 -18.78 -4.84
N ILE K 9 18.59 -19.63 -3.85
CA ILE K 9 17.26 -20.23 -3.74
C ILE K 9 16.22 -19.17 -3.42
N SER K 10 16.57 -18.21 -2.55
CA SER K 10 15.64 -17.13 -2.22
C SER K 10 15.37 -16.26 -3.45
N ALA K 11 16.40 -15.97 -4.24
CA ALA K 11 16.18 -15.20 -5.46
C ALA K 11 15.28 -15.94 -6.43
N ALA K 12 15.52 -17.24 -6.62
CA ALA K 12 14.67 -18.03 -7.51
C ALA K 12 13.24 -18.10 -7.01
N ASP K 13 13.05 -18.25 -5.69
CA ASP K 13 11.72 -18.29 -5.12
C ASP K 13 11.01 -16.95 -5.26
N ALA K 14 11.74 -15.85 -5.09
CA ALA K 14 11.16 -14.53 -5.29
C ALA K 14 10.71 -14.34 -6.74
N ALA K 15 11.52 -14.84 -7.68
CA ALA K 15 11.12 -14.86 -9.07
C ALA K 15 10.24 -16.06 -9.42
N GLY K 16 10.02 -16.97 -8.47
CA GLY K 16 9.15 -18.11 -8.71
C GLY K 16 9.65 -19.06 -9.78
N ARG K 17 10.94 -19.35 -9.80
CA ARG K 17 11.54 -20.17 -10.83
C ARG K 17 12.29 -21.34 -10.21
N PHE K 18 12.40 -22.42 -10.99
CA PHE K 18 13.22 -23.55 -10.61
C PHE K 18 14.69 -23.13 -10.59
N PRO K 19 15.52 -23.83 -9.84
CA PRO K 19 16.97 -23.57 -9.88
C PRO K 19 17.50 -23.71 -11.30
N SER K 20 18.07 -22.63 -11.80
CA SER K 20 18.57 -22.57 -13.17
C SER K 20 20.08 -22.76 -13.17
N SER K 21 20.70 -22.52 -14.33
CA SER K 21 22.14 -22.72 -14.46
C SER K 21 22.92 -21.84 -13.49
N SER K 22 22.47 -20.60 -13.28
CA SER K 22 23.17 -19.70 -12.37
C SER K 22 23.13 -20.20 -10.94
N ASP K 23 22.01 -20.76 -10.49
CA ASP K 23 21.92 -21.28 -9.13
C ASP K 23 22.88 -22.45 -8.92
N LEU K 24 22.88 -23.40 -9.85
CA LEU K 24 23.81 -24.53 -9.77
C LEU K 24 25.25 -24.04 -9.83
N GLU K 25 25.51 -23.00 -10.62
CA GLU K 25 26.86 -22.45 -10.73
C GLU K 25 27.32 -21.83 -9.41
N SER K 26 26.42 -21.10 -8.74
CA SER K 26 26.74 -20.55 -7.43
C SER K 26 27.02 -21.66 -6.42
N VAL K 27 26.20 -22.72 -6.45
CA VAL K 27 26.46 -23.85 -5.56
C VAL K 27 27.79 -24.52 -5.89
N GLN K 28 28.17 -24.52 -7.16
CA GLN K 28 29.49 -25.03 -7.54
C GLN K 28 30.59 -24.17 -6.93
N GLY K 29 30.38 -22.85 -6.87
CA GLY K 29 31.32 -22.00 -6.18
C GLY K 29 31.39 -22.30 -4.70
N ASN K 30 30.24 -22.59 -4.09
CA ASN K 30 30.24 -23.08 -2.72
C ASN K 30 31.12 -24.32 -2.58
N ILE K 31 31.00 -25.24 -3.54
CA ILE K 31 31.82 -26.46 -3.54
C ILE K 31 33.31 -26.10 -3.62
N GLN K 32 33.66 -25.18 -4.51
CA GLN K 32 35.07 -24.81 -4.70
C GLN K 32 35.65 -24.16 -3.44
N ARG K 33 34.91 -23.25 -2.81
CA ARG K 33 35.44 -22.48 -1.69
C ARG K 33 35.25 -23.16 -0.34
N ALA K 34 34.46 -24.24 -0.30
CA ALA K 34 34.22 -24.94 0.95
C ALA K 34 35.49 -25.48 1.56
N ALA K 35 36.45 -25.92 0.73
CA ALA K 35 37.70 -26.45 1.28
C ALA K 35 38.38 -25.41 2.17
N SER K 36 38.58 -24.20 1.65
CA SER K 36 39.25 -23.16 2.41
C SER K 36 38.43 -22.75 3.62
N ARG K 37 37.13 -22.48 3.43
CA ARG K 37 36.38 -21.96 4.56
C ARG K 37 36.17 -23.01 5.64
N LEU K 38 36.07 -24.29 5.27
CA LEU K 38 35.95 -25.36 6.25
C LEU K 38 37.27 -25.65 6.93
N GLU K 39 38.40 -25.48 6.24
CA GLU K 39 39.68 -25.56 6.94
C GLU K 39 39.78 -24.47 8.00
N ALA K 40 39.38 -23.25 7.64
CA ALA K 40 39.37 -22.16 8.62
C ALA K 40 38.44 -22.47 9.79
N ALA K 41 37.25 -23.00 9.48
CA ALA K 41 36.29 -23.35 10.53
C ALA K 41 36.85 -24.43 11.45
N GLU K 42 37.48 -25.45 10.87
CA GLU K 42 38.05 -26.53 11.67
C GLU K 42 39.15 -26.01 12.59
N LYS K 43 40.05 -25.18 12.04
CA LYS K 43 41.13 -24.63 12.86
C LYS K 43 40.57 -23.78 13.99
N LEU K 44 39.58 -22.93 13.68
CA LEU K 44 39.00 -22.07 14.71
C LEU K 44 38.27 -22.90 15.77
N ALA K 45 37.56 -23.94 15.36
CA ALA K 45 36.86 -24.79 16.32
C ALA K 45 37.84 -25.55 17.19
N GLY K 46 38.99 -25.94 16.64
CA GLY K 46 39.97 -26.67 17.42
C GLY K 46 40.81 -25.81 18.35
N ASN K 47 41.01 -24.52 18.00
CA ASN K 47 41.84 -23.65 18.83
C ASN K 47 41.09 -22.40 19.29
N HIS K 48 39.77 -22.48 19.45
CA HIS K 48 38.99 -21.28 19.75
C HIS K 48 39.25 -20.77 21.17
N GLU K 49 39.46 -21.67 22.13
CA GLU K 49 39.63 -21.24 23.52
C GLU K 49 40.84 -20.33 23.65
N ALA K 50 41.97 -20.73 23.07
CA ALA K 50 43.15 -19.87 23.09
C ALA K 50 42.91 -18.59 22.33
N VAL K 51 42.27 -18.68 21.16
CA VAL K 51 42.00 -17.48 20.35
C VAL K 51 41.09 -16.53 21.11
N VAL K 52 40.06 -17.04 21.77
CA VAL K 52 39.12 -16.20 22.50
C VAL K 52 39.79 -15.55 23.69
N LYS K 53 40.51 -16.34 24.49
CA LYS K 53 41.23 -15.79 25.64
C LYS K 53 42.20 -14.71 25.21
N GLU K 54 42.85 -14.91 24.06
CA GLU K 54 43.90 -14.02 23.60
C GLU K 54 43.31 -12.74 23.01
N ALA K 55 42.18 -12.84 22.31
CA ALA K 55 41.47 -11.66 21.87
C ALA K 55 40.95 -10.85 23.05
N GLY K 56 40.48 -11.52 24.10
CA GLY K 56 40.03 -10.80 25.29
C GLY K 56 41.19 -10.11 26.00
N ASP K 57 42.33 -10.78 26.10
CA ASP K 57 43.51 -10.15 26.69
C ASP K 57 43.92 -8.92 25.90
N ALA K 58 43.91 -9.02 24.57
CA ALA K 58 44.23 -7.87 23.74
C ALA K 58 43.23 -6.73 23.94
N CYS K 59 41.94 -7.08 24.01
CA CYS K 59 40.90 -6.07 24.20
C CYS K 59 41.10 -5.32 25.51
N PHE K 60 41.37 -6.05 26.59
CA PHE K 60 41.57 -5.39 27.88
C PHE K 60 42.93 -4.74 28.02
N ALA K 61 43.92 -5.15 27.22
CA ALA K 61 45.20 -4.46 27.22
C ALA K 61 45.13 -3.13 26.48
N LYS K 62 44.37 -3.10 25.37
CA LYS K 62 44.21 -1.85 24.65
C LYS K 62 43.33 -0.87 25.40
N TYR K 63 42.37 -1.37 26.20
CA TYR K 63 41.43 -0.53 26.93
C TYR K 63 41.42 -0.94 28.39
N PRO K 64 42.48 -0.64 29.14
CA PRO K 64 42.48 -0.94 30.58
C PRO K 64 41.45 -0.15 31.36
N TYR K 65 40.93 0.95 30.79
CA TYR K 65 39.89 1.72 31.46
C TYR K 65 38.61 0.92 31.65
N LEU K 66 38.44 -0.18 30.94
CA LEU K 66 37.25 -1.00 31.10
C LEU K 66 37.15 -1.63 32.47
N LYS K 67 38.27 -1.76 33.18
CA LYS K 67 38.27 -2.29 34.55
C LYS K 67 37.83 -1.25 35.58
N ASN K 68 37.75 0.02 35.20
CA ASN K 68 37.36 1.05 36.14
C ASN K 68 35.90 0.88 36.55
N PRO K 69 35.53 1.23 37.78
CA PRO K 69 34.14 1.08 38.21
C PRO K 69 33.20 1.87 37.33
N GLY K 70 32.02 1.29 37.07
CA GLY K 70 31.05 1.89 36.18
C GLY K 70 31.24 1.55 34.72
N GLU K 71 32.31 0.87 34.37
CA GLU K 71 32.60 0.50 32.99
C GLU K 71 32.36 -0.99 32.77
N ALA K 72 32.18 -1.36 31.51
CA ALA K 72 32.06 -2.76 31.16
C ALA K 72 33.37 -3.48 31.48
N GLY K 73 33.30 -4.50 32.31
CA GLY K 73 34.48 -5.17 32.79
C GLY K 73 35.00 -4.70 34.13
N ASP K 74 34.22 -3.94 34.88
CA ASP K 74 34.63 -3.46 36.20
C ASP K 74 34.62 -4.57 37.25
N SER K 75 34.07 -5.73 36.93
CA SER K 75 34.04 -6.88 37.82
C SER K 75 34.50 -8.11 37.05
N GLN K 76 34.93 -9.12 37.80
CA GLN K 76 35.34 -10.37 37.17
C GLN K 76 34.19 -11.01 36.40
N GLU K 77 32.96 -10.83 36.90
CA GLU K 77 31.79 -11.32 36.18
C GLU K 77 31.68 -10.68 34.80
N LYS K 78 31.87 -9.35 34.74
CA LYS K 78 31.77 -8.67 33.46
C LYS K 78 32.96 -8.95 32.55
N ILE K 79 34.15 -9.19 33.12
CA ILE K 79 35.29 -9.60 32.30
C ILE K 79 35.04 -10.97 31.70
N ASN K 80 34.51 -11.90 32.50
CA ASN K 80 34.15 -13.21 31.98
C ASN K 80 33.07 -13.11 30.93
N LYS K 81 32.13 -12.17 31.11
CA LYS K 81 31.12 -11.94 30.08
C LYS K 81 31.74 -11.38 28.80
N CYS K 82 32.78 -10.55 28.93
CA CYS K 82 33.50 -10.07 27.76
C CYS K 82 34.15 -11.22 26.99
N TYR K 83 34.83 -12.10 27.72
CA TYR K 83 35.45 -13.26 27.06
C TYR K 83 34.39 -14.17 26.47
N ARG K 84 33.25 -14.31 27.15
CA ARG K 84 32.14 -15.10 26.61
C ARG K 84 31.58 -14.48 25.34
N ASP K 85 31.49 -13.15 25.29
CA ASP K 85 31.03 -12.48 24.08
C ASP K 85 31.99 -12.69 22.93
N ILE K 86 33.30 -12.61 23.21
CA ILE K 86 34.28 -12.88 22.16
C ILE K 86 34.18 -14.33 21.71
N ASP K 87 33.92 -15.24 22.65
CA ASP K 87 33.70 -16.64 22.29
C ASP K 87 32.46 -16.79 21.42
N HIS K 88 31.39 -16.07 21.75
CA HIS K 88 30.17 -16.11 20.94
C HIS K 88 30.45 -15.63 19.53
N TYR K 89 31.19 -14.53 19.40
CA TYR K 89 31.51 -14.00 18.08
C TYR K 89 32.42 -14.96 17.31
N MET K 90 33.39 -15.58 17.97
CA MET K 90 34.25 -16.54 17.28
C MET K 90 33.47 -17.77 16.86
N ARG K 91 32.51 -18.21 17.68
CA ARG K 91 31.66 -19.33 17.29
C ARG K 91 30.77 -18.96 16.11
N LEU K 92 30.26 -17.73 16.09
CA LEU K 92 29.47 -17.28 14.95
C LEU K 92 30.34 -17.13 13.70
N ILE K 93 31.60 -16.76 13.85
CA ILE K 93 32.52 -16.73 12.72
C ILE K 93 32.78 -18.13 12.20
N ASN K 94 32.94 -19.09 13.11
CA ASN K 94 33.06 -20.50 12.72
C ASN K 94 31.82 -20.94 11.96
N TYR K 95 30.64 -20.55 12.44
CA TYR K 95 29.40 -20.87 11.75
C TYR K 95 29.35 -20.23 10.36
N SER K 96 29.81 -18.98 10.25
CA SER K 96 29.84 -18.30 8.96
C SER K 96 30.76 -19.01 7.98
N LEU K 97 31.93 -19.44 8.47
CA LEU K 97 32.84 -20.21 7.61
C LEU K 97 32.22 -21.54 7.20
N VAL K 98 31.48 -22.17 8.11
CA VAL K 98 30.85 -23.45 7.79
C VAL K 98 29.78 -23.26 6.72
N VAL K 99 28.92 -22.25 6.88
CA VAL K 99 27.85 -22.04 5.91
C VAL K 99 28.34 -21.31 4.67
N GLY K 100 29.50 -20.66 4.74
CA GLY K 100 29.98 -19.89 3.60
C GLY K 100 29.30 -18.55 3.40
N GLY K 101 28.67 -18.02 4.44
CA GLY K 101 28.03 -16.72 4.35
C GLY K 101 27.94 -16.09 5.73
N THR K 102 27.61 -14.80 5.73
CA THR K 102 27.52 -14.04 6.97
C THR K 102 26.24 -14.28 7.74
N GLY K 103 25.39 -15.18 7.27
CA GLY K 103 24.10 -15.47 7.87
C GLY K 103 24.11 -15.61 9.38
N PRO K 104 24.86 -16.59 9.90
CA PRO K 104 24.89 -16.76 11.37
C PRO K 104 25.30 -15.51 12.11
N LEU K 105 26.34 -14.81 11.62
CA LEU K 105 26.73 -13.56 12.24
C LEU K 105 25.60 -12.54 12.16
N ASP K 106 25.07 -12.32 10.95
CA ASP K 106 24.02 -11.32 10.75
C ASP K 106 22.86 -11.53 11.71
N GLU K 107 22.40 -12.77 11.85
CA GLU K 107 21.18 -13.01 12.62
C GLU K 107 21.44 -13.20 14.11
N TRP K 108 22.64 -13.62 14.53
CA TRP K 108 22.82 -13.97 15.94
C TRP K 108 23.81 -13.08 16.69
N GLY K 109 24.69 -12.35 16.02
CA GLY K 109 25.65 -11.54 16.73
C GLY K 109 25.65 -10.08 16.34
N ILE K 110 25.18 -9.77 15.14
CA ILE K 110 25.21 -8.41 14.61
C ILE K 110 23.86 -7.72 14.73
N ALA K 111 22.79 -8.39 14.32
CA ALA K 111 21.46 -7.81 14.44
C ALA K 111 21.16 -7.47 15.88
N GLY K 112 20.84 -6.21 16.13
CA GLY K 112 20.53 -5.74 17.46
C GLY K 112 21.72 -5.56 18.38
N ALA K 113 22.92 -5.98 17.95
CA ALA K 113 24.10 -5.81 18.80
C ALA K 113 24.37 -4.34 19.09
N ARG K 114 24.05 -3.47 18.12
CA ARG K 114 24.23 -2.04 18.33
C ARG K 114 23.39 -1.54 19.49
N GLU K 115 22.09 -1.87 19.50
CA GLU K 115 21.22 -1.46 20.58
C GLU K 115 21.61 -2.10 21.90
N VAL K 116 21.99 -3.38 21.87
CA VAL K 116 22.40 -4.08 23.09
C VAL K 116 23.62 -3.40 23.70
N TYR K 117 24.62 -3.11 22.87
CA TYR K 117 25.86 -2.55 23.38
C TYR K 117 25.69 -1.11 23.83
N ARG K 118 24.82 -0.35 23.16
CA ARG K 118 24.51 0.99 23.64
C ARG K 118 23.77 0.95 24.97
N ALA K 119 22.82 0.02 25.12
CA ALA K 119 22.04 -0.06 26.35
C ALA K 119 22.91 -0.53 27.52
N LEU K 120 23.85 -1.43 27.27
CA LEU K 120 24.67 -2.03 28.31
C LEU K 120 26.04 -1.37 28.44
N ASN K 121 26.25 -0.23 27.78
CA ASN K 121 27.50 0.51 27.86
C ASN K 121 28.69 -0.37 27.45
N LEU K 122 28.52 -1.13 26.38
CA LEU K 122 29.60 -1.94 25.85
C LEU K 122 30.18 -1.23 24.64
N PRO K 123 31.34 -0.59 24.74
CA PRO K 123 31.89 0.13 23.58
C PRO K 123 32.23 -0.83 22.46
N GLY K 124 31.86 -0.44 21.24
CA GLY K 124 32.20 -1.25 20.07
C GLY K 124 33.70 -1.29 19.82
N SER K 125 34.43 -0.29 20.30
CA SER K 125 35.87 -0.26 20.11
C SER K 125 36.57 -1.45 20.77
N SER K 126 36.03 -1.93 21.90
CA SER K 126 36.62 -3.07 22.57
C SER K 126 36.48 -4.34 21.74
N TYR K 127 35.26 -4.61 21.24
CA TYR K 127 35.06 -5.74 20.35
C TYR K 127 35.94 -5.61 19.11
N ILE K 128 36.00 -4.40 18.55
CA ILE K 128 36.81 -4.17 17.36
C ILE K 128 38.28 -4.46 17.65
N ALA K 129 38.75 -4.05 18.83
CA ALA K 129 40.13 -4.34 19.22
C ALA K 129 40.38 -5.85 19.29
N ALA K 130 39.45 -6.58 19.91
CA ALA K 130 39.60 -8.03 20.00
C ALA K 130 39.68 -8.66 18.62
N PHE K 131 38.77 -8.26 17.72
CA PHE K 131 38.70 -8.89 16.41
C PHE K 131 39.85 -8.46 15.51
N VAL K 132 40.30 -7.20 15.63
CA VAL K 132 41.45 -6.75 14.88
C VAL K 132 42.71 -7.48 15.33
N PHE K 133 42.84 -7.69 16.64
CA PHE K 133 43.97 -8.47 17.14
C PHE K 133 43.92 -9.90 16.62
N THR K 134 42.73 -10.50 16.61
CA THR K 134 42.61 -11.86 16.09
C THR K 134 42.96 -11.91 14.60
N ARG K 135 42.52 -10.90 13.83
CA ARG K 135 42.78 -10.87 12.40
C ARG K 135 44.25 -10.69 12.09
N ASP K 136 44.89 -9.70 12.73
CA ASP K 136 46.30 -9.44 12.49
C ASP K 136 47.22 -10.47 13.13
N ARG K 137 46.71 -11.24 14.08
CA ARG K 137 47.51 -12.26 14.75
C ARG K 137 47.68 -13.50 13.89
N LEU K 138 46.71 -13.78 13.01
CA LEU K 138 46.77 -14.93 12.14
C LEU K 138 47.98 -14.86 11.22
N CYS K 139 48.60 -16.02 10.99
CA CYS K 139 49.82 -16.12 10.19
C CYS K 139 49.68 -17.26 9.20
N VAL K 140 50.18 -17.06 7.99
CA VAL K 140 50.03 -18.00 6.88
C VAL K 140 51.40 -18.53 6.50
N PRO K 141 51.56 -19.84 6.28
CA PRO K 141 50.59 -20.93 6.42
C PRO K 141 50.61 -21.45 7.85
N ARG K 142 51.11 -20.58 8.72
CA ARG K 142 51.43 -20.94 10.09
C ARG K 142 50.21 -21.49 10.82
N ASP K 143 49.10 -20.76 10.78
CA ASP K 143 47.88 -21.16 11.46
C ASP K 143 46.87 -21.82 10.54
N MET K 144 46.83 -21.44 9.26
CA MET K 144 45.93 -22.04 8.29
C MET K 144 46.43 -21.66 6.90
N SER K 145 45.86 -22.30 5.88
CA SER K 145 46.26 -22.03 4.52
C SER K 145 45.90 -20.59 4.13
N ALA K 146 46.41 -20.16 2.98
CA ALA K 146 46.22 -18.78 2.54
C ALA K 146 44.74 -18.46 2.37
N GLN K 147 43.99 -19.35 1.72
CA GLN K 147 42.59 -19.07 1.45
C GLN K 147 41.71 -19.28 2.68
N ALA K 148 42.05 -20.25 3.53
CA ALA K 148 41.38 -20.35 4.83
C ALA K 148 41.59 -19.08 5.63
N ALA K 149 42.81 -18.53 5.57
CA ALA K 149 43.09 -17.25 6.21
C ALA K 149 42.26 -16.13 5.60
N VAL K 150 42.11 -16.14 4.27
CA VAL K 150 41.31 -15.13 3.61
C VAL K 150 39.88 -15.16 4.12
N GLU K 151 39.29 -16.35 4.21
CA GLU K 151 37.92 -16.47 4.71
C GLU K 151 37.81 -16.07 6.18
N PHE K 152 38.77 -16.50 7.00
CA PHE K 152 38.74 -16.17 8.43
C PHE K 152 38.85 -14.67 8.65
N SER K 153 39.81 -14.03 7.97
CA SER K 153 39.97 -12.59 8.06
C SER K 153 38.78 -11.85 7.46
N GLY K 154 38.15 -12.41 6.43
CA GLY K 154 36.97 -11.79 5.87
C GLY K 154 35.81 -11.80 6.85
N ALA K 155 35.61 -12.91 7.54
CA ALA K 155 34.58 -12.97 8.58
C ALA K 155 34.89 -11.96 9.69
N LEU K 156 36.15 -11.91 10.13
CA LEU K 156 36.52 -10.97 11.18
C LEU K 156 36.31 -9.53 10.74
N ASP K 157 36.68 -9.21 9.50
CA ASP K 157 36.49 -7.87 8.97
C ASP K 157 35.02 -7.53 8.84
N TYR K 158 34.19 -8.52 8.49
CA TYR K 158 32.76 -8.29 8.44
C TYR K 158 32.22 -7.94 9.82
N VAL K 159 32.68 -8.67 10.85
CA VAL K 159 32.26 -8.34 12.22
C VAL K 159 32.71 -6.93 12.59
N ILE K 160 33.96 -6.60 12.27
CA ILE K 160 34.49 -5.28 12.62
C ILE K 160 33.67 -4.18 11.92
N ASN K 161 33.41 -4.35 10.63
CA ASN K 161 32.62 -3.38 9.89
C ASN K 161 31.21 -3.28 10.44
N SER K 162 30.65 -4.39 10.92
CA SER K 162 29.37 -4.34 11.60
C SER K 162 29.45 -3.57 12.91
N LEU K 163 30.62 -3.54 13.56
CA LEU K 163 30.78 -2.80 14.80
C LEU K 163 31.29 -1.37 14.59
N CYS K 164 31.70 -1.01 13.39
CA CYS K 164 32.20 0.35 13.16
C CYS K 164 31.45 1.02 12.00
N MET L 1 20.42 -5.12 -14.13
CA MET L 1 21.84 -4.80 -14.14
C MET L 1 22.61 -5.77 -15.02
N LEU L 2 23.76 -5.32 -15.54
CA LEU L 2 24.61 -6.12 -16.39
C LEU L 2 25.98 -6.31 -15.75
N ASP L 3 26.57 -7.46 -16.02
CA ASP L 3 27.95 -7.74 -15.69
C ASP L 3 28.78 -7.72 -16.96
N ALA L 4 30.07 -8.09 -16.84
CA ALA L 4 30.94 -8.10 -18.01
C ALA L 4 30.43 -9.07 -19.07
N PHE L 5 30.01 -10.27 -18.65
CA PHE L 5 29.44 -11.23 -19.59
C PHE L 5 28.13 -10.71 -20.16
N SER L 6 27.27 -10.14 -19.31
CA SER L 6 26.03 -9.54 -19.80
C SER L 6 26.30 -8.36 -20.70
N ARG L 7 27.33 -7.57 -20.40
CA ARG L 7 27.69 -6.46 -21.27
C ARG L 7 28.13 -6.96 -22.64
N VAL L 8 28.94 -8.02 -22.67
CA VAL L 8 29.38 -8.60 -23.93
C VAL L 8 28.18 -9.12 -24.72
N VAL L 9 27.24 -9.78 -24.02
CA VAL L 9 26.06 -10.32 -24.69
C VAL L 9 25.20 -9.19 -25.25
N VAL L 10 25.02 -8.11 -24.49
CA VAL L 10 24.24 -6.97 -24.97
C VAL L 10 24.90 -6.35 -26.20
N ASN L 11 26.22 -6.21 -26.17
CA ASN L 11 26.93 -5.68 -27.33
C ASN L 11 26.75 -6.59 -28.54
N SER L 12 26.83 -7.90 -28.33
CA SER L 12 26.62 -8.85 -29.42
C SER L 12 25.18 -8.85 -29.90
N ASP L 13 24.22 -8.64 -28.98
CA ASP L 13 22.82 -8.64 -29.36
C ASP L 13 22.47 -7.47 -30.27
N SER L 14 23.16 -6.34 -30.12
CA SER L 14 22.90 -5.19 -30.97
C SER L 14 23.16 -5.50 -32.43
N LYS L 15 24.06 -6.43 -32.71
CA LYS L 15 24.36 -6.87 -34.07
C LYS L 15 23.67 -8.17 -34.43
N ALA L 16 22.80 -8.69 -33.55
CA ALA L 16 22.18 -10.00 -33.72
C ALA L 16 23.25 -11.04 -34.01
N ALA L 17 24.38 -10.96 -33.31
CA ALA L 17 25.53 -11.81 -33.57
C ALA L 17 25.80 -12.70 -32.36
N TYR L 18 26.20 -13.93 -32.62
CA TYR L 18 26.68 -14.79 -31.55
C TYR L 18 27.97 -14.21 -30.99
N VAL L 19 28.23 -14.50 -29.72
CA VAL L 19 29.38 -13.89 -29.04
C VAL L 19 30.65 -14.31 -29.78
N SER L 20 31.41 -13.32 -30.24
CA SER L 20 32.55 -13.56 -31.10
C SER L 20 33.71 -14.19 -30.34
N GLY L 21 34.71 -14.65 -31.10
CA GLY L 21 35.88 -15.23 -30.48
C GLY L 21 36.67 -14.24 -29.65
N SER L 22 36.77 -12.99 -30.14
CA SER L 22 37.48 -11.96 -29.38
C SER L 22 36.76 -11.65 -28.07
N ASP L 23 35.44 -11.54 -28.11
CA ASP L 23 34.67 -11.30 -26.89
C ASP L 23 34.78 -12.49 -25.94
N LEU L 24 34.75 -13.71 -26.48
CA LEU L 24 34.92 -14.89 -25.64
C LEU L 24 36.30 -14.91 -24.99
N GLN L 25 37.33 -14.51 -25.72
CA GLN L 25 38.67 -14.45 -25.15
C GLN L 25 38.76 -13.38 -24.07
N ALA L 26 38.11 -12.23 -24.29
CA ALA L 26 38.09 -11.19 -23.28
C ALA L 26 37.40 -11.67 -22.01
N LEU L 27 36.29 -12.39 -22.15
CA LEU L 27 35.60 -12.93 -20.98
C LEU L 27 36.41 -14.05 -20.31
N LYS L 28 37.16 -14.82 -21.10
CA LYS L 28 38.06 -15.81 -20.52
C LYS L 28 39.16 -15.14 -19.72
N THR L 29 39.67 -14.01 -20.20
CA THR L 29 40.62 -13.22 -19.41
C THR L 29 39.98 -12.71 -18.13
N PHE L 30 38.72 -12.25 -18.23
CA PHE L 30 37.97 -11.85 -17.05
C PHE L 30 37.89 -12.99 -16.03
N ILE L 31 37.62 -14.21 -16.50
CA ILE L 31 37.51 -15.36 -15.61
C ILE L 31 38.86 -15.71 -15.01
N ALA L 32 39.92 -15.69 -15.83
CA ALA L 32 41.26 -16.01 -15.33
C ALA L 32 41.71 -14.99 -14.28
N ASP L 33 41.34 -13.73 -14.43
CA ASP L 33 41.55 -12.72 -13.41
C ASP L 33 40.44 -12.70 -12.38
N GLY L 34 39.51 -13.66 -12.46
CA GLY L 34 38.39 -13.68 -11.52
C GLY L 34 38.83 -13.81 -10.07
N ASN L 35 39.84 -14.64 -9.82
CA ASN L 35 40.38 -14.74 -8.46
C ASN L 35 40.99 -13.40 -8.02
N LYS L 36 41.68 -12.73 -8.94
CA LYS L 36 42.19 -11.39 -8.65
C LYS L 36 41.04 -10.43 -8.36
N ARG L 37 39.95 -10.53 -9.14
CA ARG L 37 38.81 -9.65 -8.94
C ARG L 37 38.16 -9.87 -7.58
N LEU L 38 38.02 -11.14 -7.18
CA LEU L 38 37.51 -11.44 -5.84
C LEU L 38 38.45 -10.94 -4.77
N ASP L 39 39.76 -11.09 -4.98
CA ASP L 39 40.75 -10.50 -4.09
C ASP L 39 40.50 -9.01 -3.90
N ALA L 40 40.30 -8.29 -5.02
CA ALA L 40 40.12 -6.85 -4.97
C ALA L 40 38.82 -6.46 -4.27
N VAL L 41 37.73 -7.17 -4.59
CA VAL L 41 36.45 -6.88 -3.95
C VAL L 41 36.53 -7.14 -2.46
N ASN L 42 37.20 -8.22 -2.06
CA ASN L 42 37.40 -8.50 -0.64
C ASN L 42 38.19 -7.39 0.02
N SER L 43 39.24 -6.91 -0.65
CA SER L 43 40.03 -5.84 -0.09
C SER L 43 39.20 -4.57 0.11
N ILE L 44 38.33 -4.25 -0.84
CA ILE L 44 37.50 -3.06 -0.70
C ILE L 44 36.48 -3.23 0.42
N VAL L 45 35.76 -4.36 0.43
CA VAL L 45 34.65 -4.52 1.37
C VAL L 45 35.16 -4.73 2.79
N SER L 46 36.31 -5.38 2.96
CA SER L 46 36.88 -5.56 4.29
C SER L 46 37.34 -4.24 4.91
N ASN L 47 37.46 -3.19 4.10
CA ASN L 47 37.86 -1.87 4.58
C ASN L 47 36.84 -0.81 4.18
N ALA L 48 35.58 -1.20 4.01
CA ALA L 48 34.57 -0.28 3.50
C ALA L 48 34.36 0.90 4.45
N SER L 49 34.13 0.60 5.73
CA SER L 49 33.96 1.68 6.71
C SER L 49 35.23 2.51 6.81
N CYS L 50 36.39 1.84 6.79
CA CYS L 50 37.67 2.54 6.74
C CYS L 50 37.71 3.54 5.59
N ILE L 51 37.35 3.09 4.39
CA ILE L 51 37.43 3.94 3.20
C ILE L 51 36.45 5.11 3.32
N VAL L 52 35.23 4.82 3.77
CA VAL L 52 34.20 5.85 3.83
C VAL L 52 34.57 6.92 4.85
N SER L 53 35.05 6.51 6.03
CA SER L 53 35.48 7.47 7.02
C SER L 53 36.69 8.27 6.53
N ASP L 54 37.66 7.58 5.91
CA ASP L 54 38.81 8.26 5.31
C ASP L 54 38.34 9.37 4.37
N ALA L 55 37.42 9.06 3.47
CA ALA L 55 37.00 10.01 2.46
C ALA L 55 36.20 11.17 3.06
N VAL L 56 35.22 10.86 3.91
CA VAL L 56 34.39 11.93 4.44
C VAL L 56 35.19 12.84 5.35
N SER L 57 36.07 12.26 6.19
CA SER L 57 36.93 13.06 7.05
C SER L 57 37.88 13.92 6.24
N GLY L 58 38.45 13.38 5.17
CA GLY L 58 39.34 14.19 4.34
C GLY L 58 38.60 15.30 3.62
N MET L 59 37.40 15.02 3.14
CA MET L 59 36.60 16.05 2.49
C MET L 59 36.23 17.16 3.47
N ILE L 60 35.94 16.79 4.72
CA ILE L 60 35.62 17.80 5.73
C ILE L 60 36.85 18.61 6.10
N CYS L 61 38.00 17.96 6.28
CA CYS L 61 39.21 18.68 6.65
C CYS L 61 39.70 19.61 5.55
N GLU L 62 39.56 19.20 4.28
CA GLU L 62 39.94 20.08 3.18
C GLU L 62 39.01 21.28 3.07
N ASN L 63 37.72 21.08 3.36
CA ASN L 63 36.70 22.12 3.26
C ASN L 63 36.00 22.20 4.60
N PRO L 64 36.56 22.95 5.56
CA PRO L 64 35.91 23.07 6.88
C PRO L 64 34.55 23.73 6.84
N GLY L 65 34.20 24.41 5.75
CA GLY L 65 32.89 25.00 5.63
C GLY L 65 31.76 24.00 5.59
N LEU L 66 32.07 22.73 5.28
CA LEU L 66 31.04 21.70 5.26
C LEU L 66 30.46 21.45 6.64
N ILE L 67 31.25 21.62 7.68
CA ILE L 67 30.79 21.41 9.05
C ILE L 67 30.46 22.72 9.77
N ALA L 68 30.72 23.86 9.15
CA ALA L 68 30.27 25.13 9.67
C ALA L 68 28.74 25.22 9.54
N PRO L 69 28.10 26.07 10.35
CA PRO L 69 26.65 26.23 10.22
C PRO L 69 26.27 26.64 8.80
N GLY L 70 25.22 25.99 8.28
CA GLY L 70 24.88 26.09 6.89
C GLY L 70 25.65 25.15 5.99
N GLY L 71 26.73 24.55 6.48
CA GLY L 71 27.43 23.55 5.70
C GLY L 71 26.62 22.27 5.59
N ASN L 72 26.96 21.47 4.58
CA ASN L 72 26.18 20.28 4.30
C ASN L 72 26.57 19.07 5.15
N CYS L 73 27.62 19.17 5.98
CA CYS L 73 28.01 18.08 6.86
C CYS L 73 27.84 18.44 8.33
N TYR L 74 27.45 19.67 8.62
CA TYR L 74 27.05 20.09 9.96
C TYR L 74 25.68 19.49 10.24
N THR L 75 25.29 19.43 11.52
CA THR L 75 24.11 18.63 11.90
C THR L 75 24.30 17.14 11.66
N ASN L 76 24.75 16.43 12.70
CA ASN L 76 24.90 14.98 12.71
C ASN L 76 23.93 14.26 11.78
N ARG L 77 22.70 14.74 11.64
CA ARG L 77 21.81 14.16 10.63
C ARG L 77 22.43 14.26 9.23
N ARG L 78 22.85 15.45 8.83
CA ARG L 78 23.51 15.59 7.52
C ARG L 78 24.83 14.85 7.49
N MET L 79 25.56 14.83 8.60
CA MET L 79 26.83 14.10 8.62
C MET L 79 26.62 12.61 8.39
N ALA L 80 25.61 12.02 9.05
CA ALA L 80 25.31 10.62 8.84
C ALA L 80 24.77 10.37 7.45
N ALA L 81 24.01 11.32 6.90
CA ALA L 81 23.58 11.20 5.51
C ALA L 81 24.77 11.18 4.56
N CYS L 82 25.78 12.01 4.83
CA CYS L 82 26.99 12.02 4.03
C CYS L 82 27.75 10.70 4.15
N LEU L 83 27.89 10.20 5.37
CA LEU L 83 28.58 8.92 5.56
C LEU L 83 27.81 7.79 4.88
N ARG L 84 26.49 7.80 4.98
CA ARG L 84 25.68 6.79 4.31
C ARG L 84 25.81 6.89 2.80
N ASP L 85 25.84 8.10 2.26
CA ASP L 85 26.01 8.27 0.82
C ASP L 85 27.38 7.77 0.37
N GLY L 86 28.43 8.07 1.14
CA GLY L 86 29.74 7.55 0.82
C GLY L 86 29.78 6.03 0.85
N GLU L 87 29.14 5.43 1.86
CA GLU L 87 29.06 3.98 1.95
C GLU L 87 28.27 3.40 0.78
N ILE L 88 27.19 4.06 0.37
CA ILE L 88 26.38 3.58 -0.74
C ILE L 88 27.17 3.65 -2.04
N ILE L 89 27.88 4.76 -2.26
CA ILE L 89 28.68 4.90 -3.48
C ILE L 89 29.78 3.85 -3.50
N LEU L 90 30.43 3.62 -2.36
CA LEU L 90 31.47 2.58 -2.31
C LEU L 90 30.86 1.20 -2.52
N ARG L 91 29.66 0.97 -2.00
CA ARG L 91 29.00 -0.32 -2.18
C ARG L 91 28.68 -0.57 -3.64
N TYR L 92 28.19 0.45 -4.35
CA TYR L 92 27.89 0.28 -5.76
C TYR L 92 29.16 0.22 -6.61
N THR L 93 30.23 0.90 -6.18
CA THR L 93 31.51 0.73 -6.84
C THR L 93 32.03 -0.70 -6.68
N SER L 94 31.88 -1.27 -5.50
CA SER L 94 32.25 -2.66 -5.29
C SER L 94 31.36 -3.61 -6.09
N TYR L 95 30.07 -3.27 -6.24
CA TYR L 95 29.20 -4.04 -7.11
C TYR L 95 29.71 -4.02 -8.55
N ALA L 96 30.10 -2.83 -9.03
CA ALA L 96 30.63 -2.70 -10.38
C ALA L 96 31.93 -3.48 -10.53
N LEU L 97 32.80 -3.42 -9.52
CA LEU L 97 34.06 -4.16 -9.57
C LEU L 97 33.82 -5.66 -9.60
N LEU L 98 32.91 -6.14 -8.76
CA LEU L 98 32.60 -7.57 -8.75
C LEU L 98 31.98 -8.01 -10.06
N ALA L 99 31.08 -7.20 -10.61
CA ALA L 99 30.44 -7.48 -11.88
C ALA L 99 31.36 -7.22 -13.08
N GLY L 100 32.39 -6.41 -12.91
CA GLY L 100 33.18 -5.98 -14.04
C GLY L 100 32.42 -5.13 -15.03
N ASP L 101 31.44 -4.37 -14.56
CA ASP L 101 30.65 -3.51 -15.43
C ASP L 101 30.01 -2.40 -14.60
N SER L 102 29.82 -1.24 -15.21
CA SER L 102 29.27 -0.08 -14.52
C SER L 102 27.75 -0.09 -14.48
N SER L 103 27.09 -1.10 -15.08
CA SER L 103 25.64 -1.06 -15.24
C SER L 103 24.92 -0.91 -13.91
N VAL L 104 25.30 -1.70 -12.90
CA VAL L 104 24.63 -1.63 -11.62
C VAL L 104 24.83 -0.26 -10.98
N LEU L 105 26.06 0.26 -11.03
CA LEU L 105 26.32 1.58 -10.47
C LEU L 105 25.49 2.65 -11.17
N GLU L 106 25.55 2.71 -12.50
CA GLU L 106 24.82 3.73 -13.24
C GLU L 106 23.33 3.64 -12.99
N ASP L 107 22.77 2.44 -13.03
CA ASP L 107 21.32 2.29 -12.96
C ASP L 107 20.77 2.45 -11.55
N ARG L 108 21.56 2.15 -10.51
CA ARG L 108 20.98 2.10 -9.18
C ARG L 108 21.53 3.14 -8.22
N CYS L 109 22.67 3.78 -8.51
CA CYS L 109 23.21 4.81 -7.64
C CYS L 109 23.30 6.15 -8.34
N LEU L 110 23.91 6.21 -9.52
CA LEU L 110 24.18 7.46 -10.20
C LEU L 110 22.99 7.98 -10.99
N ASN L 111 22.00 7.14 -11.28
CA ASN L 111 20.85 7.55 -12.07
C ASN L 111 20.02 8.54 -11.26
N GLY L 112 20.06 9.81 -11.65
CA GLY L 112 19.37 10.86 -10.92
C GLY L 112 20.08 11.35 -9.69
N LEU L 113 21.29 10.87 -9.41
CA LEU L 113 22.01 11.32 -8.22
C LEU L 113 22.40 12.79 -8.33
N LYS L 114 22.79 13.24 -9.52
CA LYS L 114 23.19 14.63 -9.70
C LYS L 114 22.02 15.58 -9.43
N GLU L 115 20.86 15.29 -10.01
CA GLU L 115 19.71 16.15 -9.80
C GLU L 115 19.22 16.07 -8.35
N THR L 116 19.29 14.90 -7.73
CA THR L 116 18.92 14.76 -6.32
C THR L 116 19.84 15.61 -5.45
N TYR L 117 21.14 15.57 -5.71
CA TYR L 117 22.09 16.37 -4.94
C TYR L 117 21.88 17.87 -5.18
N ILE L 118 21.57 18.26 -6.41
CA ILE L 118 21.31 19.66 -6.71
C ILE L 118 20.07 20.13 -5.96
N ALA L 119 19.00 19.33 -5.98
CA ALA L 119 17.79 19.69 -5.25
C ALA L 119 18.03 19.79 -3.76
N LEU L 120 18.81 18.84 -3.21
CA LEU L 120 19.12 18.87 -1.79
C LEU L 120 20.15 19.93 -1.43
N GLY L 121 20.84 20.49 -2.43
CA GLY L 121 21.91 21.42 -2.15
C GLY L 121 23.23 20.78 -1.78
N VAL L 122 23.38 19.49 -2.00
CA VAL L 122 24.63 18.78 -1.73
C VAL L 122 25.71 19.35 -2.64
N PRO L 123 26.83 19.81 -2.10
CA PRO L 123 27.88 20.42 -2.95
C PRO L 123 28.53 19.37 -3.83
N THR L 124 28.41 19.57 -5.14
CA THR L 124 28.99 18.61 -6.08
C THR L 124 30.51 18.56 -5.98
N ASN L 125 31.15 19.70 -5.72
CA ASN L 125 32.60 19.69 -5.58
C ASN L 125 33.05 18.89 -4.37
N SER L 126 32.37 19.05 -3.23
CA SER L 126 32.74 18.30 -2.03
C SER L 126 32.41 16.82 -2.19
N THR L 127 31.28 16.51 -2.82
CA THR L 127 30.95 15.10 -3.08
C THR L 127 31.98 14.47 -3.99
N ALA L 128 32.41 15.20 -5.02
CA ALA L 128 33.44 14.69 -5.93
C ALA L 128 34.77 14.52 -5.20
N ARG L 129 35.10 15.42 -4.28
CA ARG L 129 36.32 15.26 -3.49
C ARG L 129 36.25 14.00 -2.63
N ALA L 130 35.10 13.77 -1.99
CA ALA L 130 34.93 12.56 -1.20
C ALA L 130 35.03 11.32 -2.06
N VAL L 131 34.45 11.36 -3.27
CA VAL L 131 34.51 10.22 -4.17
C VAL L 131 35.94 9.98 -4.64
N SER L 132 36.70 11.05 -4.88
CA SER L 132 38.08 10.89 -5.30
C SER L 132 38.96 10.34 -4.17
N ILE L 133 38.68 10.75 -2.93
CA ILE L 133 39.42 10.19 -1.81
C ILE L 133 39.07 8.73 -1.61
N MET L 134 37.78 8.38 -1.79
CA MET L 134 37.39 6.97 -1.81
C MET L 134 38.12 6.22 -2.92
N LYS L 135 38.27 6.85 -4.08
CA LYS L 135 38.99 6.23 -5.18
C LYS L 135 40.44 5.95 -4.80
N SER L 136 41.09 6.92 -4.17
CA SER L 136 42.47 6.74 -3.76
C SER L 136 42.59 5.60 -2.74
N SER L 137 41.73 5.60 -1.72
CA SER L 137 41.80 4.56 -0.70
C SER L 137 41.47 3.19 -1.28
N ALA L 138 40.45 3.09 -2.13
CA ALA L 138 40.09 1.82 -2.73
C ALA L 138 41.19 1.32 -3.65
N VAL L 139 41.82 2.21 -4.42
CA VAL L 139 42.94 1.82 -5.27
C VAL L 139 44.09 1.32 -4.43
N ALA L 140 44.38 2.00 -3.32
CA ALA L 140 45.45 1.53 -2.44
C ALA L 140 45.14 0.16 -1.87
N PHE L 141 43.88 -0.09 -1.52
CA PHE L 141 43.50 -1.40 -0.97
C PHE L 141 43.53 -2.48 -2.04
N ILE L 142 43.18 -2.14 -3.29
CA ILE L 142 43.28 -3.10 -4.39
C ILE L 142 44.73 -3.53 -4.58
N SER L 143 45.63 -2.55 -4.65
CA SER L 143 47.05 -2.81 -4.82
C SER L 143 47.75 -3.15 -3.52
N ASN L 144 47.01 -3.20 -2.41
CA ASN L 144 47.57 -3.52 -1.10
C ASN L 144 48.69 -2.55 -0.75
N THR L 145 48.50 -1.28 -1.10
CA THR L 145 49.45 -0.23 -0.78
C THR L 145 48.93 0.70 0.31
N ALA L 146 47.90 0.28 1.04
CA ALA L 146 47.41 1.09 2.15
C ALA L 146 48.43 1.08 3.28
N PRO L 147 48.88 2.24 3.75
CA PRO L 147 49.98 2.26 4.73
C PRO L 147 49.66 1.58 6.05
N GLN L 148 48.41 1.61 6.50
CA GLN L 148 48.10 1.13 7.84
C GLN L 148 47.67 -0.33 7.89
N ARG L 149 46.99 -0.83 6.85
CA ARG L 149 46.57 -2.23 6.84
C ARG L 149 46.97 -2.88 5.53
N LYS L 150 47.53 -4.08 5.63
CA LYS L 150 47.87 -4.91 4.48
C LYS L 150 47.04 -6.19 4.52
N MET L 151 46.59 -6.63 3.35
CA MET L 151 45.83 -7.87 3.24
C MET L 151 46.64 -8.87 2.43
N ALA L 152 46.82 -10.07 2.98
CA ALA L 152 47.70 -11.06 2.38
C ALA L 152 47.07 -11.65 1.13
N THR L 153 47.71 -11.40 -0.01
CA THR L 153 47.32 -11.99 -1.29
C THR L 153 48.56 -12.48 -2.01
N ALA L 154 48.37 -13.44 -2.91
CA ALA L 154 49.47 -13.92 -3.72
C ALA L 154 50.00 -12.81 -4.62
N ALA L 155 51.33 -12.77 -4.78
CA ALA L 155 51.95 -11.71 -5.54
C ALA L 155 51.48 -11.72 -6.99
N GLY L 156 51.09 -10.55 -7.48
CA GLY L 156 50.65 -10.43 -8.86
C GLY L 156 50.23 -9.00 -9.14
N ASP L 157 50.00 -8.73 -10.41
CA ASP L 157 49.65 -7.39 -10.89
C ASP L 157 48.13 -7.27 -10.92
N CYS L 158 47.59 -6.42 -10.04
CA CYS L 158 46.17 -6.10 -10.02
C CYS L 158 45.90 -4.69 -10.53
N SER L 159 46.80 -4.16 -11.37
CA SER L 159 46.62 -2.81 -11.89
C SER L 159 45.37 -2.69 -12.74
N ALA L 160 44.95 -3.77 -13.40
CA ALA L 160 43.72 -3.72 -14.18
C ALA L 160 42.51 -3.49 -13.30
N LEU L 161 42.43 -4.20 -12.16
CA LEU L 161 41.31 -4.02 -11.26
C LEU L 161 41.38 -2.66 -10.56
N SER L 162 42.59 -2.20 -10.24
CA SER L 162 42.75 -0.88 -9.67
C SER L 162 42.26 0.19 -10.64
N SER L 163 42.61 0.05 -11.93
CA SER L 163 42.14 0.98 -12.94
C SER L 163 40.62 0.87 -13.11
N GLU L 164 40.06 -0.33 -12.98
CA GLU L 164 38.61 -0.47 -13.05
C GLU L 164 37.93 0.26 -11.89
N VAL L 165 38.47 0.13 -10.69
CA VAL L 165 37.91 0.84 -9.53
C VAL L 165 38.02 2.35 -9.75
N ALA L 166 39.17 2.80 -10.24
CA ALA L 166 39.35 4.21 -10.53
C ALA L 166 38.36 4.69 -11.58
N SER L 167 38.12 3.87 -12.61
CA SER L 167 37.15 4.23 -13.64
C SER L 167 35.74 4.33 -13.08
N TYR L 168 35.36 3.41 -12.20
CA TYR L 168 34.04 3.49 -11.59
C TYR L 168 33.90 4.73 -10.73
N CYS L 169 34.93 5.06 -9.95
CA CYS L 169 34.87 6.26 -9.11
C CYS L 169 34.85 7.53 -9.96
N ASP L 170 35.64 7.57 -11.04
CA ASP L 170 35.60 8.72 -11.94
C ASP L 170 34.26 8.82 -12.66
N LYS L 171 33.63 7.69 -12.94
CA LYS L 171 32.29 7.71 -13.51
C LYS L 171 31.29 8.30 -12.52
N VAL L 172 31.45 7.95 -11.23
CA VAL L 172 30.64 8.57 -10.18
C VAL L 172 30.86 10.08 -10.17
N SER L 173 32.11 10.50 -10.25
CA SER L 173 32.42 11.93 -10.24
C SER L 173 31.85 12.64 -11.45
N ALA L 174 31.90 11.99 -12.62
CA ALA L 174 31.33 12.58 -13.83
C ALA L 174 29.82 12.68 -13.73
N ALA L 175 29.17 11.69 -13.14
CA ALA L 175 27.72 11.71 -13.02
C ALA L 175 27.24 12.89 -12.16
N ILE L 176 27.94 13.16 -11.06
CA ILE L 176 27.56 14.24 -10.16
C ILE L 176 28.02 15.58 -10.72
CHC PEB M . -28.28 -6.66 -33.21
NC PEB M . -29.34 -5.48 -35.10
C1C PEB M . -30.58 -5.13 -35.59
C2C PEB M . -31.52 -5.62 -34.69
C3C PEB M . -30.83 -6.27 -33.66
C4C PEB M . -29.47 -6.16 -33.95
CMC PEB M . -31.42 -6.95 -32.47
CAC PEB M . -33.01 -5.48 -34.82
CBC PEB M . -33.68 -6.79 -35.24
CGC PEB M . -33.01 -7.53 -36.41
O1C PEB M . -32.60 -6.86 -37.39
O2C PEB M . -32.92 -8.77 -36.28
ND PEB M . -28.94 -5.05 -31.42
C1D PEB M . -27.83 -5.69 -32.10
C2D PEB M . -27.15 -6.40 -30.96
C3D PEB M . -27.90 -6.30 -29.84
C4D PEB M . -29.03 -5.35 -30.12
CMD PEB M . -25.96 -7.24 -31.27
CAD PEB M . -27.69 -6.94 -28.55
CBD PEB M . -26.58 -7.38 -27.99
OD PEB M . -29.88 -4.92 -29.35
NA PEB M . -26.36 -4.74 -41.67
C1A PEB M . -25.38 -4.52 -42.61
C2A PEB M . -24.19 -3.91 -41.92
C3A PEB M . -24.53 -3.99 -40.42
C4A PEB M . -25.99 -4.37 -40.40
CMA PEB M . -22.90 -4.64 -42.30
CBA PEB M . -22.83 -2.59 -39.16
OA PEB M . -25.49 -4.76 -43.78
CHA PEB M . -26.69 -4.61 -39.27
CAA PEB M . -24.27 -2.70 -39.63
NB PEB M . -28.62 -4.71 -37.86
C1B PEB M . -28.02 -4.18 -38.91
C2B PEB M . -28.85 -3.17 -39.55
C3B PEB M . -30.00 -3.12 -38.83
C4B PEB M . -29.85 -4.09 -37.76
CHB PEB M . -30.77 -4.40 -36.80
CMB PEB M . -28.50 -2.36 -40.75
CAB PEB M . -31.19 -2.25 -39.07
CBB PEB M . -32.43 -3.05 -39.49
CGB PEB M . -33.52 -3.17 -38.41
O1B PEB M . -33.34 -2.55 -37.35
O2B PEB M . -34.50 -3.88 -38.69
CHC PEB N . -26.65 24.88 -5.53
NC PEB N . -27.15 27.14 -4.56
C1C PEB N . -26.46 28.25 -4.10
C2C PEB N . -25.11 27.98 -4.23
C3C PEB N . -24.97 26.70 -4.78
C4C PEB N . -26.25 26.20 -4.97
CMC PEB N . -23.68 26.02 -5.08
CAC PEB N . -23.98 28.88 -3.86
CBC PEB N . -23.54 29.72 -5.06
CGC PEB N . -24.59 30.68 -5.64
O1C PEB N . -24.42 31.89 -5.44
O2C PEB N . -25.53 30.15 -6.29
ND PEB N . -25.71 25.68 -7.68
C1D PEB N . -26.78 24.95 -7.07
C2D PEB N . -26.69 23.62 -7.73
C3D PEB N . -25.75 23.64 -8.70
C4D PEB N . -25.07 24.97 -8.64
CMD PEB N . -27.71 22.57 -7.47
CAD PEB N . -25.62 22.68 -9.78
CBD PEB N . -24.83 22.75 -10.86
OD PEB N . -24.12 25.36 -9.30
NA PEB N . -33.10 29.31 -0.56
C1A PEB N . -34.19 28.91 0.13
C2A PEB N . -34.07 27.43 0.35
C3A PEB N . -32.90 27.00 -0.54
C4A PEB N . -32.22 28.30 -0.90
CMA PEB N . -33.84 27.14 1.83
CBA PEB N . -34.43 25.27 -1.63
OA PEB N . -35.06 29.64 0.52
CHA PEB N . -31.38 28.42 -1.94
CAA PEB N . -33.28 26.23 -1.81
NB PEB N . -29.24 28.70 -2.93
C1B PEB N . -30.14 29.12 -2.07
C2B PEB N . -29.69 30.31 -1.36
C3B PEB N . -28.45 30.58 -1.85
C4B PEB N . -28.18 29.56 -2.84
CHB PEB N . -27.05 29.43 -3.59
CMB PEB N . -30.44 31.07 -0.33
CAB PEB N . -27.53 31.69 -1.47
CBB PEB N . -26.73 31.35 -0.21
CGB PEB N . -26.20 32.57 0.56
O1B PEB N . -26.56 32.72 1.74
O2B PEB N . -25.45 33.34 -0.09
CHC PEB O . -46.73 20.15 -13.48
NC PEB O . -49.17 20.59 -13.56
C1C PEB O . -50.06 21.56 -13.95
C2C PEB O . -49.32 22.62 -14.48
C3C PEB O . -47.96 22.26 -14.38
C4C PEB O . -47.91 20.99 -13.81
CMC PEB O . -46.79 23.09 -14.81
CAC PEB O . -49.86 23.89 -15.03
CBC PEB O . -50.03 23.84 -16.54
CGC PEB O . -51.31 23.13 -17.05
O1C PEB O . -52.25 23.85 -17.44
O2C PEB O . -51.28 21.88 -17.01
ND PEB O . -46.20 19.64 -15.85
C1D PEB O . -46.43 19.08 -14.55
C2D PEB O . -45.15 18.35 -14.29
C3D PEB O . -44.36 18.39 -15.38
C4D PEB O . -45.01 19.27 -16.39
CMD PEB O . -44.82 17.86 -12.93
CAD PEB O . -43.02 17.84 -15.49
CBD PEB O . -42.22 17.84 -16.56
OD PEB O . -44.59 19.63 -17.47
NA PEB O . -53.94 17.24 -10.35
C1A PEB O . -54.53 16.52 -9.35
C2A PEB O . -54.63 15.09 -9.80
C3A PEB O . -54.09 15.09 -11.26
C4A PEB O . -53.59 16.50 -11.45
CMA PEB O . -53.88 14.15 -8.87
CBA PEB O . -56.50 15.30 -12.04
OA PEB O . -54.91 16.99 -8.30
CHA PEB O . -52.97 17.02 -12.54
CAA PEB O . -55.14 14.66 -12.28
NB PEB O . -51.86 19.11 -13.15
C1B PEB O . -52.97 18.41 -12.94
C2B PEB O . -54.17 19.21 -13.16
C3B PEB O . -53.73 20.44 -13.52
C4B PEB O . -52.29 20.39 -13.51
CHB PEB O . -51.48 21.44 -13.82
CMB PEB O . -55.57 18.72 -13.01
CAB PEB O . -54.55 21.64 -13.85
CBB PEB O . -55.01 22.39 -12.60
CGB PEB O . -53.89 22.78 -11.63
O1B PEB O . -53.91 22.29 -10.49
O2B PEB O . -53.03 23.57 -12.08
CHC PEB P . -41.31 -0.47 -15.50
NC PEB P . -43.22 -2.03 -15.60
C1C PEB P . -44.02 -2.69 -16.50
C2C PEB P . -43.58 -2.34 -17.77
C3C PEB P . -42.50 -1.46 -17.61
C4C PEB P . -42.30 -1.29 -16.24
CMC PEB P . -41.71 -0.82 -18.71
CAC PEB P . -44.14 -2.80 -19.07
CBC PEB P . -45.19 -1.84 -19.60
CGC PEB P . -46.28 -1.42 -18.59
O1C PEB P . -47.10 -2.28 -18.24
O2C PEB P . -46.24 -0.23 -18.21
ND PEB P . -39.41 -1.60 -16.58
C1D PEB P . -39.94 -1.18 -15.33
C2D PEB P . -38.88 -0.25 -14.83
C3D PEB P . -37.93 -0.08 -15.77
C4D PEB P . -38.25 -0.99 -16.90
CMD PEB P . -39.00 0.40 -13.50
CAD PEB P . -36.70 0.68 -15.62
CBD PEB P . -36.45 1.89 -16.12
OD PEB P . -37.58 -1.18 -17.91
NA PEB P . -47.75 -3.30 -10.42
C1A PEB P . -48.45 -3.37 -9.26
C2A PEB P . -47.45 -3.61 -8.15
C3A PEB P . -46.07 -3.48 -8.83
C4A PEB P . -46.39 -3.45 -10.30
CMA PEB P . -47.67 -2.63 -7.00
CBA PEB P . -43.65 -4.13 -8.41
OA PEB P . -49.64 -3.26 -9.16
CHA PEB P . -45.53 -3.52 -11.34
CAA PEB P . -45.10 -4.60 -8.44
NB PEB P . -45.09 -3.33 -13.70
C1B PEB P . -45.77 -3.89 -12.72
C2B PEB P . -46.71 -4.88 -13.23
C3B PEB P . -46.56 -4.88 -14.58
C4B PEB P . -45.55 -3.90 -14.88
CHB PEB P . -45.09 -3.56 -16.13
CMB PEB P . -47.63 -5.73 -12.41
CAB PEB P . -47.30 -5.72 -15.57
CBB PEB P . -48.24 -4.93 -16.48
CGB PEB P . -48.10 -5.24 -17.98
O1B PEB P . -47.05 -5.81 -18.35
O2B PEB P . -49.05 -4.90 -18.71
CHC PUB Q . -41.92 1.75 12.83
NC PUB Q . -42.80 0.89 10.68
C1C PUB Q . -43.50 -0.23 10.26
C2C PUB Q . -43.73 -1.11 11.38
C3C PUB Q . -43.15 -0.49 12.47
C4C PUB Q . -42.61 0.71 12.02
CMC PUB Q . -43.11 -1.00 13.88
CAC PUB Q . -44.46 -2.43 11.35
CBC PUB Q . -43.53 -3.63 11.13
CGC PUB Q . -44.26 -4.96 11.13
O1C PUB Q . -45.16 -5.14 10.28
O2C PUB Q . -43.92 -5.82 11.98
ND PUB Q . -43.85 2.24 14.37
C1D PUB Q . -42.95 2.77 13.36
C2D PUB Q . -42.31 3.91 14.12
C3D PUB Q . -42.88 4.01 15.33
C4D PUB Q . -43.81 2.92 15.51
CMD PUB Q . -41.26 4.78 13.52
CBD PUB Q . -43.54 6.25 16.26
OD PUB Q . -44.48 2.67 16.53
NA PUB Q . -43.79 4.61 4.68
C1A PUB Q . -43.45 5.79 4.14
C2A PUB Q . -43.35 6.79 5.23
C3A PUB Q . -43.04 6.01 6.30
C4A PUB Q . -43.51 4.57 6.09
CMA PUB Q . -42.91 8.23 5.06
CBA PUB Q . -43.06 6.91 8.68
OA PUB Q . -43.23 5.94 2.94
CHA PUB Q . -42.48 3.44 6.31
CAA PUB Q . -42.23 6.40 7.52
CAD PUB Q . -42.61 5.05 16.38
NB PUB Q . -43.09 1.58 7.85
C1B PUB Q . -43.12 2.13 6.61
C2B PUB Q . -43.83 1.29 5.78
C3B PUB Q . -44.25 0.19 6.54
C4B PUB Q . -43.76 0.39 7.86
CHB PUB Q . -43.93 -0.45 8.96
CMB PUB Q . -44.13 1.50 4.32
CAB PUB Q . -45.05 -0.98 6.04
CBB PUB Q . -46.26 -1.35 6.88
CGB PUB Q . -47.24 -0.22 7.13
O1B PUB Q . -46.86 0.75 7.82
O2B PUB Q . -48.37 -0.30 6.62
CHC PEB R . -22.04 -3.98 9.18
NC PEB R . -21.84 -2.38 11.07
C1C PEB R . -20.85 -1.81 11.86
C2C PEB R . -19.62 -2.30 11.42
C3C PEB R . -19.88 -3.18 10.36
C4C PEB R . -21.25 -3.21 10.17
CMC PEB R . -18.85 -3.93 9.58
CAC PEB R . -18.28 -1.95 11.97
CBC PEB R . -17.65 -0.73 11.30
CGC PEB R . -18.19 0.63 11.73
O1C PEB R . -18.49 1.45 10.83
O2C PEB R . -18.28 0.82 12.96
ND PEB R . -20.95 -2.67 7.39
C1D PEB R . -22.18 -3.23 7.85
C2D PEB R . -22.55 -4.16 6.73
C3D PEB R . -21.59 -4.16 5.80
C4D PEB R . -20.55 -3.17 6.21
CMD PEB R . -23.71 -5.06 6.91
CAD PEB R . -21.52 -5.03 4.64
CBD PEB R . -20.75 -4.86 3.56
OD PEB R . -19.53 -2.86 5.60
NA PEB R . -26.74 -0.93 16.25
C1A PEB R . -27.96 -1.09 16.81
C2A PEB R . -28.83 -1.85 15.84
C3A PEB R . -27.88 -2.20 14.67
C4A PEB R . -26.60 -1.47 14.99
CMA PEB R . -29.43 -3.05 16.55
CBA PEB R . -29.88 -2.12 13.08
OA PEB R . -28.28 -0.67 17.92
CHA PEB R . -25.70 -1.05 14.08
CAA PEB R . -28.40 -1.82 13.28
NB PEB R . -23.45 -1.15 13.27
C1B PEB R . -24.29 -0.72 14.20
C2B PEB R . -23.61 0.09 15.20
C3B PEB R . -22.30 0.11 14.84
C4B PEB R . -22.20 -0.67 13.62
CHB PEB R . -21.07 -0.90 12.91
CMB PEB R . -24.19 0.75 16.38
CAB PEB R . -21.17 0.79 15.53
CBB PEB R . -20.46 -0.14 16.52
CGB PEB R . -19.57 0.58 17.56
O1B PEB R . -18.35 0.64 17.32
O2B PEB R . -20.16 1.05 18.55
CHC PEB S . 28.65 16.26 16.10
NC PEB S . 31.01 15.75 15.71
C1C PEB S . 31.89 15.44 14.73
C2C PEB S . 31.19 15.40 13.53
C3C PEB S . 29.85 15.70 13.83
C4C PEB S . 29.78 15.92 15.21
CMC PEB S . 28.70 15.79 12.89
CAC PEB S . 31.74 15.10 12.17
CBC PEB S . 32.25 16.32 11.42
CGC PEB S . 33.54 16.96 11.97
O1C PEB S . 34.62 16.38 11.75
O2C PEB S . 33.38 18.03 12.60
ND PEB S . 28.60 18.39 14.91
C1D PEB S . 28.48 17.77 16.21
C2D PEB S . 27.09 18.15 16.62
C3D PEB S . 26.49 18.86 15.66
C4D PEB S . 27.47 19.02 14.54
CMD PEB S . 26.51 17.55 17.85
CAD PEB S . 25.25 19.60 15.80
CBD PEB S . 24.76 20.51 14.96
OD PEB S . 27.32 19.62 13.49
NA PEB S . 36.14 13.67 20.82
C1A PEB S . 36.51 12.90 21.88
C2A PEB S . 35.24 12.29 22.42
C3A PEB S . 34.10 12.99 21.65
C4A PEB S . 34.80 13.69 20.51
CMA PEB S . 35.31 10.79 22.24
CBA PEB S . 32.78 13.40 23.79
OA PEB S . 37.64 12.77 22.28
CHA PEB S . 34.25 14.59 19.67
CAA PEB S . 33.28 13.97 22.48
NB PEB S . 33.35 15.04 17.45
C1B PEB S . 34.36 14.65 18.23
C2B PEB S . 35.57 14.32 17.46
C3B PEB S . 35.24 14.50 16.17
C4B PEB S . 33.88 14.94 16.15
CHB PEB S . 33.25 15.22 14.98
CMB PEB S . 36.91 13.85 17.92
CAB PEB S . 36.12 14.30 14.97
CBB PEB S . 36.14 12.85 14.50
CGB PEB S . 37.38 12.43 13.69
O1B PEB S . 38.15 11.60 14.22
O2B PEB S . 37.51 12.94 12.56
CHC PEB T . 28.17 26.40 35.54
NC PEB T . 29.35 26.73 37.74
C1C PEB T . 30.60 27.11 38.21
C2C PEB T . 31.38 27.39 37.10
C3C PEB T . 30.59 27.17 35.95
C4C PEB T . 29.33 26.76 36.39
CMC PEB T . 31.01 27.33 34.54
CAC PEB T . 32.80 27.84 37.10
CBC PEB T . 32.91 29.36 37.19
CGC PEB T . 31.82 30.03 38.04
O1C PEB T . 32.06 30.22 39.25
O2C PEB T . 30.76 30.33 37.44
ND PEB T . 26.46 28.30 35.83
C1D PEB T . 26.76 26.89 35.96
C2D PEB T . 25.71 26.27 35.09
C3D PEB T . 24.92 27.21 34.56
C4D PEB T . 25.38 28.56 35.04
CMD PEB T . 25.69 24.79 34.93
CAD PEB T . 24.12 27.05 33.36
CBD PEB T . 24.44 26.41 32.23
OD PEB T . 24.89 29.68 34.81
NA PEB T . 28.91 23.21 43.79
C1A PEB T . 28.69 22.34 44.81
C2A PEB T . 27.26 22.55 45.27
C3A PEB T . 26.68 23.58 44.27
C4A PEB T . 27.86 24.02 43.45
CMA PEB T . 26.50 21.23 45.32
CBA PEB T . 26.76 25.38 46.06
OA PEB T . 29.49 21.55 45.24
CHA PEB T . 27.96 25.14 42.69
CAA PEB T . 25.95 24.75 44.95
NB PEB T . 29.22 26.21 40.88
C1B PEB T . 29.15 25.75 42.13
C2B PEB T . 30.40 26.00 42.87
C3B PEB T . 31.26 26.57 41.97
C4B PEB T . 30.52 26.69 40.73
CHB PEB T . 31.01 27.22 39.57
CMB PEB T . 30.67 25.67 44.30
CAB PEB T . 32.66 27.05 42.19
CBB PEB T . 33.67 26.00 42.70
CGB PEB T . 34.07 24.92 41.69
O1B PEB T . 33.76 23.74 41.96
O2B PEB T . 34.69 25.31 40.67
CHC PUB U . 18.77 -5.64 38.99
NC PUB U . 17.61 -3.80 40.17
C1C PUB U . 16.65 -3.68 41.15
C2C PUB U . 16.23 -5.01 41.57
C3C PUB U . 16.98 -5.89 40.83
C4C PUB U . 17.79 -5.14 39.99
CMC PUB U . 16.94 -7.38 40.91
CAC PUB U . 15.19 -5.31 42.61
CBC PUB U . 13.77 -5.48 42.04
CGC PUB U . 12.73 -5.88 43.07
O1C PUB U . 12.58 -5.14 44.07
O2C PUB U . 12.08 -6.92 42.88
ND PUB U . 20.30 -6.78 40.64
C1D PUB U . 20.18 -5.77 39.61
C2D PUB U . 21.19 -6.27 38.61
C3D PUB U . 21.81 -7.35 39.10
C4D PUB U . 21.22 -7.71 40.36
CMD PUB U . 21.44 -5.58 37.31
CBD PUB U . 24.30 -7.63 38.89
OD PUB U . 21.51 -8.68 41.08
NA PUB U . 19.68 2.36 40.88
C1A PUB U . 20.18 3.58 40.64
C2A PUB U . 20.69 3.59 39.28
C3A PUB U . 20.59 2.34 38.80
C4A PUB U . 19.80 1.47 39.74
CMA PUB U . 21.29 4.76 38.55
CBA PUB U . 21.61 0.41 37.51
OA PUB U . 20.19 4.52 41.45
CHA PUB U . 18.40 1.17 39.18
CAA PUB U . 21.12 1.85 37.48
CAD PUB U . 22.92 -8.14 38.47
NB PUB U . 17.41 -0.86 40.27
C1B PUB U . 17.52 0.49 40.17
C2B PUB U . 16.70 1.06 41.12
C3B PUB U . 16.06 0.03 41.82
C4B PUB U . 16.51 -1.19 41.26
CHB PUB U . 16.16 -2.49 41.64
CMB PUB U . 16.51 2.53 41.38
CAB PUB U . 15.08 0.18 42.95
CBB PUB U . 15.50 -0.50 44.24
CGB PUB U . 16.82 0.00 44.81
O1B PUB U . 17.86 -0.20 44.16
O2B PUB U . 16.80 0.59 45.91
CHC PEB V . 6.00 -6.92 21.70
NC PEB V . 7.91 -8.37 21.09
C1C PEB V . 8.45 -9.04 20.02
C2C PEB V . 7.61 -8.79 18.92
C3C PEB V . 6.57 -7.95 19.38
C4C PEB V . 6.79 -7.72 20.73
CMC PEB V . 5.44 -7.42 18.54
CAC PEB V . 7.80 -9.30 17.54
CBC PEB V . 8.47 -8.25 16.65
CGC PEB V . 9.71 -7.58 17.24
O1C PEB V . 9.56 -6.47 17.78
O2C PEB V . 10.77 -8.21 17.15
ND PEB V . 6.45 -4.85 20.44
C1D PEB V . 6.47 -5.45 21.74
C2D PEB V . 5.55 -4.56 22.52
C3D PEB V . 4.99 -3.65 21.70
C4D PEB V . 5.60 -3.79 20.35
CMD PEB V . 5.41 -4.72 23.99
CAD PEB V . 3.81 -2.84 22.00
CBD PEB V . 3.35 -1.80 21.31
OD PEB V . 5.41 -3.12 19.36
NA PEB V . 12.37 -11.72 25.70
C1A PEB V . 12.82 -12.09 26.92
C2A PEB V . 12.16 -11.19 27.94
C3A PEB V . 11.17 -10.34 27.12
C4A PEB V . 11.49 -10.68 25.67
CMA PEB V . 11.52 -12.04 29.03
CBA PEB V . 11.18 -8.47 28.85
OA PEB V . 13.61 -12.98 27.13
CHA PEB V . 11.29 -9.86 24.61
CAA PEB V . 11.25 -8.83 27.38
NB PEB V . 10.22 -9.65 22.46
C1B PEB V . 11.19 -10.16 23.20
C2B PEB V . 12.09 -10.98 22.38
C3B PEB V . 11.59 -10.95 21.11
C4B PEB V . 10.41 -10.11 21.16
CHB PEB V . 9.62 -9.82 20.09
CMB PEB V . 13.30 -11.71 22.83
CAB PEB V . 12.13 -11.62 19.90
CBB PEB V . 11.68 -13.07 19.82
CGB PEB V . 12.34 -13.88 18.69
O1B PEB V . 12.38 -13.36 17.56
O2B PEB V . 12.79 -15.00 19.02
CHC PEB W . 7.88 20.82 37.32
NC PEB W . 7.86 20.72 39.81
C1C PEB W . 7.45 21.43 40.91
C2C PEB W . 6.87 22.62 40.40
C3C PEB W . 6.95 22.57 39.00
C4C PEB W . 7.53 21.36 38.67
CMC PEB W . 6.44 23.62 38.06
CAC PEB W . 6.30 23.74 41.22
CBC PEB W . 7.31 24.83 41.55
CGC PEB W . 8.45 24.38 42.44
O1C PEB W . 8.20 24.12 43.63
O2C PEB W . 9.58 24.26 41.93
ND PEB W . 5.96 21.21 35.85
C1D PEB W . 6.76 20.19 36.51
C2D PEB W . 7.41 19.54 35.31
C3D PEB W . 7.16 20.25 34.21
C4D PEB W . 6.06 21.14 34.50
CMD PEB W . 8.24 18.30 35.45
CAD PEB W . 7.88 20.16 32.94
CBD PEB W . 7.63 20.81 31.83
OD PEB W . 5.33 21.72 33.70
NA PEB W . 8.07 15.66 45.66
C1A PEB W . 9.00 14.87 46.29
C2A PEB W . 9.23 13.65 45.44
C3A PEB W . 8.68 14.08 44.07
C4A PEB W . 8.20 15.49 44.29
CMA PEB W . 10.66 13.15 45.45
CBA PEB W . 7.24 13.26 42.14
OA PEB W . 9.54 15.11 47.36
CHA PEB W . 7.91 16.45 43.30
CAA PEB W . 7.63 13.09 43.59
NB PEB W . 8.32 18.85 43.09
C1B PEB W . 7.60 17.78 43.53
C2B PEB W . 6.38 18.29 44.15
C3B PEB W . 6.09 19.40 43.43
C4B PEB W . 7.38 19.82 42.88
CHB PEB W . 7.61 21.05 42.24
CMB PEB W . 5.66 17.74 45.35
CAB PEB W . 4.77 20.07 43.19
CBB PEB W . 4.30 20.95 44.36
CGB PEB W . 5.09 22.24 44.50
O1B PEB W . 4.60 23.29 44.02
O2B PEB W . 6.18 22.21 45.11
CHC PEB X . 10.04 -14.71 -32.27
NC PEB X . 8.65 -14.73 -34.32
C1C PEB X . 7.80 -13.92 -35.04
C2C PEB X . 7.74 -12.69 -34.37
C3C PEB X . 8.56 -12.80 -33.24
C4C PEB X . 9.11 -14.08 -33.24
CMC PEB X . 8.81 -11.74 -32.23
CAC PEB X . 6.95 -11.50 -34.78
CBC PEB X . 7.71 -10.58 -35.71
CGC PEB X . 8.04 -11.17 -37.10
O1C PEB X . 7.12 -11.22 -37.94
O2C PEB X . 9.22 -11.53 -37.27
ND PEB X . 11.70 -12.94 -32.84
C1D PEB X . 11.52 -14.34 -32.53
C2D PEB X . 12.38 -14.51 -31.33
C3D PEB X . 12.98 -13.36 -31.00
C4D PEB X . 12.54 -12.32 -31.98
CMD PEB X . 12.60 -15.87 -30.76
CAD PEB X . 14.05 -13.19 -30.03
CBD PEB X . 14.87 -12.15 -29.90
OD PEB X . 12.84 -11.13 -32.03
NA PEB X . 6.95 -20.78 -38.18
C1A PEB X . 6.65 -22.11 -38.14
C2A PEB X . 6.70 -22.53 -36.69
C3A PEB X . 7.26 -21.31 -35.95
C4A PEB X . 7.21 -20.19 -36.97
CMA PEB X . 5.33 -22.99 -36.22
CBA PEB X . 8.85 -22.84 -34.67
OA PEB X . 6.38 -22.79 -39.10
CHA PEB X . 7.84 -19.01 -36.87
CAA PEB X . 8.67 -21.50 -35.39
NB PEB X . 7.69 -16.67 -36.32
C1B PEB X . 7.32 -17.68 -37.09
C2B PEB X . 6.39 -17.24 -38.12
C3B PEB X . 6.21 -15.91 -37.92
C4B PEB X . 7.03 -15.54 -36.79
CHB PEB X . 7.15 -14.31 -36.24
CMB PEB X . 5.75 -18.09 -39.17
CAB PEB X . 5.34 -14.99 -38.70
CBB PEB X . 3.97 -14.83 -38.06
CGB PEB X . 2.89 -14.22 -38.97
O1B PEB X . 1.84 -14.88 -39.16
O2B PEB X . 3.16 -13.09 -39.45
CHC PEB Y . 24.46 -30.88 -34.38
NC PEB Y . 25.19 -32.57 -36.03
C1C PEB Y . 25.64 -32.68 -37.33
C2C PEB Y . 25.71 -31.41 -37.86
C3C PEB Y . 25.27 -30.52 -36.84
C4C PEB Y . 24.96 -31.28 -35.73
CMC PEB Y . 25.16 -29.04 -36.95
CAC PEB Y . 26.14 -31.04 -39.23
CBC PEB Y . 27.65 -30.85 -39.35
CGC PEB Y . 28.49 -32.06 -38.89
O1C PEB Y . 28.65 -33.00 -39.69
O2C PEB Y . 28.97 -31.97 -37.73
ND PEB Y . 26.71 -30.02 -33.87
C1D PEB Y . 25.61 -30.77 -33.36
C2D PEB Y . 25.23 -29.99 -32.15
C3D PEB Y . 26.06 -28.95 -31.98
C4D PEB Y . 27.03 -28.94 -33.11
CMD PEB Y . 23.97 -30.31 -31.42
CAD PEB Y . 25.85 -27.84 -31.05
CBD PEB Y . 26.66 -26.81 -30.85
OD PEB Y . 27.93 -28.15 -33.33
NA PEB Y . 25.59 -38.20 -34.36
C1A PEB Y . 25.00 -39.29 -33.78
C2A PEB Y . 25.66 -39.49 -32.44
C3A PEB Y . 26.56 -38.23 -32.27
C4A PEB Y . 26.57 -37.59 -33.65
CMA PEB Y . 24.61 -39.65 -31.35
CBA PEB Y . 28.52 -39.77 -32.50
OA PEB Y . 24.11 -39.94 -34.28
CHA PEB Y . 27.40 -36.66 -34.24
CAA PEB Y . 27.94 -38.60 -31.74
NB PEB Y . 26.62 -35.05 -35.88
C1B PEB Y . 27.09 -36.25 -35.58
C2B PEB Y . 27.21 -37.07 -36.77
C3B PEB Y . 26.82 -36.30 -37.83
C4B PEB Y . 26.45 -35.02 -37.25
CHB PEB Y . 25.98 -33.92 -37.92
CMB PEB Y . 27.71 -38.47 -36.79
CAB PEB Y . 26.76 -36.66 -39.27
CBB PEB Y . 25.66 -37.68 -39.56
CGB PEB Y . 24.23 -37.16 -39.33
O1B PEB Y . 23.50 -37.79 -38.54
O2B PEB Y . 23.91 -36.12 -39.95
CHC PUB Z . 1.23 -41.37 -14.36
NC PUB Z . 3.62 -41.78 -13.86
C1C PUB Z . 4.34 -42.57 -12.98
C2C PUB Z . 3.43 -43.31 -12.13
C3C PUB Z . 2.17 -42.95 -12.55
C4C PUB Z . 2.31 -42.04 -13.58
CMC PUB Z . 0.87 -43.43 -11.98
CAC PUB Z . 3.82 -44.25 -11.04
CBC PUB Z . 3.96 -43.57 -9.67
CGC PUB Z . 4.29 -44.54 -8.53
O1C PUB Z . 5.33 -45.22 -8.61
O2C PUB Z . 3.49 -44.60 -7.57
ND PUB Z . 0.36 -43.44 -15.48
C1D PUB Z . 0.93 -42.13 -15.67
C2D PUB Z . -0.14 -41.46 -16.49
C3D PUB Z . -1.12 -42.35 -16.74
C4D PUB Z . -0.83 -43.60 -16.09
CMD PUB Z . -0.06 -40.04 -16.92
CBD PUB Z . -2.14 -42.45 -19.04
OD PUB Z . -1.52 -44.62 -16.09
NA PUB Z . 8.74 -40.89 -17.92
C1A PUB Z . 9.56 -40.36 -18.85
C2A PUB Z . 8.91 -39.17 -19.37
C3A PUB Z . 7.69 -39.08 -18.80
C4A PUB Z . 7.53 -40.12 -17.73
CMA PUB Z . 9.46 -38.22 -20.41
CBA PUB Z . 5.22 -38.61 -19.08
OA PUB Z . 10.66 -40.80 -19.19
CHA PUB Z . 7.52 -39.52 -16.32
CAA PUB Z . 6.63 -38.06 -19.13
CAD PUB Z . -2.35 -42.11 -17.57
NB PUB Z . 6.37 -41.02 -14.68
C1B PUB Z . 7.51 -40.55 -15.24
C2B PUB Z . 8.57 -41.20 -14.67
C3B PUB Z . 8.08 -42.08 -13.71
C4B PUB Z . 6.66 -41.96 -13.72
CHB PUB Z . 5.73 -42.64 -12.94
CMB PUB Z . 10.03 -41.01 -14.99
CAB PUB Z . 8.87 -43.01 -12.83
CBB PUB Z . 8.49 -44.47 -12.91
CGB PUB Z . 8.53 -45.04 -14.33
O1B PUB Z . 7.72 -44.60 -15.17
O2B PUB Z . 9.37 -45.93 -14.57
CHC PEB AA . -1.39 -23.61 -2.59
NC PEB AA . -3.51 -23.72 -3.88
C1C PEB AA . -4.63 -22.99 -4.16
C2C PEB AA . -4.50 -21.78 -3.47
C3C PEB AA . -3.28 -21.82 -2.78
C4C PEB AA . -2.68 -23.04 -3.06
CMC PEB AA . -2.72 -20.74 -1.90
CAC PEB AA . -5.48 -20.65 -3.47
CBC PEB AA . -5.12 -19.58 -4.48
CGC PEB AA . -5.10 -20.04 -5.96
O1C PEB AA . -4.03 -19.94 -6.58
O2C PEB AA . -6.18 -20.50 -6.40
ND PEB AA . -0.07 -21.79 -3.66
C1D PEB AA . -0.20 -23.20 -3.50
C2D PEB AA . 1.13 -23.58 -2.92
C3D PEB AA . 1.90 -22.48 -2.78
C4D PEB AA . 1.13 -21.31 -3.27
CMD PEB AA . 1.51 -25.02 -2.77
CAD PEB AA . 3.12 -22.40 -1.97
CBD PEB AA . 4.07 -21.48 -2.05
OD PEB AA . 1.48 -20.15 -3.32
NA PEB AA . -6.47 -29.67 -6.80
C1A PEB AA . -6.53 -31.01 -7.04
C2A PEB AA . -5.18 -31.58 -6.69
C3A PEB AA . -4.39 -30.40 -6.09
C4A PEB AA . -5.28 -29.20 -6.33
CMA PEB AA . -5.36 -32.77 -5.76
CBA PEB AA . -2.16 -31.49 -6.73
OA PEB AA . -7.49 -31.59 -7.45
CHA PEB AA . -4.85 -27.91 -6.47
CAA PEB AA . -2.98 -30.20 -6.65
NB PEB AA . -5.00 -25.67 -5.58
C1B PEB AA . -5.54 -26.66 -6.29
C2B PEB AA . -6.84 -26.26 -6.82
C3B PEB AA . -7.05 -24.98 -6.40
C4B PEB AA . -5.88 -24.62 -5.61
CHB PEB AA . -5.69 -23.42 -4.99
CMB PEB AA . -7.75 -27.06 -7.67
CAB PEB AA . -8.23 -24.12 -6.66
CBB PEB AA . -9.35 -24.41 -5.66
CGB PEB AA . -10.70 -23.76 -5.97
O1B PEB AA . -10.69 -22.64 -6.52
O2B PEB AA . -11.71 -24.41 -5.65
CHC PEB BA . 27.70 -31.26 -13.27
NC PEB BA . 28.49 -33.43 -12.39
C1C PEB BA . 29.62 -34.08 -12.02
C2C PEB BA . 30.69 -33.19 -12.21
C3C PEB BA . 30.15 -32.00 -12.72
C4C PEB BA . 28.77 -32.17 -12.82
CMC PEB BA . 30.91 -30.76 -13.08
CAC PEB BA . 32.13 -33.47 -11.94
CBC PEB BA . 32.92 -33.83 -13.20
CGC PEB BA . 32.16 -34.65 -14.26
O1C PEB BA . 31.95 -35.85 -14.01
O2C PEB BA . 31.83 -34.03 -15.29
ND PEB BA . 28.25 -29.58 -11.58
C1D PEB BA . 27.19 -30.35 -12.14
C2D PEB BA . 26.26 -29.29 -12.65
C3D PEB BA . 26.82 -28.07 -12.48
C4D PEB BA . 28.10 -28.25 -11.75
CMD PEB BA . 25.01 -29.66 -13.35
CAD PEB BA . 26.23 -26.80 -12.86
CBD PEB BA . 26.64 -25.58 -12.51
OD PEB BA . 28.88 -27.39 -11.36
NA PEB BA . 25.40 -39.91 -12.39
C1A PEB BA . 24.66 -41.05 -12.44
C2A PEB BA . 23.33 -40.76 -11.76
C3A PEB BA . 23.36 -39.24 -11.47
C4A PEB BA . 24.79 -38.86 -11.77
CMA PEB BA . 22.17 -41.21 -12.63
CBA PEB BA . 22.29 -37.47 -9.99
OA PEB BA . 25.01 -42.09 -12.94
CHA PEB BA . 25.39 -37.68 -11.49
CAA PEB BA . 22.90 -38.87 -10.07
NB PEB BA . 27.33 -36.23 -11.69
C1B PEB BA . 26.79 -37.38 -11.31
C2B PEB BA . 27.76 -38.27 -10.68
C3B PEB BA . 28.94 -37.60 -10.70
C4B PEB BA . 28.68 -36.33 -11.34
CHB PEB BA . 29.66 -35.40 -11.52
CMB PEB BA . 27.53 -39.63 -10.11
CAB PEB BA . 30.26 -38.06 -10.17
CBB PEB BA . 31.29 -38.40 -11.25
CGB PEB BA . 32.70 -37.82 -10.99
O1B PEB BA . 32.82 -36.97 -10.08
O2B PEB BA . 33.61 -38.25 -11.73
CHC PEB CA . -28.97 12.79 18.91
NC PEB CA . -31.34 12.47 18.28
C1C PEB CA . -32.20 11.50 17.83
C2C PEB CA . -31.45 10.33 17.70
C3C PEB CA . -30.13 10.62 18.09
C4C PEB CA . -30.10 11.96 18.44
CMC PEB CA . -28.99 9.65 18.09
CAC PEB CA . -31.97 9.02 17.24
CBC PEB CA . -32.49 8.15 18.37
CGC PEB CA . -33.74 8.66 19.11
O1C PEB CA . -34.83 8.59 18.53
O2C PEB CA . -33.53 9.13 20.25
ND PEB CA . -28.75 11.28 20.85
C1D PEB CA . -28.69 12.64 20.42
C2D PEB CA . -27.29 13.02 20.80
C3D PEB CA . -26.66 11.99 21.39
C4D PEB CA . -27.60 10.84 21.42
CMD PEB CA . -26.82 14.42 20.60
CAD PEB CA . -25.43 12.09 22.15
CBD PEB CA . -24.86 11.13 22.89
OD PEB CA . -27.41 9.72 21.86
NA PEB CA . -36.34 17.81 17.20
C1A PEB CA . -36.54 19.08 16.76
C2A PEB CA . -35.17 19.68 16.50
C3A PEB CA . -34.19 18.63 17.04
C4A PEB CA . -35.04 17.41 17.32
CMA PEB CA . -34.97 20.02 15.03
CBA PEB CA . -33.91 20.46 18.80
OA PEB CA . -37.62 19.60 16.58
CHA PEB CA . -34.65 16.33 18.04
CAA PEB CA . -33.43 19.11 18.28
NB PEB CA . -33.81 14.08 17.87
C1B PEB CA . -34.82 14.92 17.76
C2B PEB CA . -36.04 14.23 17.37
C3B PEB CA . -35.72 12.92 17.24
C4B PEB CA . -34.31 12.82 17.56
CHB PEB CA . -33.57 11.69 17.55
CMB PEB CA . -37.37 14.85 17.16
CAB PEB CA . -36.61 11.79 16.85
CBB PEB CA . -36.55 11.54 15.35
CGB PEB CA . -37.70 10.67 14.79
O1B PEB CA . -38.51 11.23 14.03
O2B PEB CA . -37.70 9.48 15.15
CHC PEB DA . -28.45 31.12 31.79
NC PEB DA . -29.83 32.74 33.02
C1C PEB DA . -31.00 32.84 33.74
C2C PEB DA . -31.58 31.57 33.75
C3C PEB DA . -30.71 30.72 33.03
C4C PEB DA . -29.65 31.49 32.59
CMC PEB DA . -30.92 29.26 32.77
CAC PEB DA . -32.85 31.18 34.40
CBC PEB DA . -32.66 30.73 35.86
CGC PEB DA . -32.30 31.86 36.84
O1C PEB DA . -33.22 32.35 37.53
O2C PEB DA . -31.09 32.19 36.88
ND PEB DA . -27.46 30.18 33.83
C1D PEB DA . -27.21 30.98 32.68
C2D PEB DA . -26.10 30.21 31.99
C3D PEB DA . -25.71 29.20 32.77
C4D PEB DA . -26.62 29.12 33.95
CMD PEB DA . -25.83 30.45 30.56
CAD PEB DA . -24.51 28.39 32.58
CBD PEB DA . -24.23 27.20 33.13
OD PEB DA . -26.66 28.30 34.85
NA PEB DA . -29.94 38.94 31.06
C1A PEB DA . -29.87 40.07 30.31
C2A PEB DA . -28.47 40.63 30.44
C3A PEB DA . -27.74 39.64 31.38
C4A PEB DA . -28.78 38.61 31.70
CMA PEB DA . -27.81 40.81 29.08
CBA PEB DA . -28.14 41.26 33.30
OA PEB DA . -30.79 40.54 29.66
CHA PEB DA . -28.65 37.57 32.56
CAA PEB DA . -27.16 40.31 32.62
NB PEB DA . -29.86 35.59 33.28
C1B PEB DA . -29.72 36.91 33.28
C2B PEB DA . -30.74 37.56 34.08
C3B PEB DA . -31.53 36.57 34.57
C4B PEB DA . -30.97 35.32 34.06
CHB PEB DA . -31.44 34.07 34.32
CMB PEB DA . -30.88 39.02 34.29
CAB PEB DA . -32.73 36.67 35.45
CBB PEB DA . -33.99 36.93 34.63
CGB PEB DA . -34.17 36.02 33.40
O1B PEB DA . -33.95 36.53 32.28
O2B PEB DA . -34.51 34.84 33.64
CHC PUB EA . -18.68 39.44 1.98
NC PUB EA . -17.51 40.26 4.02
C1C PUB EA . -16.55 41.22 4.31
C2C PUB EA . -16.15 41.89 3.09
C3C PUB EA . -16.90 41.31 2.09
C4C PUB EA . -17.69 40.35 2.66
CMC PUB EA . -16.86 41.67 0.63
CAC PUB EA . -15.14 42.99 2.97
CBC PUB EA . -13.72 42.48 2.69
CGC PUB EA . -12.70 43.59 2.50
O1C PUB EA . -12.53 44.40 3.44
O2C PUB EA . -12.07 43.65 1.43
ND PUB EA . -20.24 41.29 1.28
C1D PUB EA . -20.10 40.06 2.05
C2D PUB EA . -21.14 39.19 1.38
C3D PUB EA . -21.78 39.90 0.44
C4D PUB EA . -21.20 41.22 0.35
CMD PUB EA . -21.36 37.78 1.79
CBD PUB EA . -24.28 39.72 0.25
OD PUB EA . -21.53 42.12 -0.44
NA PUB EA . -19.52 38.89 10.77
C1A PUB EA . -20.31 37.97 11.34
C2A PUB EA . -21.01 37.25 10.26
C3A PUB EA . -20.61 37.81 9.10
C4A PUB EA . -19.57 38.86 9.33
CMA PUB EA . -21.99 36.12 10.34
CBA PUB EA . -22.31 38.16 7.25
OA PUB EA . -20.37 37.76 12.56
CHA PUB EA . -18.21 38.39 8.76
CAA PUB EA . -21.09 37.42 7.72
CAD PUB EA . -22.93 39.43 -0.40
NB PUB EA . -17.27 39.83 6.94
C1B PUB EA . -17.36 39.50 8.25
C2B PUB EA . -16.53 40.33 8.97
C3B PUB EA . -15.92 41.21 8.08
C4B PUB EA . -16.40 40.88 6.79
CHB PUB EA . -16.06 41.49 5.58
CMB PUB EA . -16.31 40.32 10.46
CAB PUB EA . -14.95 42.30 8.41
CBB PUB EA . -15.35 43.69 7.93
CGB PUB EA . -16.73 44.13 8.37
O1B PUB EA . -17.72 43.53 7.92
O2B PUB EA . -16.81 45.08 9.17
CHC PEB FA . -6.38 22.79 -2.95
NC PEB FA . -8.19 22.64 -4.65
C1C PEB FA . -8.73 21.78 -5.57
C2C PEB FA . -7.99 20.59 -5.48
C3C PEB FA . -7.00 20.78 -4.49
C4C PEB FA . -7.15 22.06 -3.99
CMC PEB FA . -5.97 19.79 -4.06
CAC PEB FA . -8.19 19.35 -6.29
CBC PEB FA . -8.78 18.19 -5.49
CGC PEB FA . -10.21 18.41 -4.97
O1C PEB FA . -10.44 18.17 -3.78
O2C PEB FA . -11.04 18.82 -5.82
ND PEB FA . -6.57 21.06 -1.14
C1D PEB FA . -6.74 22.45 -1.48
C2D PEB FA . -5.82 23.11 -0.49
C3D PEB FA . -5.14 22.20 0.21
C4D PEB FA . -5.66 20.85 -0.18
CMD PEB FA . -5.78 24.60 -0.38
CAD PEB FA . -3.96 22.43 1.02
CBD PEB FA . -3.46 21.64 1.97
OD PEB FA . -5.34 19.76 0.28
NA PEB FA . -13.22 27.47 -6.60
C1A PEB FA . -13.71 28.73 -6.82
C2A PEB FA . -12.88 29.68 -6.00
C3A PEB FA . -12.06 28.77 -5.09
C4A PEB FA . -12.17 27.41 -5.73
CMA PEB FA . -12.04 30.60 -6.88
CBA PEB FA . -12.10 30.03 -2.88
OA PEB FA . -14.65 29.00 -7.54
CHA PEB FA . -11.75 26.26 -5.15
CAA PEB FA . -12.54 28.77 -3.63
NB PEB FA . -10.57 24.30 -5.71
C1B PEB FA . -11.73 24.92 -5.66
C2B PEB FA . -12.83 24.09 -6.16
C3B PEB FA . -12.23 22.91 -6.52
C4B PEB FA . -10.81 23.05 -6.23
CHB PEB FA . -9.83 22.11 -6.43
CMB PEB FA . -14.31 24.45 -6.23
CAB PEB FA . -12.83 21.68 -7.12
CBB PEB FA . -12.42 21.61 -8.59
CGB PEB FA . -12.98 20.41 -9.39
O1B PEB FA . -13.56 19.51 -8.76
O2B PEB FA . -12.79 20.46 -10.62
CHC PEB GA . -7.55 33.84 27.58
NC PEB GA . -6.67 36.12 27.72
C1C PEB GA . -6.06 37.01 28.59
C2C PEB GA . -5.90 36.34 29.80
C3C PEB GA . -6.43 35.04 29.64
C4C PEB GA . -6.89 34.95 28.33
CMC PEB GA . -6.44 34.02 30.73
CAC PEB GA . -5.28 36.90 31.04
CBC PEB GA . -6.34 37.35 32.05
CGC PEB GA . -7.72 37.66 31.48
O1C PEB GA . -7.85 38.71 30.82
O2C PEB GA . -8.62 36.82 31.73
ND PEB GA . -6.20 32.00 28.43
C1D PEB GA . -6.59 32.69 27.25
C2D PEB GA . -7.27 31.57 26.49
C3D PEB GA . -6.88 30.39 27.02
C4D PEB GA . -6.37 30.67 28.40
CMD PEB GA . -7.94 31.85 25.20
CAD PEB GA . -6.45 29.26 26.23
CBD PEB GA . -5.86 28.16 26.72
OD PEB GA . -6.06 29.91 29.30
NA PEB GA . -9.29 41.13 24.32
C1A PEB GA . -9.72 42.20 23.59
C2A PEB GA . -9.28 41.98 22.17
C3A PEB GA . -9.04 40.46 22.14
C4A PEB GA . -8.60 40.22 23.57
CMA PEB GA . -10.32 42.47 21.18
CBA PEB GA . -8.31 38.56 20.62
OA PEB GA . -10.36 43.14 24.03
CHA PEB GA . -7.49 39.57 23.97
CAA PEB GA . -8.04 39.98 21.09
NB PEB GA . -6.70 38.64 26.07
C1B PEB GA . -6.82 39.66 25.25
C2B PEB GA . -6.16 40.86 25.78
C3B PEB GA . -5.66 40.50 27.00
C4B PEB GA . -6.00 39.09 27.17
CHB PEB GA . -5.68 38.32 28.25
CMB PEB GA . -6.11 42.17 25.10
CAB PEB GA . -4.89 41.33 27.97
CBB PEB GA . -5.65 41.64 29.26
CGB PEB GA . -5.18 40.89 30.53
O1B PEB GA . -4.26 40.06 30.41
O2B PEB GA . -5.75 41.21 31.60
CHC PEB HA . -10.31 -28.96 -20.48
NC PEB HA . -8.82 -30.90 -20.95
C1C PEB HA . -7.96 -31.76 -20.32
C2C PEB HA . -7.93 -31.38 -18.97
C3C PEB HA . -8.80 -30.28 -18.82
C4C PEB HA . -9.35 -30.02 -20.07
CMC PEB HA . -9.10 -29.56 -17.56
CAC PEB HA . -7.13 -32.02 -17.88
CBC PEB HA . -7.90 -33.11 -17.15
CGC PEB HA . -8.28 -34.34 -17.99
O1C PEB HA . -7.37 -35.13 -18.31
O2C PEB HA . -9.49 -34.44 -18.29
ND PEB HA . -11.95 -29.84 -18.83
C1D PEB HA . -11.78 -29.32 -20.16
C2D PEB HA . -12.66 -28.11 -20.13
C3D PEB HA . -13.21 -27.96 -18.91
C4D PEB HA . -12.76 -29.09 -18.06
CMD PEB HA . -12.87 -27.30 -21.36
CAD PEB HA . -14.27 -27.02 -18.57
CBD PEB HA . -15.02 -27.02 -17.47
OD PEB HA . -13.05 -29.32 -16.90
NA PEB HA . -7.29 -33.29 -27.74
C1A PEB HA . -6.92 -32.90 -28.99
C2A PEB HA . -7.05 -31.40 -29.03
C3A PEB HA . -7.75 -31.03 -27.71
C4A PEB HA . -7.67 -32.29 -26.88
CMA PEB HA . -5.70 -30.73 -29.21
CBA PEB HA . -9.35 -29.62 -29.09
OA PEB HA . -6.55 -33.64 -29.87
CHA PEB HA . -8.23 -32.51 -25.66
CAA PEB HA . -9.19 -30.57 -27.89
NB PEB HA . -7.95 -32.44 -23.26
C1B PEB HA . -7.62 -32.95 -24.43
C2B PEB HA . -6.59 -33.97 -24.28
C3B PEB HA . -6.31 -34.04 -22.94
C4B PEB HA . -7.18 -33.08 -22.30
CHB PEB HA . -7.26 -32.81 -20.97
CMB PEB HA . -5.98 -34.75 -25.38
CAB PEB HA . -5.33 -34.94 -22.25
CBB PEB HA . -3.86 -34.69 -22.63
CGB PEB HA . -2.95 -35.93 -22.67
O1B PEB HA . -2.79 -36.54 -23.75
O2B PEB HA . -2.43 -36.22 -21.57
CHC PEB IA . -25.01 -27.65 -36.88
NC PEB IA . -25.86 -28.66 -38.99
C1C PEB IA . -26.26 -29.86 -39.50
C2C PEB IA . -26.15 -30.80 -38.48
C3C PEB IA . -25.67 -30.13 -37.34
C4C PEB IA . -25.50 -28.79 -37.69
CMC PEB IA . -25.39 -30.73 -36.00
CAC PEB IA . -26.46 -32.26 -38.57
CBC PEB IA . -27.91 -32.55 -38.15
CGC PEB IA . -28.99 -31.82 -38.98
O1C PEB IA . -29.46 -32.41 -39.96
O2C PEB IA . -29.30 -30.68 -38.58
ND PEB IA . -27.22 -27.39 -35.76
C1D PEB IA . -26.15 -26.71 -36.42
C2D PEB IA . -25.69 -25.74 -35.37
C3D PEB IA . -26.48 -25.85 -34.27
C4D PEB IA . -27.45 -26.94 -34.51
CMD PEB IA . -24.43 -24.97 -35.54
CAD PEB IA . -26.26 -25.17 -33.01
CBD PEB IA . -27.00 -25.26 -31.89
OD PEB IA . -28.31 -27.36 -33.75
NA PEB IA . -25.40 -25.86 -45.09
C1A PEB IA . -24.98 -25.09 -46.13
C2A PEB IA . -25.48 -23.67 -45.89
C3A PEB IA . -26.20 -23.74 -44.53
C4A PEB IA . -26.15 -25.20 -44.14
CMA PEB IA . -24.32 -22.67 -45.95
CBA PEB IA . -28.50 -23.85 -45.61
OA PEB IA . -24.31 -25.48 -47.06
CHA PEB IA . -26.79 -25.80 -43.12
CAA PEB IA . -27.62 -23.18 -44.56
NB PEB IA . -26.63 -27.76 -41.71
C1B PEB IA . -26.92 -27.21 -42.88
C2B PEB IA . -27.40 -28.21 -43.82
C3B PEB IA . -27.36 -29.40 -43.17
C4B PEB IA . -26.88 -29.11 -41.83
CHB PEB IA . -26.69 -30.04 -40.84
CMB PEB IA . -27.83 -27.95 -45.23
CAB PEB IA . -27.74 -30.76 -43.68
CBB PEB IA . -26.61 -31.38 -44.50
CGB PEB IA . -25.24 -31.39 -43.79
O1B PEB IA . -24.42 -30.51 -44.12
O2B PEB IA . -25.06 -32.29 -42.95
CHC PUB JA . -1.54 -6.24 -43.11
NC PUB JA . -3.93 -5.66 -43.44
C1C PUB JA . -4.65 -4.68 -44.08
C2C PUB JA . -3.73 -3.72 -44.69
C3C PUB JA . -2.47 -4.21 -44.41
C4C PUB JA . -2.62 -5.36 -43.66
CMC PUB JA . -1.17 -3.60 -44.83
CAC PUB JA . -4.12 -2.49 -45.45
CBC PUB JA . -4.09 -1.22 -44.60
CGC PUB JA . -4.51 0.03 -45.36
O1C PUB JA . -4.87 -0.09 -46.54
O2C PUB JA . -4.46 1.12 -44.76
ND PUB JA . -0.66 -6.96 -45.36
C1D PUB JA . -1.23 -7.39 -44.10
C2D PUB JA . -0.13 -8.29 -43.59
C3D PUB JA . 0.84 -8.37 -44.51
C4D PUB JA . 0.54 -7.50 -45.62
CMD PUB JA . -0.22 -8.97 -42.27
CBD PUB JA . 1.89 -10.59 -45.04
OD PUB JA . 1.23 -7.29 -46.62
NA PUB JA . -8.64 -9.75 -43.25
C1A PUB JA . -9.52 -10.75 -43.10
C2A PUB JA . -9.21 -11.43 -41.86
C3A PUB JA . -8.17 -10.80 -41.29
C4A PUB JA . -7.69 -9.66 -42.15
CMA PUB JA . -9.92 -12.61 -41.28
CBA PUB JA . -6.46 -12.21 -40.05
OA PUB JA . -10.43 -11.03 -43.89
CHA PUB JA . -7.87 -8.30 -41.44
CAA PUB JA . -7.53 -11.14 -39.96
CAD PUB JA . 2.09 -9.21 -44.43
NB PUB JA . -6.68 -6.51 -42.71
C1B PUB JA . -7.82 -7.15 -42.37
C2B PUB JA . -8.88 -6.55 -43.02
C3B PUB JA . -8.37 -5.49 -43.78
C4B PUB JA . -6.96 -5.46 -43.57
CHB PUB JA . -6.04 -4.61 -44.14
CMB PUB JA . -10.33 -6.92 -42.94
CAB PUB JA . -9.14 -4.56 -44.66
CBB PUB JA . -8.76 -4.62 -46.14
CGB PUB JA . -8.89 -6.01 -46.75
O1B PUB JA . -8.15 -6.91 -46.33
O2B PUB JA . -9.72 -6.17 -47.67
CHC PEB KA . 0.81 2.10 -23.35
NC PEB KA . 2.84 0.82 -23.85
C1C PEB KA . 3.98 0.36 -23.26
C2C PEB KA . 3.96 0.75 -21.93
C3C PEB KA . 2.77 1.48 -21.72
C4C PEB KA . 2.10 1.50 -22.95
CMC PEB KA . 2.31 2.12 -20.46
CAC PEB KA . 5.01 0.48 -20.90
CBC PEB KA . 4.68 -0.73 -20.02
CGC PEB KA . 4.81 -2.10 -20.70
O1C PEB KA . 3.84 -2.88 -20.64
O2C PEB KA . 5.91 -2.33 -21.27
ND PEB KA . -0.38 0.50 -21.92
C1D PEB KA . -0.30 1.05 -23.24
C2D PEB KA . -1.67 1.65 -23.43
C3D PEB KA . -2.35 1.58 -22.27
C4D PEB KA . -1.55 0.77 -21.30
CMD PEB KA . -2.01 2.33 -24.69
CAD PEB KA . -3.54 2.34 -21.94
CBD PEB KA . -4.42 2.09 -20.97
OD PEB KA . -1.85 0.43 -20.18
NA PEB KA . 5.89 -1.02 -30.36
C1A PEB KA . 6.05 -1.00 -31.70
C2A PEB KA . 4.77 -0.46 -32.28
C3A PEB KA . 3.89 -0.12 -31.07
C4A PEB KA . 4.68 -0.61 -29.88
CMA PEB KA . 5.09 0.72 -33.18
CBA PEB KA . 1.81 -0.65 -32.44
OA PEB KA . 7.05 -1.32 -32.29
CHA PEB KA . 4.15 -0.99 -28.69
CAA PEB KA . 2.48 -0.71 -31.08
NB PEB KA . 4.16 -0.50 -26.31
C1B PEB KA . 4.76 -1.02 -27.38
C2B PEB KA . 6.05 -1.65 -27.05
C3B PEB KA . 6.23 -1.45 -25.73
C4B PEB KA . 5.07 -0.73 -25.27
CHB PEB KA . 4.95 -0.39 -23.95
CMB PEB KA . 7.00 -2.36 -27.95
CAB PEB KA . 7.38 -1.88 -24.88
CBB PEB KA . 8.60 -0.95 -25.01
CGB PEB KA . 9.83 -1.40 -24.21
O1B PEB KA . 9.70 -1.57 -22.99
O2B PEB KA . 10.88 -1.56 -24.87
CHC PEB LA . 26.40 -10.34 23.46
NC PEB LA . 26.66 -9.51 25.77
C1C PEB LA . 25.92 -9.20 26.89
C2C PEB LA . 24.59 -9.44 26.57
C3C PEB LA . 24.55 -9.91 25.25
C4C PEB LA . 25.86 -9.94 24.78
CMC PEB LA . 23.33 -10.31 24.49
CAC PEB LA . 23.42 -9.24 27.47
CBC PEB LA . 23.10 -10.47 28.31
CGC PEB LA . 24.20 -10.92 29.28
O1C PEB LA . 24.27 -10.34 30.38
O2C PEB LA . 24.92 -11.86 28.89
ND PEB LA . 25.49 -12.62 23.80
C1D PEB LA . 26.62 -11.86 23.33
C2D PEB LA . 26.71 -12.31 21.90
C3D PEB LA . 25.75 -13.22 21.62
C4D PEB LA . 24.94 -13.42 22.86
CMD PEB LA . 27.75 -11.75 21.00
CAD PEB LA . 25.68 -14.05 20.44
CBD PEB LA . 24.87 -15.09 20.22
OD PEB LA . 23.99 -14.15 23.02
NA PEB LA . 32.82 -6.43 28.50
C1A PEB LA . 33.85 -5.60 28.24
C2A PEB LA . 33.76 -5.23 26.77
C3A PEB LA . 32.68 -6.16 26.21
C4A PEB LA . 32.00 -6.72 27.44
CMA PEB LA . 33.47 -3.75 26.62
CBA PEB LA . 34.24 -6.80 24.31
OA PEB LA . 34.68 -5.22 29.04
CHA PEB LA . 31.10 -7.72 27.45
CAA PEB LA . 33.19 -7.26 25.30
NB PEB LA . 28.78 -8.34 27.49
C1B PEB LA . 29.81 -7.80 28.10
C2B PEB LA . 29.46 -7.32 29.44
C3B PEB LA . 28.14 -7.61 29.59
C4B PEB LA . 27.72 -8.25 28.37
CHB PEB LA . 26.46 -8.71 28.10
CMB PEB LA . 30.36 -6.65 30.40
CAB PEB LA . 27.29 -7.33 30.79
CBB PEB LA . 26.56 -6.00 30.67
CGB PEB LA . 25.94 -5.49 31.98
O1B PEB LA . 26.12 -4.29 32.28
O2B PEB LA . 25.30 -6.33 32.64
CHC PEB MA . 46.52 -17.04 17.15
NC PEB MA . 48.75 -18.02 17.64
C1C PEB MA . 49.57 -18.31 18.70
C2C PEB MA . 48.92 -17.90 19.85
C3C PEB MA . 47.68 -17.36 19.46
C4C PEB MA . 47.61 -17.47 18.07
CMC PEB MA . 46.62 -16.78 20.34
CAC PEB MA . 49.51 -18.05 21.21
CBC PEB MA . 49.10 -19.39 21.84
CGC PEB MA . 49.44 -20.66 21.03
O1C PEB MA . 50.42 -21.33 21.37
O2C PEB MA . 48.67 -20.92 20.08
ND PEB MA . 46.09 -19.34 16.30
C1D PEB MA . 46.31 -17.96 15.93
C2D PEB MA . 45.05 -17.63 15.20
C3D PEB MA . 44.28 -18.73 15.08
C4D PEB MA . 44.93 -19.83 15.83
CMD PEB MA . 44.68 -16.21 15.00
CAD PEB MA . 42.96 -18.78 14.48
CBD PEB MA . 42.26 -19.87 14.17
OD PEB MA . 44.52 -20.96 16.00
NA PEB MA . 54.12 -15.34 15.00
C1A PEB MA . 54.16 -14.13 14.38
C2A PEB MA . 53.46 -14.28 13.04
C3A PEB MA . 52.99 -15.74 13.01
C4A PEB MA . 53.50 -16.35 14.29
CMA PEB MA . 52.35 -13.25 12.88
CBA PEB MA . 54.97 -16.59 11.68
OA PEB MA . 54.66 -13.13 14.84
CHA PEB MA . 53.33 -17.60 14.76
CAA PEB MA . 53.46 -16.51 11.77
NB PEB MA . 51.81 -18.27 16.51
C1B PEB MA . 53.02 -17.91 16.12
C2B PEB MA . 53.97 -17.90 17.22
C3B PEB MA . 53.26 -18.27 18.33
C4B PEB MA . 51.90 -18.50 17.87
CHB PEB MA . 50.85 -18.90 18.61
CMB PEB MA . 55.41 -17.54 17.10
CAB PEB MA . 53.74 -18.42 19.74
CBB PEB MA . 54.20 -17.11 20.37
CGB PEB MA . 53.11 -16.03 20.49
O1B PEB MA . 53.22 -15.01 19.77
O2B PEB MA . 52.20 -16.26 21.32
CHC PUB NA . 42.08 12.21 4.48
NC PUB NA . 42.75 10.23 3.17
C1C PUB NA . 43.32 9.98 1.94
C2C PUB NA . 43.53 11.23 1.23
C3C PUB NA . 43.07 12.21 2.08
C4C PUB NA . 42.63 11.59 3.23
CMC PUB NA . 43.06 13.68 1.81
CAC PUB NA . 44.15 11.38 -0.13
CBC PUB NA . 43.16 11.22 -1.28
CGC PUB NA . 43.77 11.43 -2.66
O1C PUB NA . 44.76 10.76 -2.98
O2C PUB NA . 43.24 12.28 -3.40
ND PUB NA . 44.10 13.56 5.11
C1D PUB NA . 43.16 12.54 5.52
C2D PUB NA . 42.54 13.17 6.74
C3D PUB NA . 43.16 14.34 6.99
C4D PUB NA . 44.11 14.63 5.94
CMD PUB NA . 41.46 12.52 7.52
CBD PUB NA . 43.79 14.95 9.35
OD PUB NA . 44.80 15.63 5.81
NA PUB NA . 44.70 4.44 5.37
C1A PUB NA . 44.84 3.22 5.91
C2A PUB NA . 43.77 3.05 6.88
C3A PUB NA . 43.08 4.20 6.95
C4A PUB NA . 43.52 5.14 5.85
CMA PUB NA . 43.49 1.84 7.72
CBA PUB NA . 41.95 6.03 8.31
OA PUB NA . 45.73 2.41 5.64
CHA PUB NA . 42.49 5.20 4.71
CAA PUB NA . 41.99 4.56 7.92
CAD PUB NA . 42.91 15.27 8.15
NB PUB NA . 42.92 7.19 3.25
C1B PUB NA . 43.04 5.86 3.50
C2B PUB NA . 43.74 5.27 2.47
C3B PUB NA . 44.07 6.26 1.56
C4B PUB NA . 43.53 7.48 2.05
CHB PUB NA . 43.65 8.74 1.46
CMB PUB NA . 44.09 3.82 2.32
CAB PUB NA . 44.82 6.09 0.26
CBB PUB NA . 46.11 6.90 0.16
CGB PUB NA . 47.13 6.63 1.25
O1B PUB NA . 46.84 6.98 2.42
O2B PUB NA . 48.20 6.09 0.94
CHC PEB OA . 21.62 9.89 -2.29
NC PEB OA . 21.41 11.56 -0.48
C1C PEB OA . 20.47 12.22 0.27
C2C PEB OA . 19.21 11.78 -0.18
C3C PEB OA . 19.44 10.84 -1.21
C4C PEB OA . 20.82 10.72 -1.36
CMC PEB OA . 18.39 10.10 -1.97
CAC PEB OA . 17.88 12.22 0.33
CBC PEB OA . 17.34 11.29 1.40
CGC PEB OA . 18.19 11.17 2.67
O1C PEB OA . 18.63 10.04 2.97
O2C PEB OA . 18.38 12.23 3.31
ND PEB OA . 20.75 7.84 -1.22
C1D PEB OA . 21.92 8.50 -1.70
C2D PEB OA . 22.45 7.53 -2.72
C3D PEB OA . 21.62 6.48 -2.83
C4D PEB OA . 20.51 6.66 -1.84
CMD PEB OA . 23.76 7.77 -3.39
CAD PEB OA . 21.62 5.49 -3.90
CBD PEB OA . 21.00 4.31 -3.90
OD PEB OA . 19.57 5.92 -1.62
NA PEB OA . 26.69 15.87 1.94
C1A PEB OA . 27.93 16.41 1.89
C2A PEB OA . 28.77 15.53 0.99
C3A PEB OA . 27.77 14.51 0.40
C4A PEB OA . 26.51 14.71 1.21
CMA PEB OA . 29.48 16.41 -0.02
CBA PEB OA . 29.66 12.85 -0.04
OA PEB OA . 28.27 17.42 2.45
CHA PEB OA . 25.54 13.80 1.45
CAA PEB OA . 28.24 13.05 0.44
NB PEB OA . 23.20 13.28 1.12
C1B PEB OA . 24.14 13.96 1.76
C2B PEB OA . 23.54 14.82 2.78
C3B PEB OA . 22.20 14.62 2.71
C4B PEB OA . 21.99 13.65 1.66
CHB PEB OA . 20.77 13.16 1.27
CMB PEB OA . 24.25 15.73 3.73
CAB PEB OA . 21.13 15.25 3.54
CBB PEB OA . 20.73 16.62 2.98
CGB PEB OA . 19.54 17.28 3.70
O1B PEB OA . 18.74 16.53 4.29
O2B PEB OA . 19.48 18.52 3.64
CHC PEB PA . 40.81 -15.37 -3.29
NC PEB PA . 42.73 -15.10 -4.80
C1C PEB PA . 43.56 -15.82 -5.61
C2C PEB PA . 43.16 -17.16 -5.55
C3C PEB PA . 42.07 -17.22 -4.68
C4C PEB PA . 41.83 -15.92 -4.23
CMC PEB PA . 41.31 -18.45 -4.29
CAC PEB PA . 43.78 -18.31 -6.28
CBC PEB PA . 44.79 -19.07 -5.43
CGC PEB PA . 45.84 -18.22 -4.71
O1C PEB PA . 46.90 -17.96 -5.31
O2C PEB PA . 45.55 -17.87 -3.54
ND PEB PA . 38.98 -16.24 -4.68
C1D PEB PA . 39.48 -15.09 -3.99
C2D PEB PA . 38.38 -14.81 -3.01
C3D PEB PA . 37.48 -15.81 -3.04
C4D PEB PA . 37.83 -16.71 -4.18
CMD PEB PA . 38.49 -13.66 -2.08
CAD PEB PA . 36.29 -15.90 -2.24
CBD PEB PA . 35.25 -16.74 -2.39
OD PEB PA . 37.22 -17.68 -4.59
NA PEB PA . 47.66 -9.82 -5.25
C1A PEB PA . 48.43 -8.70 -5.22
C2A PEB PA . 47.51 -7.51 -5.35
C3A PEB PA . 46.09 -8.10 -5.31
C4A PEB PA . 46.31 -9.59 -5.40
CMA PEB PA . 47.80 -6.49 -4.27
CBA PEB PA . 43.68 -7.56 -5.96
OA PEB PA . 49.64 -8.69 -5.10
CHA PEB PA . 45.38 -10.55 -5.50
CAA PEB PA . 45.15 -7.55 -6.38
NB PEB PA . 44.71 -12.90 -5.64
C1B PEB PA . 45.47 -11.88 -6.07
C2B PEB PA . 46.37 -12.29 -7.15
C3B PEB PA . 46.13 -13.60 -7.37
C4B PEB PA . 45.10 -13.98 -6.43
CHB PEB PA . 44.61 -15.26 -6.36
CMB PEB PA . 47.35 -11.44 -7.88
CAB PEB PA . 46.79 -14.47 -8.39
CBB PEB PA . 47.63 -15.61 -7.82
CGB PEB PA . 47.19 -17.02 -8.30
O1B PEB PA . 46.11 -17.10 -8.92
O2B PEB PA . 47.96 -17.96 -8.02
#